data_6P8V
#
_entry.id   6P8V
#
_cell.length_a   89.789
_cell.length_b   138.516
_cell.length_c   100.212
_cell.angle_alpha   90.00
_cell.angle_beta   98.18
_cell.angle_gamma   90.00
#
_symmetry.space_group_name_H-M   'P 1 21 1'
#
loop_
_entity.id
_entity.type
_entity.pdbx_description
1 polymer 'ATPase, AAA family'
2 polymer 'E. coli MS115-1 CdnC'
3 polymer 'E. coli MS115-1 HORMA'
4 non-polymer "ADENOSINE-5'-TRIPHOSPHATE"
5 non-polymer 'MAGNESIUM ION'
#
loop_
_entity_poly.entity_id
_entity_poly.type
_entity_poly.pdbx_seq_one_letter_code
_entity_poly.pdbx_strand_id
1 'polypeptide(L)'
;(MSE)NVKPSLDELFERRINFPDFEPQERLARLVGLDEHKDRLSKILGLLVNPYGIQEWAKKYHPDARAAVDTVLRRPPL
VVLAGDVGSGKTELAETIGDAVARQEDIDITLYPLSLATRGQGRVGE(MSE)TQLVSAAFDYTIEAADKLKNTNGKARGA
VLLLIDQADALAQSRENAQ(MSE)HHEDRAGVNAFIRGIDRIANQKLPAAVL(MSE)CTNRLKALDPAVQRRAAEILTFS
RPNDEQRHYLLHSKLTGLGLNSTAVEELVRLTGPRDPNSPGFTFSDITQRLIPSIILAAYPYNAVSVHSALQVVNK
(MSE)TPTPAFIDRQ
;
A,B,C,D,E,F
2 'polypeptide(L)'
;(MSE)STEHVDHKTIARFAEDKVNLPKVKADDFREQAKRLQNKLEGYLSDHPDFSLKR(MSE)IPSGSLAKGTALRSLND
IDVAVYISGSDAPQDLRGLLDYLADRLRKAFPNFSPDQVKPQTYSVTVSFRGSGLDVDIVPVLYSGLPDWRGHLISQEDG
SFLETSIPLHLDFIKARKRAAPKHFAQVVRLAKYWARL(MSE)KQERPNFRFKSF(MSE)IELILAKLLDNGVDFSNYPE
ALQAFFSYLVSTELRERIVFEDNYPASKIGTLSDLVQIIDPVNPVNNVARLYTQSNVDAIIDAA(MSE)DAGDAIDAAFY
APTKQLTVTYWQKVFGSSFQG
;
G
3 'polypeptide(L)'
;SNASSYSYTVAETQTFSVTHARH(MSE)AAKVATDLRR(MSE)QRFYGYPSDADIEAYEEELVVFLKAGYLGEVSYGFQK
NNNWIEPTLRYTAGDLLGSGTDDDPGKIRPGKDVSGASFYSF(MSE)TYSSKYLNATQSEKDTALKDLPFKRVGAQSPGI
NGYLENDKTYSAGGRSLTRTSVRNFV
;
H
#
# COMPACT_ATOMS: atom_id res chain seq x y z
N VAL A 3 33.68 1.80 -15.88
CA VAL A 3 34.88 2.54 -15.52
C VAL A 3 34.88 2.85 -14.02
N LYS A 4 36.03 2.64 -13.38
CA LYS A 4 36.13 2.87 -11.95
C LYS A 4 36.00 4.37 -11.65
N PRO A 5 35.23 4.76 -10.64
CA PRO A 5 35.20 6.17 -10.25
C PRO A 5 36.55 6.59 -9.68
N SER A 6 36.83 7.89 -9.81
CA SER A 6 38.08 8.42 -9.29
C SER A 6 38.12 8.28 -7.77
N LEU A 7 39.33 8.32 -7.22
CA LEU A 7 39.49 8.26 -5.76
C LEU A 7 38.84 9.48 -5.11
N ASP A 8 39.19 10.69 -5.58
CA ASP A 8 38.61 11.89 -5.02
C ASP A 8 37.11 11.98 -5.24
N GLU A 9 36.56 11.23 -6.20
CA GLU A 9 35.12 11.20 -6.38
C GLU A 9 34.42 10.66 -5.14
N LEU A 10 35.08 9.79 -4.39
CA LEU A 10 34.46 9.10 -3.28
C LEU A 10 35.00 9.50 -1.90
N PHE A 11 36.24 9.97 -1.81
CA PHE A 11 36.96 9.94 -0.53
C PHE A 11 37.41 11.31 -0.06
N GLU A 12 36.89 12.38 -0.67
CA GLU A 12 37.10 13.73 -0.16
C GLU A 12 38.59 14.01 -0.01
N ARG A 13 39.03 14.52 1.12
CA ARG A 13 40.42 14.87 1.34
C ARG A 13 41.03 13.93 2.36
N ARG A 14 42.09 13.22 1.99
CA ARG A 14 42.66 12.23 2.89
C ARG A 14 43.60 12.88 3.90
N ILE A 15 43.61 12.35 5.12
CA ILE A 15 44.39 12.92 6.21
C ILE A 15 45.39 11.90 6.70
N ASN A 16 46.56 12.37 7.11
CA ASN A 16 47.64 11.50 7.58
C ASN A 16 48.00 11.85 9.02
N PHE A 17 48.36 10.82 9.79
CA PHE A 17 48.78 10.94 11.17
C PHE A 17 50.11 10.21 11.33
N PRO A 18 51.00 10.68 12.22
CA PRO A 18 50.84 11.78 13.18
C PRO A 18 50.97 13.17 12.57
N ASP A 19 50.13 14.09 13.04
CA ASP A 19 50.16 15.47 12.57
C ASP A 19 49.89 16.39 13.76
N PHE A 20 50.34 17.64 13.64
CA PHE A 20 50.28 18.56 14.78
C PHE A 20 48.86 19.03 15.04
N GLU A 21 48.17 19.49 14.00
CA GLU A 21 46.75 19.87 14.13
C GLU A 21 45.89 18.81 14.81
N PRO A 22 45.95 17.51 14.45
CA PRO A 22 45.06 16.56 15.13
C PRO A 22 45.31 16.43 16.63
N GLN A 23 46.56 16.27 17.08
CA GLN A 23 46.78 16.05 18.50
C GLN A 23 46.38 17.27 19.32
N GLU A 24 46.46 18.47 18.76
CA GLU A 24 46.00 19.65 19.47
C GLU A 24 44.48 19.73 19.48
N ARG A 25 43.82 19.32 18.40
CA ARG A 25 42.37 19.27 18.40
C ARG A 25 41.86 18.23 19.38
N LEU A 26 42.54 17.08 19.47
CA LEU A 26 42.15 16.06 20.44
C LEU A 26 42.35 16.57 21.86
N ALA A 27 43.41 17.34 22.11
CA ALA A 27 43.66 17.88 23.43
C ALA A 27 42.56 18.85 23.86
N ARG A 28 41.95 19.57 22.91
CA ARG A 28 40.95 20.57 23.26
C ARG A 28 39.64 19.96 23.71
N LEU A 29 39.40 18.68 23.41
CA LEU A 29 38.17 18.03 23.84
C LEU A 29 38.14 17.91 25.36
N VAL A 30 36.94 18.06 25.93
CA VAL A 30 36.75 18.08 27.38
C VAL A 30 35.62 17.12 27.73
N GLY A 31 35.89 16.23 28.69
CA GLY A 31 34.87 15.30 29.13
C GLY A 31 34.72 14.05 28.30
N LEU A 32 35.50 13.89 27.24
CA LEU A 32 35.47 12.69 26.41
C LEU A 32 36.62 11.74 26.74
N ASP A 33 37.23 11.87 27.92
CA ASP A 33 38.41 11.07 28.24
C ASP A 33 38.07 9.58 28.27
N GLU A 34 36.89 9.24 28.78
CA GLU A 34 36.45 7.85 28.76
C GLU A 34 36.21 7.36 27.34
N HIS A 35 35.61 8.21 26.49
CA HIS A 35 35.40 7.86 25.09
C HIS A 35 36.72 7.71 24.36
N LYS A 36 37.67 8.62 24.62
CA LYS A 36 38.97 8.56 23.95
C LYS A 36 39.67 7.22 24.23
N ASP A 37 39.71 6.81 25.50
CA ASP A 37 40.47 5.61 25.86
C ASP A 37 39.90 4.37 25.19
N ARG A 38 38.59 4.17 25.27
CA ARG A 38 37.98 3.01 24.63
C ARG A 38 38.17 3.04 23.13
N LEU A 39 37.96 4.20 22.50
CA LEU A 39 38.12 4.30 21.06
C LEU A 39 39.58 4.12 20.66
N SER A 40 40.51 4.65 21.45
CA SER A 40 41.92 4.47 21.13
C SER A 40 42.36 3.03 21.33
N LYS A 41 41.78 2.35 22.33
CA LYS A 41 42.12 0.95 22.57
C LYS A 41 41.55 0.06 21.47
N ILE A 42 40.28 0.26 21.13
CA ILE A 42 39.63 -0.55 20.10
C ILE A 42 40.35 -0.40 18.77
N LEU A 43 40.58 0.85 18.34
CA LEU A 43 41.26 1.09 17.07
C LEU A 43 42.66 0.49 17.08
N GLY A 44 43.40 0.69 18.18
CA GLY A 44 44.73 0.12 18.27
C GLY A 44 44.74 -1.38 18.14
N LEU A 45 43.75 -2.05 18.75
CA LEU A 45 43.62 -3.50 18.61
C LEU A 45 43.20 -3.88 17.19
N LEU A 46 42.39 -3.05 16.55
CA LEU A 46 41.95 -3.35 15.18
C LEU A 46 43.09 -3.18 14.19
N VAL A 47 43.99 -2.24 14.44
CA VAL A 47 45.12 -2.05 13.53
C VAL A 47 46.29 -2.94 13.96
N ASN A 48 46.45 -3.16 15.26
CA ASN A 48 47.56 -3.97 15.79
C ASN A 48 47.00 -4.93 16.82
N PRO A 49 46.90 -6.24 16.50
CA PRO A 49 46.40 -7.20 17.49
C PRO A 49 47.49 -7.82 18.36
N TYR A 50 48.77 -7.53 18.08
CA TYR A 50 49.85 -8.14 18.84
C TYR A 50 49.90 -7.60 20.27
N GLY A 51 49.36 -6.41 20.50
CA GLY A 51 49.53 -5.76 21.79
C GLY A 51 48.78 -6.45 22.91
N ILE A 52 47.58 -6.96 22.62
CA ILE A 52 46.79 -7.60 23.65
C ILE A 52 47.43 -8.92 24.07
N GLN A 53 48.12 -9.60 23.15
CA GLN A 53 48.85 -10.81 23.51
C GLN A 53 49.93 -10.51 24.55
N GLU A 54 50.65 -9.40 24.36
CA GLU A 54 51.63 -8.99 25.36
C GLU A 54 50.96 -8.68 26.69
N TRP A 55 49.79 -8.03 26.65
CA TRP A 55 49.07 -7.75 27.87
C TRP A 55 48.64 -9.03 28.57
N ALA A 56 48.18 -10.01 27.80
CA ALA A 56 47.72 -11.27 28.40
C ALA A 56 48.86 -11.95 29.16
N LYS A 57 50.05 -12.01 28.57
CA LYS A 57 51.16 -12.71 29.21
C LYS A 57 51.52 -12.07 30.56
N LYS A 58 51.41 -10.74 30.64
CA LYS A 58 51.79 -10.06 31.88
C LYS A 58 50.85 -10.40 33.03
N TYR A 59 49.57 -10.58 32.75
CA TYR A 59 48.60 -10.71 33.83
C TYR A 59 47.75 -11.97 33.75
N HIS A 60 47.28 -12.35 32.55
CA HIS A 60 46.34 -13.46 32.41
C HIS A 60 46.73 -14.31 31.20
N PRO A 61 47.87 -15.01 31.27
CA PRO A 61 48.33 -15.74 30.08
C PRO A 61 47.46 -16.93 29.74
N ASP A 62 46.72 -17.47 30.72
CA ASP A 62 45.95 -18.67 30.48
C ASP A 62 44.70 -18.37 29.64
N ALA A 63 44.16 -17.15 29.79
CA ALA A 63 42.82 -16.85 29.32
C ALA A 63 42.85 -16.49 27.83
N ARG A 64 43.07 -17.52 27.00
CA ARG A 64 43.05 -17.34 25.57
C ARG A 64 41.64 -17.00 25.08
N ALA A 65 40.63 -17.71 25.59
CA ALA A 65 39.28 -17.55 25.05
C ALA A 65 38.74 -16.16 25.33
N ALA A 66 39.05 -15.62 26.51
CA ALA A 66 38.60 -14.27 26.84
C ALA A 66 39.12 -13.26 25.82
N VAL A 67 40.43 -13.33 25.52
CA VAL A 67 41.04 -12.39 24.58
C VAL A 67 40.42 -12.51 23.21
N ASP A 68 40.02 -13.72 22.81
CA ASP A 68 39.48 -13.92 21.46
C ASP A 68 38.15 -13.21 21.26
N THR A 69 37.33 -13.08 22.31
CA THR A 69 36.08 -12.34 22.17
C THR A 69 36.33 -10.90 21.75
N VAL A 70 37.39 -10.30 22.29
CA VAL A 70 37.74 -8.94 21.91
C VAL A 70 38.29 -8.90 20.48
N LEU A 71 39.30 -9.74 20.20
CA LEU A 71 40.01 -9.63 18.94
C LEU A 71 39.10 -9.96 17.76
N ARG A 72 38.17 -10.89 17.94
CA ARG A 72 37.37 -11.37 16.82
C ARG A 72 36.15 -10.48 16.53
N ARG A 73 35.96 -9.40 17.27
CA ARG A 73 34.85 -8.50 16.99
C ARG A 73 35.04 -7.83 15.63
N PRO A 74 33.95 -7.46 14.96
CA PRO A 74 34.08 -6.77 13.66
C PRO A 74 34.76 -5.43 13.83
N PRO A 75 35.39 -4.91 12.77
CA PRO A 75 36.12 -3.63 12.84
C PRO A 75 35.23 -2.42 12.56
N LEU A 76 34.12 -2.31 13.28
CA LEU A 76 33.16 -1.22 13.10
C LEU A 76 32.83 -0.61 14.45
N VAL A 77 32.99 0.71 14.56
CA VAL A 77 32.63 1.48 15.75
C VAL A 77 31.75 2.64 15.33
N VAL A 78 30.61 2.79 15.98
CA VAL A 78 29.63 3.83 15.68
C VAL A 78 29.62 4.84 16.82
N LEU A 79 29.81 6.12 16.48
CA LEU A 79 29.68 7.21 17.43
C LEU A 79 28.35 7.89 17.20
N ALA A 80 27.46 7.82 18.19
CA ALA A 80 26.13 8.39 18.07
C ALA A 80 25.79 9.18 19.33
N GLY A 81 24.85 10.10 19.19
CA GLY A 81 24.38 10.83 20.36
C GLY A 81 23.73 12.15 19.98
N ASP A 82 23.83 13.10 20.89
CA ASP A 82 23.20 14.41 20.69
C ASP A 82 24.00 15.22 19.66
N VAL A 83 23.35 16.27 19.16
CA VAL A 83 24.02 17.18 18.22
C VAL A 83 25.05 18.01 18.98
N GLY A 84 26.13 18.35 18.29
CA GLY A 84 27.17 19.19 18.89
C GLY A 84 27.84 18.60 20.10
N SER A 85 28.06 17.29 20.11
CA SER A 85 28.59 16.60 21.27
C SER A 85 30.04 16.14 21.10
N GLY A 86 30.67 16.44 19.96
CA GLY A 86 32.02 16.00 19.73
C GLY A 86 32.17 14.66 19.06
N LYS A 87 31.11 14.15 18.41
CA LYS A 87 31.24 12.91 17.66
C LYS A 87 32.15 13.09 16.46
N THR A 88 31.87 14.09 15.63
CA THR A 88 32.65 14.31 14.42
C THR A 88 34.07 14.77 14.76
N GLU A 89 34.22 15.56 15.83
CA GLU A 89 35.54 16.04 16.19
C GLU A 89 36.44 14.91 16.68
N LEU A 90 35.90 14.06 17.57
CA LEU A 90 36.70 12.98 18.12
C LEU A 90 37.15 12.00 17.04
N ALA A 91 36.25 11.64 16.13
CA ALA A 91 36.57 10.63 15.13
C ALA A 91 37.64 11.10 14.15
N GLU A 92 37.65 12.40 13.80
CA GLU A 92 38.60 12.87 12.82
C GLU A 92 40.02 12.94 13.38
N THR A 93 40.15 13.15 14.69
CA THR A 93 41.46 13.35 15.31
C THR A 93 41.92 12.17 16.16
N ILE A 94 41.06 11.17 16.39
CA ILE A 94 41.46 10.04 17.21
C ILE A 94 42.53 9.20 16.51
N GLY A 95 42.63 9.27 15.18
CA GLY A 95 43.66 8.53 14.48
C GLY A 95 45.06 8.95 14.90
N ASP A 96 45.22 10.23 15.25
CA ASP A 96 46.53 10.72 15.66
C ASP A 96 46.97 10.06 16.96
N ALA A 97 46.06 9.96 17.93
CA ALA A 97 46.40 9.30 19.20
C ALA A 97 46.69 7.83 19.00
N VAL A 98 46.10 7.19 17.98
CA VAL A 98 46.43 5.81 17.67
C VAL A 98 47.75 5.75 16.89
N ALA A 99 48.02 6.74 16.04
CA ALA A 99 49.27 6.76 15.30
C ALA A 99 50.47 6.89 16.24
N ARG A 100 50.33 7.71 17.29
CA ARG A 100 51.46 7.98 18.18
C ARG A 100 51.67 6.86 19.19
N GLN A 101 50.59 6.23 19.66
CA GLN A 101 50.74 5.15 20.62
C GLN A 101 51.36 3.91 19.99
N GLU A 102 50.94 3.57 18.78
CA GLU A 102 51.48 2.42 18.06
C GLU A 102 52.65 2.77 17.16
N ASP A 103 53.03 4.05 17.09
CA ASP A 103 54.25 4.50 16.41
C ASP A 103 54.23 4.12 14.93
N ILE A 104 53.03 4.13 14.34
CA ILE A 104 52.86 3.91 12.91
C ILE A 104 52.08 5.09 12.37
N ASP A 105 52.26 5.37 11.09
CA ASP A 105 51.47 6.42 10.46
C ASP A 105 50.14 5.84 9.97
N ILE A 106 49.10 6.67 10.05
CA ILE A 106 47.74 6.27 9.75
C ILE A 106 47.18 7.24 8.72
N THR A 107 46.36 6.72 7.81
CA THR A 107 45.68 7.51 6.81
C THR A 107 44.17 7.39 7.00
N LEU A 108 43.47 8.52 6.96
CA LEU A 108 42.03 8.59 7.19
C LEU A 108 41.31 8.85 5.87
N TYR A 109 40.36 7.98 5.53
CA TYR A 109 39.59 8.13 4.30
C TYR A 109 38.18 8.58 4.64
N PRO A 110 37.83 9.85 4.41
CA PRO A 110 36.45 10.29 4.69
C PRO A 110 35.52 10.05 3.51
N LEU A 111 34.40 9.38 3.74
CA LEU A 111 33.49 9.06 2.64
C LEU A 111 32.60 10.27 2.32
N SER A 112 32.44 10.54 1.03
CA SER A 112 31.63 11.66 0.56
C SER A 112 30.18 11.23 0.32
N LEU A 113 29.31 12.22 0.13
CA LEU A 113 27.94 11.97 -0.27
C LEU A 113 27.80 11.64 -1.75
N ALA A 114 28.92 11.59 -2.48
CA ALA A 114 28.87 11.22 -3.89
C ALA A 114 28.57 9.74 -4.10
N THR A 115 28.60 8.92 -3.04
CA THR A 115 28.23 7.53 -3.19
C THR A 115 26.78 7.37 -3.59
N ARG A 116 25.93 8.36 -3.29
CA ARG A 116 24.53 8.31 -3.71
C ARG A 116 24.42 8.41 -5.22
N GLY A 117 25.22 9.26 -5.84
CA GLY A 117 25.40 9.23 -7.28
C GLY A 117 24.33 9.96 -8.07
N GLN A 118 24.23 9.58 -9.34
CA GLN A 118 23.35 10.22 -10.30
C GLN A 118 22.04 9.48 -10.51
N GLY A 119 21.83 8.36 -9.82
CA GLY A 119 20.55 7.69 -9.92
C GLY A 119 20.43 6.66 -11.01
N ARG A 120 21.51 6.33 -11.70
CA ARG A 120 21.48 5.19 -12.61
C ARG A 120 21.34 3.92 -11.79
N VAL A 121 20.58 2.95 -12.31
CA VAL A 121 20.41 1.71 -11.58
C VAL A 121 21.76 1.01 -11.47
N GLY A 122 22.03 0.44 -10.30
CA GLY A 122 23.30 -0.19 -10.04
C GLY A 122 24.43 0.76 -9.73
N GLU A 123 24.21 2.08 -9.78
CA GLU A 123 25.30 3.01 -9.52
C GLU A 123 25.65 3.05 -8.04
N THR A 125 25.26 0.72 -5.69
CA THR A 125 26.00 -0.48 -5.35
C THR A 125 27.46 -0.38 -5.77
N GLN A 126 27.72 0.16 -6.96
CA GLN A 126 29.08 0.20 -7.48
C GLN A 126 29.90 1.29 -6.80
N LEU A 127 29.29 2.45 -6.53
CA LEU A 127 30.02 3.54 -5.87
C LEU A 127 30.42 3.15 -4.45
N VAL A 128 29.50 2.52 -3.70
CA VAL A 128 29.81 2.14 -2.33
C VAL A 128 30.79 0.96 -2.33
N SER A 129 30.64 0.01 -3.26
CA SER A 129 31.58 -1.10 -3.34
C SER A 129 32.99 -0.60 -3.65
N ALA A 130 33.10 0.33 -4.61
CA ALA A 130 34.39 0.87 -4.98
C ALA A 130 35.04 1.59 -3.80
N ALA A 131 34.23 2.22 -2.95
CA ALA A 131 34.75 2.87 -1.76
C ALA A 131 35.44 1.85 -0.85
N PHE A 132 34.76 0.75 -0.53
CA PHE A 132 35.37 -0.29 0.28
C PHE A 132 36.55 -0.96 -0.44
N ASP A 133 36.49 -1.03 -1.77
CA ASP A 133 37.60 -1.62 -2.52
C ASP A 133 38.89 -0.83 -2.32
N TYR A 134 38.82 0.50 -2.52
CA TYR A 134 39.98 1.35 -2.32
C TYR A 134 40.51 1.24 -0.89
N THR A 135 39.62 1.23 0.10
CA THR A 135 40.05 1.12 1.49
C THR A 135 40.75 -0.20 1.74
N ILE A 136 40.25 -1.29 1.15
CA ILE A 136 40.88 -2.60 1.31
C ILE A 136 42.21 -2.64 0.56
N GLU A 137 42.23 -2.15 -0.68
CA GLU A 137 43.46 -2.03 -1.47
C GLU A 137 44.60 -1.45 -0.64
N ALA A 138 44.37 -0.25 -0.08
CA ALA A 138 45.42 0.41 0.69
C ALA A 138 45.80 -0.40 1.92
N ALA A 139 44.83 -1.06 2.55
CA ALA A 139 45.11 -1.84 3.75
C ALA A 139 45.81 -3.14 3.40
N ASP A 140 45.46 -3.76 2.28
CA ASP A 140 46.08 -5.04 1.91
C ASP A 140 47.57 -4.88 1.66
N LYS A 141 47.99 -3.73 1.14
CA LYS A 141 49.42 -3.51 0.88
C LYS A 141 50.19 -3.31 2.18
N LEU A 142 49.53 -2.81 3.22
CA LEU A 142 50.18 -2.61 4.50
C LEU A 142 50.37 -3.95 5.20
N ARG A 150 52.22 -2.16 9.93
CA ARG A 150 53.02 -1.20 9.16
C ARG A 150 52.34 0.15 9.10
N GLY A 151 51.14 0.18 8.50
CA GLY A 151 50.30 1.36 8.51
C GLY A 151 48.88 0.99 8.90
N ALA A 152 48.03 2.01 8.94
CA ALA A 152 46.65 1.85 9.32
C ALA A 152 45.77 2.67 8.39
N VAL A 153 44.62 2.10 8.03
CA VAL A 153 43.64 2.75 7.18
C VAL A 153 42.34 2.87 7.97
N LEU A 154 41.85 4.10 8.15
CA LEU A 154 40.61 4.35 8.84
C LEU A 154 39.56 4.81 7.82
N LEU A 155 38.43 4.12 7.78
CA LEU A 155 37.30 4.52 6.94
C LEU A 155 36.29 5.26 7.81
N LEU A 156 36.06 6.53 7.49
CA LEU A 156 35.19 7.39 8.28
C LEU A 156 33.96 7.77 7.46
N ILE A 157 32.78 7.62 8.07
CA ILE A 157 31.52 8.04 7.47
C ILE A 157 30.97 9.14 8.36
N ASP A 158 30.98 10.37 7.85
CA ASP A 158 30.63 11.52 8.68
C ASP A 158 29.15 11.58 9.00
N GLN A 159 28.30 11.05 8.10
CA GLN A 159 26.84 11.11 8.29
C GLN A 159 26.28 9.74 7.90
N ALA A 160 26.37 8.78 8.83
CA ALA A 160 26.02 7.41 8.52
C ALA A 160 24.52 7.25 8.30
N ASP A 161 23.69 8.04 8.97
CA ASP A 161 22.25 7.88 8.87
C ASP A 161 21.73 8.14 7.45
N ALA A 162 22.49 8.89 6.64
CA ALA A 162 22.06 9.10 5.26
C ALA A 162 22.53 7.99 4.34
N LEU A 163 23.68 7.39 4.63
CA LEU A 163 24.28 6.42 3.71
C LEU A 163 23.79 4.99 3.94
N ALA A 164 23.39 4.66 5.17
CA ALA A 164 22.96 3.30 5.48
C ALA A 164 21.72 3.35 6.37
N GLN A 165 20.69 4.05 5.91
CA GLN A 165 19.43 4.08 6.62
C GLN A 165 18.80 2.68 6.61
N SER A 166 17.88 2.46 7.55
CA SER A 166 17.23 1.16 7.68
C SER A 166 16.49 0.80 6.40
N ARG A 167 16.66 -0.44 5.95
CA ARG A 167 16.00 -0.90 4.74
C ARG A 167 14.53 -1.23 4.96
N GLU A 168 14.10 -1.37 6.22
CA GLU A 168 12.70 -1.65 6.49
C GLU A 168 11.83 -0.47 6.06
N ASN A 169 12.37 0.75 6.17
CA ASN A 169 11.60 1.95 5.92
C ASN A 169 11.07 1.96 4.48
N ALA A 170 9.84 2.45 4.33
CA ALA A 170 9.13 2.27 3.07
C ALA A 170 9.48 3.37 2.07
N GLN A 171 9.75 4.58 2.54
CA GLN A 171 9.98 5.73 1.66
C GLN A 171 11.46 5.83 1.28
N HIS A 173 14.15 4.25 -2.24
CA HIS A 173 14.22 3.53 -3.51
C HIS A 173 14.87 2.17 -3.32
N HIS A 174 14.77 1.33 -4.36
CA HIS A 174 15.51 0.09 -4.37
C HIS A 174 17.01 0.33 -4.55
N GLU A 175 17.38 1.34 -5.34
CA GLU A 175 18.78 1.75 -5.40
C GLU A 175 19.27 2.19 -4.02
N ASP A 176 18.42 2.86 -3.26
CA ASP A 176 18.79 3.29 -1.91
C ASP A 176 19.09 2.09 -1.01
N ARG A 177 18.18 1.12 -0.99
CA ARG A 177 18.40 -0.07 -0.17
C ARG A 177 19.63 -0.85 -0.63
N ALA A 178 19.89 -0.86 -1.94
CA ALA A 178 21.05 -1.57 -2.46
C ALA A 178 22.35 -0.96 -1.95
N GLY A 179 22.42 0.36 -1.88
CA GLY A 179 23.59 1.00 -1.32
C GLY A 179 23.80 0.64 0.14
N VAL A 180 22.71 0.44 0.88
CA VAL A 180 22.82 -0.05 2.25
C VAL A 180 23.33 -1.49 2.25
N ASN A 181 22.89 -2.29 1.28
CA ASN A 181 23.35 -3.67 1.18
C ASN A 181 24.83 -3.75 0.83
N ALA A 182 25.28 -2.95 -0.15
CA ALA A 182 26.70 -2.87 -0.44
C ALA A 182 27.50 -2.42 0.77
N PHE A 183 26.89 -1.60 1.61
CA PHE A 183 27.57 -1.11 2.81
C PHE A 183 27.76 -2.24 3.82
N ILE A 184 26.76 -3.10 3.98
CA ILE A 184 26.91 -4.27 4.85
C ILE A 184 28.03 -5.16 4.36
N ARG A 185 28.11 -5.37 3.04
CA ARG A 185 29.06 -6.33 2.50
C ARG A 185 30.50 -5.85 2.65
N GLY A 186 30.73 -4.55 2.61
CA GLY A 186 32.09 -4.06 2.80
C GLY A 186 32.59 -4.26 4.21
N ILE A 187 31.71 -4.08 5.20
CA ILE A 187 32.11 -4.27 6.59
C ILE A 187 32.49 -5.73 6.84
N ASP A 188 31.66 -6.67 6.38
CA ASP A 188 32.02 -8.08 6.46
C ASP A 188 33.29 -8.37 5.69
N ARG A 189 33.42 -7.81 4.49
CA ARG A 189 34.56 -8.06 3.64
C ARG A 189 35.87 -7.59 4.27
N ILE A 190 35.84 -6.47 5.00
CA ILE A 190 37.00 -6.06 5.79
C ILE A 190 37.22 -7.02 6.94
N ALA A 191 36.12 -7.54 7.52
CA ALA A 191 36.25 -8.35 8.72
C ALA A 191 36.90 -9.70 8.44
N ASN A 192 36.54 -10.35 7.33
CA ASN A 192 37.12 -11.66 7.01
C ASN A 192 38.64 -11.58 6.93
N GLN A 193 39.15 -10.58 6.21
CA GLN A 193 40.58 -10.43 6.03
C GLN A 193 41.23 -9.82 7.27
N LYS A 194 42.53 -10.05 7.42
CA LYS A 194 43.29 -9.60 8.57
C LYS A 194 43.82 -8.18 8.41
N LEU A 195 43.22 -7.39 7.52
CA LEU A 195 43.80 -6.11 7.16
C LEU A 195 43.77 -5.14 8.34
N PRO A 196 44.80 -4.28 8.47
CA PRO A 196 44.79 -3.25 9.53
C PRO A 196 43.89 -2.08 9.17
N ALA A 197 42.59 -2.32 9.22
CA ALA A 197 41.60 -1.32 8.84
C ALA A 197 40.48 -1.29 9.86
N ALA A 198 39.89 -0.11 10.01
CA ALA A 198 38.77 0.09 10.92
C ALA A 198 37.80 1.08 10.31
N VAL A 199 36.51 0.89 10.61
CA VAL A 199 35.45 1.72 10.06
C VAL A 199 34.80 2.48 11.21
N LEU A 200 34.80 3.81 11.11
CA LEU A 200 34.11 4.68 12.06
C LEU A 200 32.98 5.39 11.34
N CYS A 202 29.60 8.20 12.20
CA CYS A 202 28.95 9.11 13.12
C CYS A 202 27.53 9.40 12.66
N THR A 203 26.57 9.24 13.56
CA THR A 203 25.18 9.54 13.26
C THR A 203 24.56 10.32 14.41
N ASN A 204 23.78 11.35 14.07
CA ASN A 204 22.95 11.99 15.08
C ASN A 204 21.86 11.05 15.57
N ARG A 205 21.30 10.24 14.67
CA ARG A 205 20.17 9.38 14.98
C ARG A 205 20.62 7.93 14.90
N LEU A 206 20.70 7.28 16.07
CA LEU A 206 21.07 5.87 16.09
C LEU A 206 19.93 4.98 15.61
N LYS A 207 18.70 5.39 15.87
CA LYS A 207 17.55 4.60 15.44
C LYS A 207 17.36 4.63 13.93
N ALA A 208 18.00 5.57 13.25
CA ALA A 208 17.86 5.62 11.80
C ALA A 208 18.70 4.55 11.12
N LEU A 209 19.76 4.08 11.78
CA LEU A 209 20.64 3.09 11.20
C LEU A 209 19.94 1.75 11.05
N ASP A 210 20.38 0.99 10.06
CA ASP A 210 19.82 -0.34 9.82
C ASP A 210 20.18 -1.26 10.97
N PRO A 211 19.27 -2.15 11.39
CA PRO A 211 19.63 -3.10 12.46
C PRO A 211 20.83 -3.97 12.14
N ALA A 212 21.00 -4.37 10.87
CA ALA A 212 22.14 -5.20 10.51
C ALA A 212 23.46 -4.47 10.75
N VAL A 213 23.51 -3.18 10.45
CA VAL A 213 24.69 -2.38 10.78
C VAL A 213 24.88 -2.34 12.29
N GLN A 214 23.81 -2.11 13.05
CA GLN A 214 23.94 -1.89 14.48
C GLN A 214 24.50 -3.11 15.18
N ARG A 215 24.09 -4.31 14.76
CA ARG A 215 24.63 -5.51 15.39
C ARG A 215 26.08 -5.73 14.98
N ARG A 216 26.49 -5.22 13.81
CA ARG A 216 27.83 -5.48 13.31
C ARG A 216 28.87 -4.64 14.03
N ALA A 217 28.49 -3.47 14.53
CA ALA A 217 29.44 -2.59 15.19
C ALA A 217 30.03 -3.27 16.42
N ALA A 218 31.36 -3.24 16.52
CA ALA A 218 32.02 -3.82 17.68
C ALA A 218 31.59 -3.11 18.95
N GLU A 219 31.36 -1.81 18.86
CA GLU A 219 31.03 -1.01 20.02
C GLU A 219 30.26 0.21 19.56
N ILE A 220 29.34 0.67 20.41
CA ILE A 220 28.59 1.89 20.16
C ILE A 220 28.86 2.85 21.32
N LEU A 221 29.44 4.01 20.99
CA LEU A 221 29.76 5.03 21.97
C LEU A 221 28.72 6.14 21.88
N THR A 222 28.10 6.47 23.00
CA THR A 222 27.06 7.50 23.04
C THR A 222 27.65 8.83 23.51
N PHE A 223 27.30 9.89 22.79
CA PHE A 223 27.72 11.25 23.13
C PHE A 223 26.52 12.05 23.58
N SER A 224 26.63 12.67 24.76
CA SER A 224 25.51 13.39 25.34
C SER A 224 25.94 14.81 25.69
N ARG A 225 25.00 15.57 26.24
CA ARG A 225 25.25 16.94 26.64
C ARG A 225 26.01 16.97 27.96
N PRO A 226 26.88 17.95 28.17
CA PRO A 226 27.78 17.92 29.33
C PRO A 226 27.06 18.12 30.65
N ASN A 227 27.60 17.48 31.69
CA ASN A 227 27.05 17.53 33.04
C ASN A 227 27.63 18.74 33.80
N ASP A 228 27.34 18.82 35.09
CA ASP A 228 27.85 19.93 35.90
C ASP A 228 29.37 19.99 35.87
N GLU A 229 30.02 18.84 36.11
CA GLU A 229 31.48 18.82 36.13
C GLU A 229 32.06 19.12 34.75
N GLN A 230 31.47 18.55 33.69
CA GLN A 230 31.99 18.75 32.34
C GLN A 230 31.89 20.21 31.91
N ARG A 231 30.71 20.82 32.08
CA ARG A 231 30.54 22.23 31.71
C ARG A 231 31.50 23.12 32.47
N HIS A 232 31.71 22.83 33.75
CA HIS A 232 32.61 23.65 34.56
C HIS A 232 34.03 23.59 34.01
N TYR A 233 34.53 22.37 33.79
CA TYR A 233 35.88 22.21 33.24
C TYR A 233 36.01 22.90 31.89
N LEU A 234 35.00 22.72 31.03
CA LEU A 234 35.02 23.36 29.73
C LEU A 234 35.04 24.88 29.86
N LEU A 235 34.15 25.44 30.68
CA LEU A 235 34.01 26.90 30.75
C LEU A 235 35.29 27.55 31.24
N HIS A 236 35.99 26.92 32.18
CA HIS A 236 37.24 27.50 32.68
C HIS A 236 38.29 27.59 31.58
N SER A 237 38.51 26.48 30.87
CA SER A 237 39.54 26.46 29.83
C SER A 237 39.22 27.46 28.73
N LYS A 238 37.93 27.60 28.37
CA LYS A 238 37.54 28.45 27.27
C LYS A 238 37.45 29.92 27.67
N LEU A 239 36.94 30.19 28.87
CA LEU A 239 36.83 31.56 29.35
C LEU A 239 38.14 32.11 29.91
N THR A 240 39.22 31.34 29.84
CA THR A 240 40.50 31.79 30.38
C THR A 240 40.85 33.16 29.83
N GLY A 241 41.47 33.99 30.67
CA GLY A 241 41.92 35.31 30.28
C GLY A 241 40.85 36.31 29.92
N LEU A 242 39.59 36.03 30.19
CA LEU A 242 38.52 36.99 29.96
C LEU A 242 38.17 37.78 31.23
N GLY A 243 38.98 37.63 32.28
CA GLY A 243 38.75 38.37 33.51
C GLY A 243 37.47 38.00 34.22
N LEU A 244 37.01 36.77 34.06
CA LEU A 244 35.80 36.28 34.71
C LEU A 244 36.20 35.50 35.96
N ASN A 245 35.66 35.92 37.11
CA ASN A 245 36.02 35.28 38.36
C ASN A 245 35.31 33.94 38.51
N SER A 246 35.74 33.17 39.52
CA SER A 246 35.18 31.83 39.72
C SER A 246 33.72 31.89 40.08
N THR A 247 33.30 32.87 40.89
CA THR A 247 31.88 33.02 41.21
C THR A 247 31.04 33.23 39.97
N ALA A 248 31.58 33.91 38.95
CA ALA A 248 30.85 34.13 37.72
C ALA A 248 30.71 32.84 36.92
N VAL A 249 31.79 32.06 36.81
CA VAL A 249 31.72 30.86 35.99
C VAL A 249 30.79 29.84 36.62
N GLU A 250 30.60 29.88 37.94
CA GLU A 250 29.62 29.01 38.58
C GLU A 250 28.23 29.29 38.05
N GLU A 251 27.85 30.58 38.00
CA GLU A 251 26.53 30.95 37.52
C GLU A 251 26.37 30.61 36.04
N LEU A 252 27.45 30.69 35.27
CA LEU A 252 27.39 30.26 33.87
C LEU A 252 27.18 28.76 33.79
N VAL A 253 27.75 28.00 34.72
CA VAL A 253 27.52 26.56 34.77
C VAL A 253 26.06 26.26 35.10
N ARG A 254 25.49 26.98 36.06
CA ARG A 254 24.07 26.83 36.37
C ARG A 254 23.21 27.15 35.15
N LEU A 255 23.48 28.29 34.50
CA LEU A 255 22.61 28.74 33.42
C LEU A 255 22.73 27.87 32.18
N THR A 256 23.85 27.19 32.00
CA THR A 256 24.01 26.29 30.85
C THR A 256 23.56 24.88 31.17
N GLY A 257 22.58 24.72 32.03
CA GLY A 257 22.01 23.41 32.30
C GLY A 257 20.52 23.40 32.10
N PRO A 258 19.87 22.27 32.36
CA PRO A 258 18.40 22.24 32.27
C PRO A 258 17.75 23.22 33.23
N ARG A 259 17.04 24.20 32.66
CA ARG A 259 16.30 25.18 33.44
C ARG A 259 14.92 24.67 33.83
N ASP A 260 14.58 23.46 33.39
CA ASP A 260 13.32 22.76 33.66
C ASP A 260 13.67 21.28 33.65
N PRO A 261 13.01 20.47 34.47
CA PRO A 261 13.23 19.02 34.36
C PRO A 261 13.08 18.49 32.96
N ASN A 262 12.14 19.04 32.19
CA ASN A 262 11.87 18.54 30.85
C ASN A 262 12.83 19.11 29.80
N SER A 263 13.41 20.28 30.06
CA SER A 263 14.30 20.92 29.11
C SER A 263 15.67 20.24 29.12
N PRO A 264 16.41 20.30 28.01
CA PRO A 264 17.61 19.46 27.88
C PRO A 264 18.85 20.01 28.56
N GLY A 265 19.09 21.31 28.40
CA GLY A 265 20.37 21.89 28.80
C GLY A 265 21.34 21.98 27.65
N PHE A 266 22.38 22.80 27.82
CA PHE A 266 23.28 23.14 26.73
C PHE A 266 24.10 21.94 26.26
N THR A 267 24.33 21.87 24.96
CA THR A 267 25.31 20.92 24.43
C THR A 267 26.70 21.52 24.52
N PHE A 268 27.71 20.69 24.21
CA PHE A 268 29.08 21.21 24.11
C PHE A 268 29.16 22.33 23.08
N SER A 269 28.57 22.12 21.90
CA SER A 269 28.61 23.11 20.84
C SER A 269 27.92 24.40 21.28
N ASP A 270 26.85 24.28 22.07
CA ASP A 270 26.15 25.47 22.55
C ASP A 270 27.06 26.38 23.36
N ILE A 271 28.00 25.79 24.11
CA ILE A 271 28.88 26.59 24.95
C ILE A 271 30.02 27.17 24.12
N THR A 272 30.64 26.36 23.26
CA THR A 272 31.87 26.75 22.61
C THR A 272 31.66 27.57 21.35
N GLN A 273 30.57 27.33 20.60
CA GLN A 273 30.36 28.00 19.33
C GLN A 273 29.22 29.00 19.36
N ARG A 274 28.43 29.03 20.43
CA ARG A 274 27.32 29.96 20.55
C ARG A 274 27.45 30.89 21.74
N LEU A 275 27.66 30.34 22.94
CA LEU A 275 27.66 31.17 24.14
C LEU A 275 28.90 32.05 24.21
N ILE A 276 30.08 31.45 24.04
CA ILE A 276 31.32 32.21 24.16
C ILE A 276 31.42 33.30 23.11
N PRO A 277 31.20 33.04 21.81
CA PRO A 277 31.24 34.16 20.87
C PRO A 277 30.20 35.22 21.16
N SER A 278 29.01 34.83 21.63
CA SER A 278 27.98 35.81 21.95
C SER A 278 28.37 36.68 23.15
N ILE A 279 29.09 36.12 24.12
CA ILE A 279 29.58 36.93 25.24
C ILE A 279 30.57 37.97 24.73
N ILE A 280 31.54 37.53 23.93
CA ILE A 280 32.56 38.44 23.41
C ILE A 280 31.96 39.44 22.44
N LEU A 281 31.11 38.98 21.52
CA LEU A 281 30.54 39.90 20.53
C LEU A 281 29.67 40.95 21.18
N ALA A 282 29.09 40.64 22.35
CA ALA A 282 28.31 41.64 23.07
C ALA A 282 29.19 42.78 23.57
N ALA A 283 30.45 42.47 23.93
CA ALA A 283 31.38 43.51 24.34
C ALA A 283 32.01 44.20 23.15
N TYR A 284 32.33 43.43 22.10
CA TYR A 284 33.03 43.97 20.95
C TYR A 284 32.21 45.07 20.29
N PRO A 285 32.87 46.15 19.80
CA PRO A 285 34.32 46.36 19.93
C PRO A 285 34.67 47.46 20.95
N TYR A 286 33.67 48.00 21.64
CA TYR A 286 33.87 49.19 22.46
C TYR A 286 34.27 48.88 23.89
N ASN A 287 33.73 47.81 24.49
CA ASN A 287 33.90 47.53 25.90
C ASN A 287 34.60 46.20 26.13
N ALA A 288 35.13 46.05 27.34
CA ALA A 288 35.69 44.78 27.77
C ALA A 288 34.57 43.81 28.17
N VAL A 289 34.94 42.53 28.28
CA VAL A 289 33.98 41.53 28.71
C VAL A 289 33.58 41.81 30.15
N SER A 290 32.28 41.85 30.39
CA SER A 290 31.72 42.21 31.68
C SER A 290 30.96 41.02 32.26
N VAL A 291 31.06 40.85 33.58
CA VAL A 291 30.25 39.83 34.26
C VAL A 291 28.77 40.14 34.07
N HIS A 292 28.40 41.41 34.17
CA HIS A 292 27.01 41.80 33.99
C HIS A 292 26.51 41.46 32.60
N SER A 293 27.32 41.76 31.58
CA SER A 293 26.93 41.47 30.20
C SER A 293 26.93 39.98 29.94
N ALA A 294 27.98 39.27 30.38
CA ALA A 294 28.04 37.83 30.17
C ALA A 294 26.87 37.11 30.84
N LEU A 295 26.37 37.64 31.95
CA LEU A 295 25.23 37.01 32.59
C LEU A 295 23.94 37.32 31.85
N GLN A 296 23.88 38.44 31.15
CA GLN A 296 22.66 38.82 30.45
C GLN A 296 22.51 38.09 29.13
N VAL A 297 23.61 37.65 28.52
CA VAL A 297 23.50 36.96 27.25
C VAL A 297 23.07 35.51 27.44
N VAL A 298 23.52 34.87 28.51
CA VAL A 298 23.16 33.47 28.74
C VAL A 298 21.68 33.36 29.07
N ASN A 299 21.13 34.31 29.82
CA ASN A 299 19.72 34.24 30.19
C ASN A 299 18.82 34.38 28.96
N LYS A 300 19.23 35.20 27.99
CA LYS A 300 18.50 35.28 26.74
C LYS A 300 18.58 33.96 25.97
N THR A 302 18.86 30.08 24.68
CA THR A 302 18.24 28.80 24.96
C THR A 302 19.03 27.69 24.29
N PRO A 303 19.16 26.53 24.94
CA PRO A 303 19.95 25.44 24.35
C PRO A 303 19.33 24.92 23.06
N THR A 304 20.14 24.19 22.31
CA THR A 304 19.68 23.61 21.06
C THR A 304 18.65 22.53 21.35
N PRO A 305 17.52 22.50 20.64
CA PRO A 305 16.53 21.45 20.86
C PRO A 305 17.08 20.08 20.47
N ALA A 306 16.37 19.04 20.89
CA ALA A 306 16.79 17.67 20.69
C ALA A 306 15.68 16.88 19.98
N PHE A 307 16.05 15.71 19.47
CA PHE A 307 15.10 14.86 18.77
C PHE A 307 14.11 14.22 19.75
N ILE A 308 12.91 13.97 19.26
CA ILE A 308 11.90 13.26 20.05
C ILE A 308 12.34 11.82 20.28
N VAL B 3 27.39 16.23 -16.24
CA VAL B 3 26.78 17.46 -16.70
C VAL B 3 26.26 18.28 -15.51
N LYS B 4 27.05 19.26 -15.09
CA LYS B 4 26.70 20.07 -13.93
C LYS B 4 25.44 20.88 -14.21
N PRO B 5 24.63 21.14 -13.18
CA PRO B 5 23.48 22.04 -13.37
C PRO B 5 23.93 23.49 -13.46
N SER B 6 23.10 24.29 -14.11
CA SER B 6 23.44 25.68 -14.35
C SER B 6 23.19 26.52 -13.10
N LEU B 7 23.84 27.69 -13.07
CA LEU B 7 23.62 28.63 -11.97
C LEU B 7 22.17 29.11 -11.94
N ASP B 8 21.61 29.41 -13.11
CA ASP B 8 20.24 29.88 -13.16
C ASP B 8 19.23 28.80 -12.73
N GLU B 9 19.63 27.53 -12.79
CA GLU B 9 18.74 26.44 -12.39
C GLU B 9 18.67 26.28 -10.88
N LEU B 10 19.68 26.77 -10.14
CA LEU B 10 19.75 26.59 -8.71
C LEU B 10 19.65 27.88 -7.91
N PHE B 11 19.84 29.05 -8.53
CA PHE B 11 20.26 30.20 -7.74
C PHE B 11 19.49 31.50 -8.00
N GLU B 12 18.26 31.44 -8.49
CA GLU B 12 17.42 32.65 -8.62
C GLU B 12 18.15 33.79 -9.33
N ARG B 13 18.00 35.00 -8.81
CA ARG B 13 18.66 36.18 -9.35
C ARG B 13 19.68 36.69 -8.34
N ARG B 14 20.89 37.00 -8.82
CA ARG B 14 21.94 37.49 -7.96
C ARG B 14 21.75 38.97 -7.68
N ILE B 15 22.05 39.37 -6.44
CA ILE B 15 21.97 40.76 -6.01
C ILE B 15 23.39 41.23 -5.70
N ASN B 16 23.71 42.44 -6.16
CA ASN B 16 25.03 43.01 -6.04
C ASN B 16 24.99 44.26 -5.17
N PHE B 17 26.03 44.46 -4.38
CA PHE B 17 26.16 45.57 -3.46
C PHE B 17 27.52 46.21 -3.66
N PRO B 18 27.66 47.51 -3.32
CA PRO B 18 26.63 48.42 -2.82
C PRO B 18 25.70 48.92 -3.90
N ASP B 19 24.45 49.23 -3.51
CA ASP B 19 23.44 49.70 -4.42
C ASP B 19 22.50 50.61 -3.65
N PHE B 20 21.79 51.49 -4.37
CA PHE B 20 20.98 52.51 -3.71
C PHE B 20 19.63 51.96 -3.24
N GLU B 21 19.06 50.97 -3.94
CA GLU B 21 17.80 50.38 -3.46
C GLU B 21 17.98 49.59 -2.18
N PRO B 22 18.88 48.61 -2.09
CA PRO B 22 19.03 47.88 -0.81
C PRO B 22 19.34 48.83 0.34
N GLN B 23 20.11 49.88 0.07
CA GLN B 23 20.36 50.91 1.07
C GLN B 23 19.07 51.55 1.53
N GLU B 24 18.25 52.01 0.59
CA GLU B 24 17.00 52.67 0.95
C GLU B 24 16.02 51.71 1.61
N ARG B 25 15.99 50.45 1.17
CA ARG B 25 15.11 49.47 1.81
C ARG B 25 15.53 49.20 3.25
N LEU B 26 16.85 49.12 3.49
CA LEU B 26 17.33 48.81 4.83
C LEU B 26 17.00 49.92 5.81
N ALA B 27 17.02 51.17 5.34
CA ALA B 27 16.74 52.28 6.24
C ALA B 27 15.27 52.35 6.62
N ARG B 28 14.39 51.82 5.77
CA ARG B 28 12.96 51.83 6.05
C ARG B 28 12.59 50.93 7.23
N LEU B 29 13.43 49.95 7.55
CA LEU B 29 13.10 48.98 8.58
C LEU B 29 13.08 49.63 9.96
N VAL B 30 12.10 49.23 10.77
CA VAL B 30 11.88 49.79 12.09
C VAL B 30 12.10 48.70 13.13
N GLY B 31 12.85 49.02 14.18
CA GLY B 31 13.02 48.14 15.31
C GLY B 31 14.04 47.04 15.15
N LEU B 32 14.76 46.99 14.04
CA LEU B 32 15.71 45.92 13.78
C LEU B 32 17.15 46.33 14.03
N ASP B 33 17.36 47.45 14.73
CA ASP B 33 18.69 48.05 14.84
C ASP B 33 19.67 47.10 15.52
N GLU B 34 19.20 46.33 16.51
CA GLU B 34 20.08 45.38 17.17
C GLU B 34 20.45 44.23 16.24
N HIS B 35 19.50 43.79 15.41
CA HIS B 35 19.80 42.73 14.44
C HIS B 35 20.80 43.22 13.40
N LYS B 36 20.61 44.43 12.88
CA LYS B 36 21.57 44.99 11.94
C LYS B 36 22.97 45.04 12.54
N ASP B 37 23.06 45.35 13.83
CA ASP B 37 24.36 45.49 14.48
C ASP B 37 25.04 44.13 14.61
N ARG B 38 24.28 43.11 15.04
CA ARG B 38 24.88 41.79 15.22
C ARG B 38 25.24 41.17 13.87
N LEU B 39 24.41 41.39 12.84
CA LEU B 39 24.73 40.88 11.52
C LEU B 39 25.97 41.55 10.95
N SER B 40 26.14 42.85 11.18
CA SER B 40 27.35 43.54 10.72
C SER B 40 28.59 43.03 11.44
N LYS B 41 28.45 42.71 12.74
CA LYS B 41 29.59 42.18 13.49
C LYS B 41 30.01 40.80 12.97
N ILE B 42 29.03 39.93 12.69
CA ILE B 42 29.33 38.59 12.21
C ILE B 42 29.86 38.65 10.78
N LEU B 43 29.19 39.41 9.91
CA LEU B 43 29.63 39.49 8.51
C LEU B 43 30.91 40.30 8.39
N GLY B 44 31.07 41.34 9.21
CA GLY B 44 32.29 42.12 9.17
C GLY B 44 33.52 41.33 9.60
N LEU B 45 33.37 40.51 10.64
CA LEU B 45 34.49 39.68 11.06
C LEU B 45 34.77 38.57 10.04
N LEU B 46 33.74 38.17 9.29
CA LEU B 46 33.93 37.16 8.26
C LEU B 46 34.86 37.67 7.15
N VAL B 47 34.64 38.89 6.69
CA VAL B 47 35.50 39.45 5.66
C VAL B 47 36.82 39.92 6.25
N ASN B 48 36.78 40.46 7.47
CA ASN B 48 37.95 41.10 8.07
C ASN B 48 38.09 40.67 9.52
N PRO B 49 38.85 39.61 9.79
CA PRO B 49 38.96 39.11 11.16
C PRO B 49 39.85 39.96 12.06
N TYR B 50 40.46 41.03 11.55
CA TYR B 50 41.46 41.74 12.32
C TYR B 50 40.84 42.53 13.47
N GLY B 51 39.62 43.04 13.28
CA GLY B 51 39.02 43.90 14.28
C GLY B 51 38.97 43.29 15.65
N ILE B 52 38.55 42.03 15.72
CA ILE B 52 38.47 41.37 17.01
C ILE B 52 39.86 41.09 17.57
N GLN B 53 40.85 40.86 16.70
CA GLN B 53 42.21 40.66 17.18
C GLN B 53 42.77 41.95 17.74
N GLU B 54 42.47 43.09 17.11
CA GLU B 54 42.86 44.37 17.67
C GLU B 54 42.11 44.65 18.96
N TRP B 55 40.84 44.23 19.03
CA TRP B 55 40.06 44.37 20.26
C TRP B 55 40.65 43.55 21.39
N ALA B 56 41.19 42.37 21.08
CA ALA B 56 41.75 41.52 22.12
C ALA B 56 42.96 42.16 22.77
N LYS B 57 43.86 42.73 21.96
CA LYS B 57 45.08 43.34 22.50
C LYS B 57 44.75 44.40 23.56
N LYS B 58 43.74 45.22 23.30
CA LYS B 58 43.47 46.35 24.18
C LYS B 58 42.83 45.91 25.48
N TYR B 59 42.01 44.86 25.45
CA TYR B 59 41.21 44.49 26.61
C TYR B 59 41.59 43.14 27.20
N HIS B 60 41.65 42.08 26.41
CA HIS B 60 41.97 40.75 26.94
C HIS B 60 43.13 40.16 26.14
N PRO B 61 44.35 40.68 26.34
CA PRO B 61 45.48 40.18 25.54
C PRO B 61 45.89 38.76 25.89
N ASP B 62 45.81 38.38 27.17
CA ASP B 62 46.29 37.07 27.59
C ASP B 62 45.48 35.92 27.01
N ALA B 63 44.26 36.19 26.57
CA ALA B 63 43.33 35.16 26.10
C ALA B 63 43.12 35.29 24.59
N ARG B 64 43.72 34.38 23.84
CA ARG B 64 43.49 34.31 22.41
C ARG B 64 42.64 33.11 22.01
N ALA B 65 42.41 32.15 22.92
CA ALA B 65 41.46 31.09 22.63
C ALA B 65 40.07 31.67 22.38
N ALA B 66 39.67 32.64 23.21
CA ALA B 66 38.31 33.15 23.14
C ALA B 66 38.05 33.88 21.83
N VAL B 67 39.01 34.69 21.37
CA VAL B 67 38.83 35.42 20.11
C VAL B 67 38.88 34.46 18.93
N ASP B 68 39.79 33.48 18.98
CA ASP B 68 39.85 32.46 17.94
C ASP B 68 38.54 31.69 17.84
N THR B 69 37.83 31.56 18.97
CA THR B 69 36.55 30.86 18.98
C THR B 69 35.50 31.59 18.15
N VAL B 70 35.55 32.92 18.14
CA VAL B 70 34.54 33.70 17.41
C VAL B 70 34.67 33.48 15.90
N LEU B 71 35.91 33.32 15.43
CA LEU B 71 36.16 33.28 13.99
C LEU B 71 36.01 31.88 13.39
N ARG B 72 36.31 30.84 14.17
CA ARG B 72 36.37 29.49 13.60
C ARG B 72 35.01 28.82 13.48
N ARG B 73 33.96 29.41 14.02
CA ARG B 73 32.64 28.80 14.00
C ARG B 73 32.04 28.89 12.59
N PRO B 74 31.03 28.07 12.29
CA PRO B 74 30.43 28.10 10.95
C PRO B 74 29.65 29.37 10.71
N PRO B 75 29.68 29.92 9.48
CA PRO B 75 29.08 31.24 9.21
C PRO B 75 27.62 31.15 8.80
N LEU B 76 26.80 30.54 9.64
CA LEU B 76 25.38 30.37 9.42
C LEU B 76 24.60 31.21 10.42
N VAL B 77 23.77 32.11 9.91
CA VAL B 77 22.88 32.94 10.73
C VAL B 77 21.44 32.61 10.32
N VAL B 78 20.60 32.34 11.32
CA VAL B 78 19.19 32.01 11.10
C VAL B 78 18.34 33.18 11.55
N LEU B 79 17.39 33.58 10.71
CA LEU B 79 16.40 34.60 11.05
C LEU B 79 15.05 33.90 11.13
N ALA B 80 14.45 33.91 12.32
CA ALA B 80 13.17 33.24 12.52
C ALA B 80 12.25 34.15 13.33
N GLY B 81 10.96 34.01 13.10
CA GLY B 81 9.99 34.78 13.86
C GLY B 81 8.66 34.83 13.15
N ASP B 82 7.87 35.84 13.51
CA ASP B 82 6.53 35.98 12.97
C ASP B 82 6.56 36.35 11.49
N VAL B 83 5.42 36.14 10.84
CA VAL B 83 5.29 36.50 9.43
C VAL B 83 5.22 38.02 9.30
N GLY B 84 5.76 38.53 8.20
CA GLY B 84 5.72 39.95 7.90
C GLY B 84 6.45 40.83 8.88
N SER B 85 7.59 40.38 9.40
CA SER B 85 8.30 41.10 10.44
C SER B 85 9.70 41.54 10.01
N GLY B 86 10.04 41.35 8.74
CA GLY B 86 11.29 41.85 8.21
C GLY B 86 12.42 40.86 8.11
N LYS B 87 12.16 39.57 8.33
CA LYS B 87 13.20 38.56 8.15
C LYS B 87 13.75 38.61 6.73
N THR B 88 12.87 38.64 5.73
CA THR B 88 13.28 38.56 4.33
C THR B 88 13.86 39.88 3.84
N GLU B 89 13.26 41.02 4.22
CA GLU B 89 13.79 42.32 3.81
C GLU B 89 15.20 42.52 4.38
N LEU B 90 15.38 42.23 5.66
CA LEU B 90 16.68 42.41 6.29
C LEU B 90 17.72 41.47 5.68
N ALA B 91 17.34 40.22 5.41
CA ALA B 91 18.29 39.26 4.86
C ALA B 91 18.79 39.69 3.49
N GLU B 92 17.94 40.32 2.69
CA GLU B 92 18.32 40.71 1.34
C GLU B 92 19.20 41.96 1.34
N THR B 93 18.90 42.92 2.20
CA THR B 93 19.54 44.22 2.14
C THR B 93 20.71 44.37 3.12
N ILE B 94 20.94 43.38 3.99
CA ILE B 94 22.00 43.53 4.98
C ILE B 94 23.37 43.54 4.31
N GLY B 95 23.53 42.84 3.19
CA GLY B 95 24.81 42.82 2.50
C GLY B 95 25.23 44.17 2.01
N ASP B 96 24.26 45.05 1.74
CA ASP B 96 24.60 46.41 1.33
C ASP B 96 25.33 47.14 2.44
N ALA B 97 24.77 47.13 3.65
CA ALA B 97 25.37 47.85 4.76
C ALA B 97 26.77 47.34 5.06
N VAL B 98 26.96 46.02 5.05
CA VAL B 98 28.29 45.46 5.26
C VAL B 98 29.24 45.92 4.17
N ALA B 99 28.76 45.96 2.94
CA ALA B 99 29.63 46.28 1.81
C ALA B 99 30.20 47.70 1.94
N ARG B 100 29.35 48.67 2.31
CA ARG B 100 29.81 50.04 2.45
C ARG B 100 30.81 50.16 3.60
N GLN B 101 30.52 49.50 4.72
CA GLN B 101 31.35 49.66 5.91
C GLN B 101 32.73 49.02 5.70
N GLU B 102 32.79 47.89 5.02
CA GLU B 102 34.05 47.21 4.76
C GLU B 102 34.68 47.62 3.43
N ASP B 103 34.08 48.56 2.70
CA ASP B 103 34.60 49.03 1.41
C ASP B 103 34.85 47.85 0.47
N ILE B 104 33.82 47.02 0.30
CA ILE B 104 33.94 45.76 -0.42
C ILE B 104 32.69 45.53 -1.25
N ASP B 105 32.85 44.71 -2.30
CA ASP B 105 31.72 44.28 -3.12
C ASP B 105 31.24 42.92 -2.63
N ILE B 106 29.91 42.79 -2.48
CA ILE B 106 29.29 41.57 -1.98
C ILE B 106 28.24 41.12 -2.99
N THR B 107 28.17 39.81 -3.22
CA THR B 107 27.16 39.22 -4.08
C THR B 107 26.29 38.27 -3.27
N LEU B 108 24.98 38.34 -3.47
CA LEU B 108 24.01 37.53 -2.76
C LEU B 108 23.45 36.46 -3.69
N TYR B 109 23.47 35.21 -3.23
CA TYR B 109 22.97 34.07 -4.00
C TYR B 109 21.72 33.53 -3.33
N PRO B 110 20.53 33.69 -3.90
CA PRO B 110 19.34 33.11 -3.30
C PRO B 110 19.12 31.68 -3.76
N LEU B 111 19.20 30.72 -2.85
CA LEU B 111 18.96 29.34 -3.23
C LEU B 111 17.52 29.14 -3.66
N SER B 112 17.32 28.55 -4.82
CA SER B 112 15.99 28.36 -5.36
C SER B 112 15.39 27.07 -4.81
N LEU B 113 14.06 27.02 -4.77
CA LEU B 113 13.39 25.78 -4.40
C LEU B 113 13.49 24.71 -5.47
N ALA B 114 14.08 25.02 -6.62
CA ALA B 114 14.32 24.00 -7.63
C ALA B 114 15.38 23.01 -7.20
N THR B 115 16.13 23.31 -6.15
CA THR B 115 17.17 22.41 -5.68
C THR B 115 16.61 21.08 -5.18
N ARG B 116 15.31 21.02 -4.90
CA ARG B 116 14.73 19.78 -4.40
C ARG B 116 14.67 18.73 -5.50
N GLY B 117 14.48 19.17 -6.74
CA GLY B 117 14.53 18.28 -7.88
C GLY B 117 13.16 17.85 -8.37
N GLN B 118 13.19 17.03 -9.42
CA GLN B 118 11.98 16.54 -10.05
C GLN B 118 11.67 15.09 -9.73
N GLY B 119 12.53 14.39 -8.99
CA GLY B 119 12.12 13.10 -8.50
C GLY B 119 13.11 11.96 -8.63
N ARG B 120 14.16 12.12 -9.43
CA ARG B 120 15.10 11.03 -9.58
C ARG B 120 15.98 10.89 -8.34
N VAL B 121 16.38 9.66 -8.04
CA VAL B 121 17.17 9.41 -6.84
C VAL B 121 18.49 10.16 -6.92
N GLY B 122 18.90 10.71 -5.79
CA GLY B 122 20.15 11.44 -5.69
C GLY B 122 20.11 12.86 -6.21
N GLU B 123 19.01 13.27 -6.85
CA GLU B 123 18.99 14.59 -7.49
C GLU B 123 19.08 15.71 -6.45
N THR B 125 20.34 15.63 -3.35
CA THR B 125 21.71 15.65 -2.84
C THR B 125 22.67 16.20 -3.88
N GLN B 126 22.45 15.87 -5.16
CA GLN B 126 23.31 16.39 -6.21
C GLN B 126 23.09 17.89 -6.42
N LEU B 127 21.84 18.33 -6.40
CA LEU B 127 21.54 19.75 -6.63
C LEU B 127 22.02 20.61 -5.46
N VAL B 128 21.79 20.16 -4.23
CA VAL B 128 22.20 20.93 -3.05
C VAL B 128 23.72 21.04 -3.00
N SER B 129 24.41 19.90 -3.17
CA SER B 129 25.87 19.92 -3.15
C SER B 129 26.42 20.79 -4.27
N ALA B 130 25.78 20.74 -5.45
CA ALA B 130 26.22 21.59 -6.56
C ALA B 130 26.13 23.05 -6.19
N ALA B 131 25.03 23.44 -5.53
CA ALA B 131 24.85 24.85 -5.18
C ALA B 131 25.96 25.34 -4.27
N PHE B 132 26.46 24.48 -3.39
CA PHE B 132 27.56 24.89 -2.52
C PHE B 132 28.87 25.02 -3.29
N ASP B 133 29.10 24.12 -4.25
CA ASP B 133 30.32 24.20 -5.06
C ASP B 133 30.41 25.53 -5.77
N TYR B 134 29.30 26.02 -6.32
CA TYR B 134 29.27 27.34 -6.92
C TYR B 134 29.62 28.41 -5.90
N THR B 135 29.00 28.33 -4.72
CA THR B 135 29.27 29.31 -3.67
C THR B 135 30.72 29.23 -3.20
N ILE B 136 31.25 28.01 -3.04
CA ILE B 136 32.64 27.86 -2.61
C ILE B 136 33.60 28.38 -3.67
N GLU B 137 33.33 28.08 -4.95
CA GLU B 137 34.21 28.52 -6.02
C GLU B 137 34.27 30.03 -6.12
N ALA B 138 33.11 30.69 -6.06
CA ALA B 138 33.08 32.15 -6.13
C ALA B 138 33.76 32.77 -4.92
N ALA B 139 33.54 32.21 -3.72
CA ALA B 139 34.18 32.73 -2.52
C ALA B 139 35.69 32.51 -2.54
N ASP B 140 36.16 31.45 -3.18
CA ASP B 140 37.59 31.20 -3.27
C ASP B 140 38.29 32.29 -4.08
N LYS B 141 37.63 32.79 -5.13
CA LYS B 141 38.23 33.83 -5.94
C LYS B 141 38.46 35.11 -5.14
N LEU B 142 37.54 35.42 -4.23
CA LEU B 142 37.61 36.68 -3.50
C LEU B 142 38.51 36.60 -2.27
N LYS B 143 38.86 35.39 -1.84
CA LYS B 143 39.78 35.21 -0.72
C LYS B 143 41.18 35.65 -1.12
N LYS B 148 43.28 40.24 3.76
CA LYS B 148 41.89 40.69 3.74
C LYS B 148 41.18 40.32 2.44
N ALA B 149 40.04 39.64 2.55
CA ALA B 149 39.32 39.19 1.37
C ALA B 149 38.87 40.38 0.52
N ARG B 150 38.92 40.21 -0.80
CA ARG B 150 38.53 41.26 -1.74
C ARG B 150 37.05 41.23 -2.04
N GLY B 151 36.25 40.59 -1.20
CA GLY B 151 34.83 40.46 -1.43
C GLY B 151 34.26 39.32 -0.63
N ALA B 152 32.93 39.31 -0.54
CA ALA B 152 32.19 38.32 0.22
C ALA B 152 31.07 37.74 -0.64
N VAL B 153 30.60 36.56 -0.21
CA VAL B 153 29.50 35.87 -0.86
C VAL B 153 28.45 35.57 0.21
N LEU B 154 27.19 35.87 -0.10
CA LEU B 154 26.08 35.58 0.79
C LEU B 154 25.15 34.58 0.12
N LEU B 155 24.85 33.49 0.82
CA LEU B 155 23.97 32.44 0.32
C LEU B 155 22.68 32.48 1.14
N LEU B 156 21.57 32.82 0.49
CA LEU B 156 20.30 33.02 1.18
C LEU B 156 19.35 31.87 0.87
N ILE B 157 18.72 31.35 1.92
CA ILE B 157 17.78 30.23 1.81
C ILE B 157 16.47 30.73 2.41
N ASP B 158 15.60 31.25 1.55
CA ASP B 158 14.49 32.09 2.02
C ASP B 158 13.38 31.28 2.69
N GLN B 159 13.15 30.04 2.26
CA GLN B 159 12.12 29.19 2.86
C GLN B 159 12.85 28.01 3.50
N ALA B 160 13.30 28.22 4.73
CA ALA B 160 14.20 27.26 5.35
C ALA B 160 13.50 25.94 5.64
N ASP B 161 12.22 25.99 6.02
CA ASP B 161 11.52 24.79 6.46
C ASP B 161 11.34 23.79 5.31
N ALA B 162 11.23 24.27 4.08
CA ALA B 162 11.09 23.36 2.95
C ALA B 162 12.41 22.66 2.62
N LEU B 163 13.52 23.40 2.69
CA LEU B 163 14.80 22.82 2.30
C LEU B 163 15.45 22.07 3.45
N ALA B 164 15.33 22.58 4.68
CA ALA B 164 15.89 21.94 5.86
C ALA B 164 14.76 21.62 6.82
N GLN B 165 14.38 20.34 6.88
CA GLN B 165 13.34 19.86 7.76
C GLN B 165 13.95 18.85 8.73
N SER B 166 13.45 18.84 9.96
CA SER B 166 13.88 17.85 10.94
C SER B 166 13.67 16.44 10.38
N ARG B 167 14.73 15.65 10.40
CA ARG B 167 14.68 14.29 9.88
C ARG B 167 13.77 13.38 10.69
N GLU B 168 13.39 13.80 11.91
CA GLU B 168 12.56 12.93 12.74
C GLU B 168 11.15 12.77 12.17
N ASN B 169 10.69 13.74 11.39
CA ASN B 169 9.35 13.67 10.82
C ASN B 169 9.24 12.47 9.90
N ALA B 170 8.19 11.66 10.10
CA ALA B 170 8.13 10.36 9.44
C ALA B 170 7.71 10.48 7.98
N GLN B 171 6.91 11.49 7.64
CA GLN B 171 6.27 11.49 6.33
C GLN B 171 7.24 11.82 5.19
N HIS B 173 10.51 11.85 2.60
CA HIS B 173 11.16 10.74 1.91
C HIS B 173 12.63 10.64 2.33
N HIS B 174 13.23 9.48 2.05
CA HIS B 174 14.66 9.29 2.32
C HIS B 174 15.48 10.36 1.61
N GLU B 175 15.04 10.76 0.41
CA GLU B 175 15.74 11.81 -0.32
C GLU B 175 15.73 13.12 0.46
N ASP B 176 14.61 13.44 1.12
CA ASP B 176 14.51 14.68 1.87
C ASP B 176 15.51 14.73 3.01
N ARG B 177 15.65 13.64 3.77
CA ARG B 177 16.68 13.60 4.80
C ARG B 177 18.07 13.64 4.19
N ALA B 178 18.25 13.07 2.99
CA ALA B 178 19.56 13.13 2.35
C ALA B 178 19.91 14.55 1.92
N GLY B 179 18.90 15.38 1.64
CA GLY B 179 19.15 16.76 1.29
C GLY B 179 19.50 17.60 2.48
N VAL B 180 18.86 17.33 3.62
CA VAL B 180 19.22 18.00 4.86
C VAL B 180 20.68 17.74 5.20
N ASN B 181 21.12 16.49 5.04
CA ASN B 181 22.51 16.16 5.29
C ASN B 181 23.44 16.87 4.32
N ALA B 182 22.99 17.06 3.07
CA ALA B 182 23.81 17.80 2.11
C ALA B 182 23.96 19.25 2.55
N PHE B 183 22.91 19.83 3.13
CA PHE B 183 23.01 21.18 3.69
C PHE B 183 24.00 21.21 4.85
N ILE B 184 23.91 20.22 5.74
CA ILE B 184 24.81 20.15 6.89
C ILE B 184 26.27 20.11 6.44
N ARG B 185 26.57 19.24 5.47
CA ARG B 185 27.94 19.13 4.98
C ARG B 185 28.37 20.39 4.23
N GLY B 186 27.44 21.06 3.54
CA GLY B 186 27.78 22.29 2.85
C GLY B 186 28.22 23.38 3.81
N ILE B 187 27.45 23.59 4.88
CA ILE B 187 27.80 24.60 5.87
C ILE B 187 29.14 24.29 6.50
N ASP B 188 29.34 23.04 6.93
CA ASP B 188 30.62 22.62 7.47
C ASP B 188 31.74 22.85 6.46
N ARG B 189 31.46 22.65 5.18
CA ARG B 189 32.49 22.74 4.15
C ARG B 189 32.99 24.17 4.00
N ILE B 190 32.06 25.14 3.94
CA ILE B 190 32.46 26.55 3.89
C ILE B 190 33.25 26.92 5.14
N ALA B 191 32.85 26.39 6.30
CA ALA B 191 33.47 26.79 7.55
C ALA B 191 34.88 26.26 7.69
N ASN B 192 35.12 25.03 7.20
CA ASN B 192 36.45 24.44 7.32
C ASN B 192 37.50 25.26 6.56
N GLN B 193 37.12 25.80 5.40
CA GLN B 193 37.98 26.70 4.67
C GLN B 193 37.74 28.13 5.15
N LYS B 194 38.69 29.01 4.88
CA LYS B 194 38.59 30.39 5.34
C LYS B 194 37.86 31.29 4.36
N LEU B 195 37.01 30.71 3.52
CA LEU B 195 36.38 31.47 2.44
C LEU B 195 35.40 32.50 3.02
N PRO B 196 35.40 33.72 2.50
CA PRO B 196 34.53 34.78 3.03
C PRO B 196 33.09 34.68 2.55
N ALA B 197 32.45 33.56 2.85
CA ALA B 197 31.07 33.32 2.48
C ALA B 197 30.25 33.05 3.74
N ALA B 198 28.99 33.49 3.73
CA ALA B 198 28.07 33.29 4.84
C ALA B 198 26.75 32.75 4.33
N VAL B 199 26.05 32.01 5.18
CA VAL B 199 24.75 31.43 4.86
C VAL B 199 23.71 32.06 5.79
N LEU B 200 22.62 32.54 5.20
CA LEU B 200 21.50 33.10 5.94
C LEU B 200 20.23 32.38 5.52
N CYS B 202 15.92 32.08 6.45
CA CYS B 202 14.76 32.63 7.12
C CYS B 202 13.66 31.58 7.16
N THR B 203 12.91 31.55 8.26
CA THR B 203 11.82 30.60 8.39
C THR B 203 10.70 31.20 9.23
N ASN B 204 9.46 30.91 8.83
CA ASN B 204 8.32 31.18 9.70
C ASN B 204 8.25 30.20 10.86
N ARG B 205 8.84 29.02 10.71
CA ARG B 205 8.73 27.94 11.69
C ARG B 205 10.14 27.46 12.03
N LEU B 206 10.74 28.08 13.06
CA LEU B 206 12.04 27.62 13.51
C LEU B 206 11.97 26.19 14.04
N LYS B 207 10.86 25.84 14.70
CA LYS B 207 10.73 24.52 15.33
C LYS B 207 10.73 23.40 14.31
N ALA B 208 10.39 23.67 13.06
CA ALA B 208 10.43 22.62 12.05
C ALA B 208 11.87 22.31 11.60
N LEU B 209 12.80 23.22 11.83
CA LEU B 209 14.16 23.04 11.33
C LEU B 209 14.90 21.96 12.12
N ASP B 210 15.83 21.30 11.44
CA ASP B 210 16.50 20.15 12.02
C ASP B 210 17.42 20.58 13.17
N PRO B 211 17.51 19.76 14.24
CA PRO B 211 18.35 20.16 15.37
C PRO B 211 19.83 20.27 15.03
N ALA B 212 20.34 19.49 14.07
CA ALA B 212 21.72 19.62 13.66
C ALA B 212 21.96 20.89 12.84
N VAL B 213 20.92 21.41 12.19
CA VAL B 213 21.03 22.71 11.53
C VAL B 213 21.15 23.82 12.57
N GLN B 214 20.35 23.75 13.63
CA GLN B 214 20.26 24.85 14.59
C GLN B 214 21.56 25.02 15.36
N ARG B 215 22.22 23.92 15.72
CA ARG B 215 23.42 24.04 16.54
C ARG B 215 24.57 24.69 15.77
N ARG B 216 24.60 24.53 14.45
CA ARG B 216 25.67 25.10 13.65
C ARG B 216 25.49 26.60 13.41
N ALA B 217 24.37 27.18 13.85
CA ALA B 217 24.11 28.58 13.60
C ALA B 217 24.95 29.46 14.53
N ALA B 218 25.69 30.40 13.95
CA ALA B 218 26.45 31.34 14.75
C ALA B 218 25.54 32.22 15.59
N GLU B 219 24.42 32.65 15.01
CA GLU B 219 23.43 33.44 15.72
C GLU B 219 22.04 33.08 15.22
N ILE B 220 21.05 33.21 16.10
CA ILE B 220 19.64 33.09 15.75
C ILE B 220 18.95 34.38 16.14
N LEU B 221 18.46 35.12 15.15
CA LEU B 221 17.79 36.41 15.38
C LEU B 221 16.28 36.21 15.34
N THR B 222 15.60 36.67 16.39
CA THR B 222 14.16 36.50 16.51
C THR B 222 13.45 37.79 16.09
N PHE B 223 12.38 37.63 15.32
CA PHE B 223 11.57 38.74 14.85
C PHE B 223 10.17 38.59 15.39
N SER B 224 9.54 39.71 15.77
CA SER B 224 8.21 39.67 16.35
C SER B 224 7.39 40.80 15.77
N ARG B 225 6.12 40.88 16.20
CA ARG B 225 5.21 41.92 15.75
C ARG B 225 5.45 43.20 16.56
N PRO B 226 5.25 44.37 15.95
CA PRO B 226 5.74 45.61 16.57
C PRO B 226 5.02 45.94 17.88
N ASN B 227 5.79 46.45 18.84
CA ASN B 227 5.21 46.88 20.10
C ASN B 227 4.60 48.28 19.95
N ASP B 228 4.05 48.79 21.05
CA ASP B 228 3.34 50.07 21.01
C ASP B 228 4.21 51.17 20.44
N GLU B 229 5.47 51.24 20.87
CA GLU B 229 6.35 52.27 20.35
C GLU B 229 6.66 52.04 18.88
N GLN B 230 7.05 50.81 18.53
CA GLN B 230 7.39 50.52 17.15
C GLN B 230 6.23 50.79 16.22
N ARG B 231 5.00 50.58 16.70
CA ARG B 231 3.83 50.90 15.89
C ARG B 231 3.67 52.42 15.70
N HIS B 232 4.13 53.22 16.67
CA HIS B 232 3.98 54.66 16.54
C HIS B 232 4.94 55.23 15.51
N TYR B 233 6.22 54.85 15.58
CA TYR B 233 7.21 55.34 14.62
C TYR B 233 6.85 54.93 13.20
N LEU B 234 6.36 53.71 13.02
CA LEU B 234 6.05 53.22 11.68
C LEU B 234 4.85 53.96 11.08
N LEU B 235 3.82 54.21 11.87
CA LEU B 235 2.67 54.92 11.36
C LEU B 235 2.98 56.40 11.11
N HIS B 236 3.72 57.04 12.03
CA HIS B 236 3.98 58.47 11.90
C HIS B 236 4.75 58.81 10.63
N SER B 237 5.73 57.98 10.27
CA SER B 237 6.48 58.21 9.05
C SER B 237 5.63 57.93 7.82
N LYS B 238 4.79 56.89 7.87
CA LYS B 238 3.98 56.55 6.71
C LYS B 238 2.81 57.51 6.54
N LEU B 239 2.28 58.06 7.63
CA LEU B 239 1.13 58.94 7.54
C LEU B 239 1.50 60.38 7.26
N THR B 240 2.78 60.67 7.00
CA THR B 240 3.18 62.02 6.63
C THR B 240 2.45 62.41 5.35
N GLY B 241 1.90 63.63 5.33
CA GLY B 241 1.20 64.09 4.16
C GLY B 241 -0.22 63.59 4.00
N LEU B 242 -0.73 62.78 4.93
CA LEU B 242 -2.12 62.33 4.86
C LEU B 242 -3.07 63.19 5.68
N GLY B 243 -2.58 64.24 6.34
CA GLY B 243 -3.46 65.13 7.07
C GLY B 243 -4.08 64.52 8.31
N LEU B 244 -3.35 63.66 9.01
CA LEU B 244 -3.83 63.03 10.22
C LEU B 244 -3.02 63.55 11.40
N ASN B 245 -3.70 64.15 12.37
CA ASN B 245 -3.04 64.72 13.53
C ASN B 245 -2.56 63.60 14.45
N SER B 246 -1.86 63.99 15.52
CA SER B 246 -1.28 62.99 16.41
C SER B 246 -2.32 62.26 17.26
N THR B 247 -3.48 62.87 17.47
CA THR B 247 -4.52 62.21 18.26
C THR B 247 -5.11 61.01 17.50
N ALA B 248 -5.32 61.16 16.20
CA ALA B 248 -5.84 60.06 15.40
C ALA B 248 -4.85 58.90 15.36
N VAL B 249 -3.58 59.19 15.06
CA VAL B 249 -2.59 58.13 14.99
C VAL B 249 -2.39 57.45 16.32
N GLU B 250 -2.69 58.12 17.44
CA GLU B 250 -2.62 57.45 18.73
C GLU B 250 -3.69 56.38 18.84
N GLU B 251 -4.89 56.63 18.30
CA GLU B 251 -5.92 55.61 18.33
C GLU B 251 -5.60 54.47 17.35
N LEU B 252 -4.88 54.77 16.26
CA LEU B 252 -4.46 53.71 15.35
C LEU B 252 -3.43 52.80 16.02
N VAL B 253 -2.52 53.39 16.80
CA VAL B 253 -1.52 52.59 17.50
C VAL B 253 -2.18 51.69 18.53
N ARG B 254 -3.21 52.19 19.21
CA ARG B 254 -3.91 51.38 20.20
C ARG B 254 -4.68 50.24 19.53
N LEU B 255 -5.30 50.53 18.39
CA LEU B 255 -6.11 49.51 17.73
C LEU B 255 -5.24 48.49 17.00
N THR B 256 -4.07 48.90 16.51
CA THR B 256 -3.17 47.92 15.90
C THR B 256 -2.48 47.05 16.94
N GLY B 257 -2.69 47.31 18.23
CA GLY B 257 -2.21 46.44 19.27
C GLY B 257 -3.20 45.32 19.54
N PRO B 258 -2.75 44.27 20.20
CA PRO B 258 -3.61 43.11 20.46
C PRO B 258 -4.86 43.50 21.23
N ARG B 259 -6.02 43.23 20.64
CA ARG B 259 -7.30 43.56 21.25
C ARG B 259 -7.71 42.56 22.32
N ASP B 260 -7.13 41.37 22.32
CA ASP B 260 -7.41 40.27 23.23
C ASP B 260 -6.11 39.88 23.91
N PRO B 261 -6.13 39.54 25.21
CA PRO B 261 -4.88 39.13 25.86
C PRO B 261 -4.19 37.96 25.17
N ASN B 262 -4.93 37.11 24.47
CA ASN B 262 -4.32 35.98 23.80
C ASN B 262 -4.09 36.20 22.31
N SER B 263 -4.76 37.20 21.72
CA SER B 263 -4.63 37.46 20.28
C SER B 263 -3.29 38.15 20.00
N PRO B 264 -2.78 38.08 18.76
CA PRO B 264 -1.40 38.52 18.50
C PRO B 264 -1.21 40.02 18.34
N GLY B 265 -2.12 40.70 17.66
CA GLY B 265 -1.89 42.06 17.27
C GLY B 265 -1.21 42.15 15.91
N PHE B 266 -1.24 43.36 15.34
CA PHE B 266 -0.80 43.56 13.96
C PHE B 266 0.68 43.27 13.80
N THR B 267 1.03 42.76 12.62
CA THR B 267 2.42 42.59 12.24
C THR B 267 2.96 43.89 11.67
N PHE B 268 4.25 43.90 11.31
CA PHE B 268 4.80 44.98 10.52
C PHE B 268 4.16 45.02 9.15
N SER B 269 4.03 43.85 8.51
CA SER B 269 3.39 43.78 7.20
C SER B 269 1.95 44.24 7.24
N ASP B 270 1.26 43.97 8.35
CA ASP B 270 -0.14 44.39 8.47
C ASP B 270 -0.28 45.90 8.33
N ILE B 271 0.66 46.65 8.90
CA ILE B 271 0.53 48.10 8.94
C ILE B 271 0.92 48.72 7.61
N THR B 272 2.08 48.34 7.07
CA THR B 272 2.59 48.96 5.86
C THR B 272 1.87 48.49 4.59
N GLN B 273 1.60 47.18 4.46
CA GLN B 273 1.08 46.65 3.21
C GLN B 273 -0.43 46.45 3.19
N ARG B 274 -1.09 46.48 4.34
CA ARG B 274 -2.54 46.31 4.41
C ARG B 274 -3.23 47.56 4.95
N LEU B 275 -2.86 48.00 6.16
CA LEU B 275 -3.63 49.02 6.86
C LEU B 275 -3.61 50.34 6.11
N ILE B 276 -2.41 50.91 5.95
CA ILE B 276 -2.28 52.20 5.28
C ILE B 276 -2.78 52.15 3.84
N PRO B 277 -2.54 51.10 3.04
CA PRO B 277 -3.16 51.05 1.71
C PRO B 277 -4.68 51.10 1.75
N SER B 278 -5.31 50.32 2.62
CA SER B 278 -6.77 50.31 2.70
C SER B 278 -7.31 51.69 3.06
N ILE B 279 -6.61 52.42 3.92
CA ILE B 279 -7.04 53.78 4.28
C ILE B 279 -7.03 54.67 3.05
N ILE B 280 -5.92 54.66 2.30
CA ILE B 280 -5.81 55.47 1.10
C ILE B 280 -6.92 55.13 0.12
N LEU B 281 -7.12 53.83 -0.14
CA LEU B 281 -7.98 53.40 -1.24
C LEU B 281 -9.45 53.69 -0.97
N ALA B 282 -9.87 53.63 0.29
CA ALA B 282 -11.25 54.01 0.62
C ALA B 282 -11.51 55.49 0.35
N ALA B 283 -10.51 56.34 0.58
CA ALA B 283 -10.64 57.75 0.20
C ALA B 283 -10.56 57.91 -1.32
N TYR B 284 -9.72 57.11 -1.97
CA TYR B 284 -9.53 57.20 -3.41
C TYR B 284 -10.82 56.80 -4.15
N PRO B 285 -11.10 57.45 -5.29
CA PRO B 285 -10.33 58.55 -5.86
C PRO B 285 -11.00 59.92 -5.68
N TYR B 286 -12.11 59.96 -4.96
CA TYR B 286 -12.96 61.13 -4.89
C TYR B 286 -12.88 61.87 -3.56
N ASN B 287 -12.03 61.45 -2.64
CA ASN B 287 -12.01 62.07 -1.32
C ASN B 287 -10.60 62.04 -0.75
N ALA B 288 -10.36 62.97 0.17
CA ALA B 288 -9.16 62.97 1.00
C ALA B 288 -9.32 61.96 2.14
N VAL B 289 -8.21 61.70 2.83
CA VAL B 289 -8.24 60.79 3.97
C VAL B 289 -8.96 61.46 5.13
N SER B 290 -9.89 60.73 5.73
CA SER B 290 -10.72 61.23 6.81
C SER B 290 -10.43 60.47 8.09
N VAL B 291 -10.33 61.20 9.21
CA VAL B 291 -10.15 60.55 10.50
C VAL B 291 -11.30 59.59 10.77
N HIS B 292 -12.53 60.01 10.42
CA HIS B 292 -13.67 59.12 10.54
C HIS B 292 -13.49 57.86 9.70
N SER B 293 -12.97 58.01 8.47
CA SER B 293 -12.73 56.85 7.62
C SER B 293 -11.55 56.04 8.12
N ALA B 294 -10.46 56.70 8.53
CA ALA B 294 -9.31 55.98 9.06
C ALA B 294 -9.68 55.17 10.29
N LEU B 295 -10.55 55.72 11.14
CA LEU B 295 -11.00 54.96 12.30
C LEU B 295 -11.80 53.73 11.90
N GLN B 296 -12.59 53.84 10.83
CA GLN B 296 -13.51 52.75 10.49
C GLN B 296 -12.77 51.58 9.85
N VAL B 297 -11.84 51.84 8.93
CA VAL B 297 -11.10 50.76 8.29
C VAL B 297 -10.27 50.00 9.31
N VAL B 298 -9.76 50.67 10.33
CA VAL B 298 -8.93 50.00 11.33
C VAL B 298 -9.79 49.08 12.19
N ASN B 299 -10.94 49.57 12.66
CA ASN B 299 -11.83 48.73 13.47
C ASN B 299 -12.25 47.48 12.71
N LYS B 300 -12.52 47.61 11.41
CA LYS B 300 -12.90 46.44 10.62
C LYS B 300 -11.73 45.46 10.51
N THR B 302 -8.59 43.03 10.98
CA THR B 302 -8.01 42.13 11.96
C THR B 302 -6.61 41.73 11.54
N PRO B 303 -5.68 41.56 12.47
CA PRO B 303 -4.32 41.17 12.11
C PRO B 303 -4.31 39.78 11.49
N THR B 304 -3.19 39.45 10.87
CA THR B 304 -3.05 38.11 10.37
C THR B 304 -2.77 37.14 11.52
N PRO B 305 -3.42 35.98 11.54
CA PRO B 305 -3.22 35.04 12.65
C PRO B 305 -1.80 34.53 12.73
N ALA B 306 -1.52 33.80 13.80
CA ALA B 306 -0.19 33.30 14.10
C ALA B 306 -0.20 31.78 14.25
N PHE B 307 0.96 31.18 14.06
CA PHE B 307 1.13 29.76 14.33
C PHE B 307 1.02 29.50 15.83
N ILE B 308 0.44 28.36 16.18
CA ILE B 308 0.32 27.98 17.58
C ILE B 308 1.57 27.22 18.03
N VAL C 3 11.75 18.24 -20.12
CA VAL C 3 10.36 18.28 -20.57
C VAL C 3 9.56 19.26 -19.73
N LYS C 4 9.44 20.50 -20.21
CA LYS C 4 8.68 21.50 -19.49
C LYS C 4 7.20 21.10 -19.44
N PRO C 5 6.54 21.23 -18.29
CA PRO C 5 5.10 21.00 -18.26
C PRO C 5 4.38 22.02 -19.15
N SER C 6 3.32 21.56 -19.79
CA SER C 6 2.61 22.40 -20.74
C SER C 6 1.60 23.29 -20.03
N LEU C 7 1.13 24.31 -20.77
CA LEU C 7 0.11 25.21 -20.23
C LEU C 7 -1.14 24.46 -19.81
N ASP C 8 -1.56 23.48 -20.62
CA ASP C 8 -2.86 22.85 -20.39
C ASP C 8 -2.85 21.97 -19.15
N GLU C 9 -1.74 21.26 -18.90
CA GLU C 9 -1.67 20.41 -17.73
C GLU C 9 -1.70 21.23 -16.44
N LEU C 10 -1.03 22.38 -16.44
CA LEU C 10 -0.92 23.18 -15.22
C LEU C 10 -2.12 24.10 -15.02
N PHE C 11 -2.74 24.57 -16.09
CA PHE C 11 -3.56 25.78 -16.01
C PHE C 11 -4.98 25.65 -16.52
N GLU C 12 -5.47 24.44 -16.79
CA GLU C 12 -6.80 24.24 -17.37
C GLU C 12 -7.02 25.16 -18.57
N ARG C 13 -8.15 25.84 -18.62
CA ARG C 13 -8.58 26.59 -19.80
C ARG C 13 -8.72 28.06 -19.47
N ARG C 14 -7.97 28.88 -20.19
CA ARG C 14 -7.93 30.32 -19.96
C ARG C 14 -9.18 31.00 -20.50
N ILE C 15 -9.52 32.13 -19.87
CA ILE C 15 -10.67 32.95 -20.23
C ILE C 15 -10.18 34.32 -20.67
N ASN C 16 -10.81 34.87 -21.70
CA ASN C 16 -10.41 36.15 -22.27
C ASN C 16 -11.47 37.21 -22.05
N PHE C 17 -11.01 38.46 -21.94
CA PHE C 17 -11.86 39.60 -21.67
C PHE C 17 -11.46 40.73 -22.61
N PRO C 18 -12.41 41.61 -22.99
CA PRO C 18 -13.84 41.54 -22.67
C PRO C 18 -14.59 40.52 -23.52
N ASP C 19 -15.76 40.11 -23.05
CA ASP C 19 -16.55 39.10 -23.73
C ASP C 19 -17.99 39.24 -23.24
N PHE C 20 -18.92 38.66 -24.01
CA PHE C 20 -20.33 38.86 -23.72
C PHE C 20 -20.77 38.07 -22.48
N GLU C 21 -20.33 36.82 -22.37
CA GLU C 21 -20.71 35.99 -21.22
C GLU C 21 -20.27 36.59 -19.89
N PRO C 22 -18.99 36.95 -19.69
CA PRO C 22 -18.60 37.47 -18.36
C PRO C 22 -19.32 38.74 -17.98
N GLN C 23 -19.54 39.63 -18.95
CA GLN C 23 -20.29 40.85 -18.68
C GLN C 23 -21.70 40.54 -18.17
N GLU C 24 -22.34 39.54 -18.76
CA GLU C 24 -23.71 39.22 -18.36
C GLU C 24 -23.76 38.64 -16.96
N ARG C 25 -22.82 37.76 -16.62
CA ARG C 25 -22.84 37.13 -15.31
C ARG C 25 -22.50 38.12 -14.20
N LEU C 26 -21.49 38.97 -14.42
CA LEU C 26 -21.07 39.92 -13.39
C LEU C 26 -22.22 40.82 -12.98
N ALA C 27 -22.94 41.36 -13.95
CA ALA C 27 -24.02 42.29 -13.64
C ALA C 27 -25.16 41.63 -12.88
N ARG C 28 -25.29 40.30 -12.94
CA ARG C 28 -26.35 39.62 -12.21
C ARG C 28 -26.04 39.48 -10.72
N LEU C 29 -24.81 39.73 -10.31
CA LEU C 29 -24.45 39.62 -8.90
C LEU C 29 -25.18 40.64 -8.06
N VAL C 30 -25.84 40.17 -6.99
CA VAL C 30 -26.64 41.01 -6.11
C VAL C 30 -25.90 41.14 -4.79
N GLY C 31 -25.62 42.38 -4.39
CA GLY C 31 -25.03 42.66 -3.10
C GLY C 31 -23.53 42.67 -3.04
N LEU C 32 -22.84 42.56 -4.18
CA LEU C 32 -21.39 42.58 -4.21
C LEU C 32 -20.85 43.90 -4.75
N ASP C 33 -21.62 44.98 -4.65
CA ASP C 33 -21.22 46.25 -5.23
C ASP C 33 -19.95 46.80 -4.59
N GLU C 34 -19.90 46.78 -3.25
CA GLU C 34 -18.69 47.24 -2.56
C GLU C 34 -17.51 46.32 -2.81
N HIS C 35 -17.77 45.05 -3.16
CA HIS C 35 -16.67 44.15 -3.52
C HIS C 35 -16.16 44.43 -4.92
N LYS C 36 -17.06 44.77 -5.86
CA LYS C 36 -16.63 45.09 -7.21
C LYS C 36 -15.76 46.33 -7.24
N ASP C 37 -16.22 47.41 -6.60
CA ASP C 37 -15.46 48.66 -6.62
C ASP C 37 -14.08 48.45 -6.02
N ARG C 38 -14.01 47.83 -4.84
CA ARG C 38 -12.72 47.51 -4.23
C ARG C 38 -11.84 46.72 -5.20
N LEU C 39 -12.41 45.69 -5.82
CA LEU C 39 -11.62 44.80 -6.67
C LEU C 39 -11.19 45.51 -7.95
N SER C 40 -12.05 46.36 -8.51
CA SER C 40 -11.68 47.08 -9.72
C SER C 40 -10.68 48.21 -9.44
N LYS C 41 -10.73 48.80 -8.24
CA LYS C 41 -9.73 49.80 -7.88
C LYS C 41 -8.34 49.17 -7.86
N ILE C 42 -8.17 48.06 -7.15
CA ILE C 42 -6.85 47.44 -7.03
C ILE C 42 -6.36 46.99 -8.40
N LEU C 43 -7.23 46.31 -9.15
CA LEU C 43 -6.86 45.79 -10.46
C LEU C 43 -6.61 46.92 -11.46
N GLY C 44 -7.42 47.98 -11.39
CA GLY C 44 -7.18 49.13 -12.25
C GLY C 44 -5.89 49.87 -11.91
N LEU C 45 -5.51 49.90 -10.63
CA LEU C 45 -4.29 50.60 -10.26
C LEU C 45 -3.05 49.84 -10.71
N LEU C 46 -3.15 48.52 -10.83
CA LEU C 46 -2.02 47.75 -11.35
C LEU C 46 -1.85 47.96 -12.85
N VAL C 47 -2.94 48.15 -13.58
CA VAL C 47 -2.85 48.39 -15.02
C VAL C 47 -2.31 49.80 -15.30
N ASN C 48 -2.86 50.80 -14.61
CA ASN C 48 -2.51 52.20 -14.84
C ASN C 48 -2.18 52.86 -13.50
N PRO C 49 -0.90 53.00 -13.17
CA PRO C 49 -0.55 53.61 -11.87
C PRO C 49 -0.83 55.10 -11.79
N TYR C 50 -0.96 55.78 -12.93
CA TYR C 50 -1.05 57.23 -12.92
C TYR C 50 -2.31 57.72 -12.24
N GLY C 51 -3.38 56.94 -12.32
CA GLY C 51 -4.66 57.38 -11.79
C GLY C 51 -4.60 57.76 -10.32
N ILE C 52 -3.94 56.92 -9.52
CA ILE C 52 -3.82 57.21 -8.09
C ILE C 52 -2.81 58.31 -7.86
N GLN C 53 -1.75 58.38 -8.67
CA GLN C 53 -0.75 59.43 -8.52
C GLN C 53 -1.39 60.81 -8.72
N GLU C 54 -2.24 60.94 -9.74
CA GLU C 54 -2.96 62.19 -9.94
C GLU C 54 -3.84 62.51 -8.73
N TRP C 55 -4.46 61.48 -8.15
CA TRP C 55 -5.30 61.70 -6.96
C TRP C 55 -4.48 62.25 -5.80
N ALA C 56 -3.29 61.70 -5.57
CA ALA C 56 -2.43 62.19 -4.50
C ALA C 56 -2.13 63.66 -4.68
N LYS C 57 -1.69 64.05 -5.88
CA LYS C 57 -1.37 65.45 -6.14
C LYS C 57 -2.53 66.36 -5.75
N LYS C 58 -3.76 66.01 -6.16
CA LYS C 58 -4.89 66.89 -5.91
C LYS C 58 -5.26 66.94 -4.43
N TYR C 59 -5.15 65.81 -3.72
CA TYR C 59 -5.63 65.70 -2.35
C TYR C 59 -4.53 65.64 -1.30
N HIS C 60 -3.45 64.89 -1.55
CA HIS C 60 -2.38 64.72 -0.55
C HIS C 60 -1.03 64.80 -1.24
N PRO C 61 -0.58 66.01 -1.58
CA PRO C 61 0.71 66.14 -2.27
C PRO C 61 1.89 65.80 -1.40
N ASP C 62 1.79 65.98 -0.10
CA ASP C 62 2.94 65.83 0.79
C ASP C 62 3.29 64.36 1.04
N ALA C 63 2.34 63.45 0.82
CA ALA C 63 2.50 62.03 1.19
C ALA C 63 3.10 61.29 0.01
N ARG C 64 4.42 61.41 -0.14
CA ARG C 64 5.08 60.74 -1.25
C ARG C 64 5.25 59.24 -0.99
N ALA C 65 5.45 58.86 0.27
CA ALA C 65 5.68 57.44 0.56
C ALA C 65 4.40 56.64 0.50
N ALA C 66 3.26 57.29 0.75
CA ALA C 66 2.01 56.54 0.90
C ALA C 66 1.61 55.85 -0.40
N VAL C 67 1.68 56.58 -1.53
CA VAL C 67 1.24 56.01 -2.81
C VAL C 67 2.18 54.89 -3.24
N ASP C 68 3.46 54.97 -2.87
CA ASP C 68 4.40 53.92 -3.24
C ASP C 68 4.07 52.61 -2.53
N THR C 69 3.50 52.68 -1.32
CA THR C 69 3.14 51.47 -0.59
C THR C 69 1.98 50.74 -1.27
N VAL C 70 1.02 51.48 -1.81
CA VAL C 70 -0.13 50.86 -2.46
C VAL C 70 0.31 50.08 -3.69
N LEU C 71 1.28 50.60 -4.42
CA LEU C 71 1.72 49.95 -5.66
C LEU C 71 2.62 48.76 -5.39
N ARG C 72 3.40 48.79 -4.29
CA ARG C 72 4.42 47.77 -4.07
C ARG C 72 3.90 46.53 -3.37
N ARG C 73 2.65 46.53 -2.89
CA ARG C 73 2.09 45.36 -2.24
C ARG C 73 2.09 44.18 -3.20
N PRO C 74 2.05 42.95 -2.67
CA PRO C 74 1.84 41.79 -3.53
C PRO C 74 0.42 41.76 -4.04
N PRO C 75 0.23 41.71 -5.35
CA PRO C 75 -1.13 41.77 -5.90
C PRO C 75 -1.92 40.50 -5.62
N LEU C 76 -2.18 40.22 -4.34
CA LEU C 76 -2.98 39.08 -3.93
C LEU C 76 -4.24 39.58 -3.24
N VAL C 77 -5.39 39.08 -3.67
CA VAL C 77 -6.65 39.28 -2.96
C VAL C 77 -7.25 37.91 -2.69
N VAL C 78 -7.97 37.80 -1.57
CA VAL C 78 -8.57 36.56 -1.11
C VAL C 78 -10.08 36.76 -1.04
N LEU C 79 -10.82 35.88 -1.71
CA LEU C 79 -12.27 35.86 -1.65
C LEU C 79 -12.68 34.70 -0.73
N ALA C 80 -13.21 35.04 0.44
CA ALA C 80 -13.59 34.03 1.42
C ALA C 80 -14.99 34.32 1.95
N GLY C 81 -15.64 33.28 2.44
CA GLY C 81 -16.95 33.43 3.02
C GLY C 81 -17.78 32.17 2.84
N ASP C 82 -19.08 32.34 3.04
CA ASP C 82 -20.03 31.23 3.01
C ASP C 82 -20.10 30.62 1.61
N VAL C 83 -20.61 29.38 1.56
CA VAL C 83 -20.77 28.68 0.29
C VAL C 83 -21.85 29.37 -0.54
N GLY C 84 -21.71 29.28 -1.86
CA GLY C 84 -22.72 29.85 -2.75
C GLY C 84 -22.96 31.33 -2.53
N SER C 85 -21.89 32.09 -2.32
CA SER C 85 -22.00 33.51 -2.04
C SER C 85 -21.50 34.38 -3.18
N GLY C 86 -20.88 33.80 -4.19
CA GLY C 86 -20.41 34.55 -5.33
C GLY C 86 -18.90 34.71 -5.43
N LYS C 87 -18.13 33.96 -4.65
CA LYS C 87 -16.68 34.08 -4.71
C LYS C 87 -16.16 33.66 -6.07
N THR C 88 -16.57 32.48 -6.54
CA THR C 88 -16.08 31.99 -7.82
C THR C 88 -16.66 32.78 -8.99
N GLU C 89 -17.93 33.19 -8.88
CA GLU C 89 -18.56 33.95 -9.95
C GLU C 89 -17.95 35.34 -10.07
N LEU C 90 -17.71 36.01 -8.93
CA LEU C 90 -17.09 37.32 -8.97
C LEU C 90 -15.64 37.24 -9.41
N ALA C 91 -14.89 36.26 -8.88
CA ALA C 91 -13.48 36.12 -9.26
C ALA C 91 -13.34 35.91 -10.77
N GLU C 92 -14.24 35.12 -11.36
CA GLU C 92 -14.12 34.84 -12.78
C GLU C 92 -14.44 36.06 -13.63
N THR C 93 -15.55 36.74 -13.34
CA THR C 93 -16.05 37.78 -14.22
C THR C 93 -15.46 39.17 -13.93
N ILE C 94 -14.75 39.33 -12.81
CA ILE C 94 -14.30 40.67 -12.40
C ILE C 94 -13.32 41.25 -13.43
N GLY C 95 -12.58 40.39 -14.12
CA GLY C 95 -11.64 40.90 -15.11
C GLY C 95 -12.34 41.62 -16.25
N ASP C 96 -13.58 41.24 -16.55
CA ASP C 96 -14.30 41.85 -17.66
C ASP C 96 -14.55 43.34 -17.40
N ALA C 97 -15.17 43.66 -16.26
CA ALA C 97 -15.42 45.06 -15.93
C ALA C 97 -14.13 45.86 -15.86
N VAL C 98 -13.03 45.21 -15.45
CA VAL C 98 -11.74 45.88 -15.47
C VAL C 98 -11.26 46.07 -16.89
N ALA C 99 -11.48 45.09 -17.76
CA ALA C 99 -10.97 45.15 -19.12
C ALA C 99 -11.66 46.26 -19.92
N ARG C 100 -12.95 46.46 -19.71
CA ARG C 100 -13.69 47.47 -20.45
C ARG C 100 -13.37 48.88 -19.97
N GLN C 101 -13.18 49.06 -18.66
CA GLN C 101 -12.91 50.39 -18.14
C GLN C 101 -11.48 50.83 -18.42
N GLU C 102 -10.53 49.91 -18.43
CA GLU C 102 -9.14 50.23 -18.71
C GLU C 102 -8.79 50.12 -20.18
N ASP C 103 -9.75 49.75 -21.03
CA ASP C 103 -9.57 49.69 -22.48
C ASP C 103 -8.41 48.75 -22.86
N ILE C 104 -8.38 47.58 -22.23
CA ILE C 104 -7.39 46.55 -22.51
C ILE C 104 -8.08 45.19 -22.49
N ASP C 105 -7.36 44.19 -22.98
CA ASP C 105 -7.82 42.81 -22.98
C ASP C 105 -7.11 42.05 -21.86
N ILE C 106 -7.88 41.28 -21.10
CA ILE C 106 -7.38 40.55 -19.94
C ILE C 106 -7.56 39.06 -20.16
N THR C 107 -6.52 38.30 -19.83
CA THR C 107 -6.55 36.84 -19.90
C THR C 107 -6.48 36.26 -18.51
N LEU C 108 -7.41 35.36 -18.18
CA LEU C 108 -7.51 34.75 -16.86
C LEU C 108 -6.99 33.32 -16.92
N TYR C 109 -5.93 33.06 -16.16
CA TYR C 109 -5.38 31.71 -16.06
C TYR C 109 -5.93 31.03 -14.82
N PRO C 110 -6.75 29.99 -14.94
CA PRO C 110 -7.24 29.29 -13.75
C PRO C 110 -6.36 28.12 -13.36
N LEU C 111 -5.73 28.19 -12.19
CA LEU C 111 -4.77 27.17 -11.80
C LEU C 111 -5.48 25.82 -11.62
N SER C 112 -4.85 24.77 -12.15
CA SER C 112 -5.40 23.43 -12.07
C SER C 112 -4.89 22.72 -10.82
N LEU C 113 -5.68 21.74 -10.35
CA LEU C 113 -5.24 20.91 -9.24
C LEU C 113 -4.23 19.86 -9.65
N ALA C 114 -3.87 19.79 -10.94
CA ALA C 114 -2.83 18.87 -11.37
C ALA C 114 -1.47 19.26 -10.83
N THR C 115 -1.32 20.51 -10.38
CA THR C 115 -0.04 20.97 -9.86
C THR C 115 0.36 20.25 -8.57
N ARG C 116 -0.57 19.52 -7.94
CA ARG C 116 -0.22 18.74 -6.78
C ARG C 116 0.69 17.56 -7.13
N GLY C 117 0.59 17.07 -8.36
CA GLY C 117 1.42 15.96 -8.79
C GLY C 117 0.80 14.62 -8.42
N GLN C 118 1.55 13.56 -8.71
CA GLN C 118 1.09 12.20 -8.45
C GLN C 118 2.05 11.43 -7.54
N GLY C 119 2.90 12.15 -6.80
CA GLY C 119 3.63 11.57 -5.70
C GLY C 119 5.12 11.62 -5.82
N ARG C 120 5.68 12.12 -6.92
CA ARG C 120 7.13 12.17 -7.04
C ARG C 120 7.70 13.18 -6.06
N VAL C 121 8.93 12.94 -5.62
CA VAL C 121 9.52 13.84 -4.63
C VAL C 121 9.86 15.14 -5.33
N GLY C 122 9.36 16.25 -4.77
CA GLY C 122 9.58 17.56 -5.35
C GLY C 122 8.67 17.92 -6.50
N GLU C 123 7.80 17.01 -6.95
CA GLU C 123 7.00 17.25 -8.14
C GLU C 123 6.07 18.45 -7.96
N THR C 125 6.42 21.03 -5.94
CA THR C 125 7.19 22.26 -5.88
C THR C 125 7.56 22.75 -7.27
N GLN C 126 7.85 21.82 -8.19
CA GLN C 126 8.25 22.22 -9.54
C GLN C 126 7.04 22.50 -10.43
N LEU C 127 5.91 21.85 -10.17
CA LEU C 127 4.70 22.17 -10.92
C LEU C 127 4.15 23.54 -10.52
N VAL C 128 4.06 23.79 -9.21
CA VAL C 128 3.61 25.08 -8.72
C VAL C 128 4.55 26.19 -9.19
N SER C 129 5.86 25.95 -9.13
CA SER C 129 6.83 26.94 -9.61
C SER C 129 6.62 27.24 -11.09
N ALA C 130 6.48 26.19 -11.91
CA ALA C 130 6.37 26.39 -13.35
C ALA C 130 5.09 27.15 -13.70
N ALA C 131 4.04 26.99 -12.89
CA ALA C 131 2.80 27.71 -13.14
C ALA C 131 2.96 29.21 -12.94
N PHE C 132 3.75 29.62 -11.94
CA PHE C 132 4.01 31.04 -11.75
C PHE C 132 4.91 31.58 -12.86
N ASP C 133 5.83 30.76 -13.38
CA ASP C 133 6.68 31.18 -14.47
C ASP C 133 5.85 31.56 -15.69
N TYR C 134 4.87 30.72 -16.05
CA TYR C 134 3.96 31.05 -17.15
C TYR C 134 3.22 32.35 -16.88
N THR C 135 2.68 32.50 -15.67
CA THR C 135 2.02 33.75 -15.28
C THR C 135 2.95 34.94 -15.51
N ILE C 136 4.22 34.79 -15.18
CA ILE C 136 5.17 35.89 -15.27
C ILE C 136 5.60 36.11 -16.72
N GLU C 137 5.75 35.03 -17.49
CA GLU C 137 6.05 35.16 -18.92
C GLU C 137 4.96 35.97 -19.64
N ALA C 138 3.70 35.59 -19.44
CA ALA C 138 2.61 36.28 -20.12
C ALA C 138 2.56 37.75 -19.75
N ALA C 139 2.79 38.06 -18.47
CA ALA C 139 2.72 39.46 -18.03
C ALA C 139 3.96 40.24 -18.43
N ASP C 140 5.12 39.58 -18.49
CA ASP C 140 6.36 40.25 -18.88
C ASP C 140 6.25 40.86 -20.27
N LYS C 141 5.56 40.16 -21.18
CA LYS C 141 5.32 40.70 -22.51
C LYS C 141 4.40 41.92 -22.45
N LEU C 142 3.41 41.89 -21.55
CA LEU C 142 2.40 42.93 -21.51
C LEU C 142 2.84 44.22 -20.82
N LYS C 143 3.84 44.15 -19.95
CA LYS C 143 4.28 45.34 -19.20
C LYS C 143 4.95 46.36 -20.10
N LYS C 148 0.81 53.17 -18.61
CA LYS C 148 -0.23 52.34 -19.25
C LYS C 148 0.28 50.93 -19.52
N ALA C 149 -0.55 49.94 -19.22
CA ALA C 149 -0.20 48.54 -19.44
C ALA C 149 -0.95 48.02 -20.66
N ARG C 150 -0.23 47.29 -21.53
CA ARG C 150 -0.84 46.79 -22.75
C ARG C 150 -1.96 45.79 -22.44
N GLY C 151 -1.77 44.98 -21.40
CA GLY C 151 -2.79 44.04 -20.99
C GLY C 151 -2.55 43.65 -19.55
N ALA C 152 -3.46 42.82 -19.04
CA ALA C 152 -3.37 42.33 -17.68
C ALA C 152 -3.57 40.82 -17.67
N VAL C 153 -2.96 40.17 -16.68
CA VAL C 153 -3.03 38.72 -16.50
C VAL C 153 -3.61 38.43 -15.13
N LEU C 154 -4.57 37.53 -15.06
CA LEU C 154 -5.19 37.11 -13.81
C LEU C 154 -4.88 35.64 -13.56
N LEU C 155 -4.34 35.35 -12.39
CA LEU C 155 -4.08 33.98 -11.96
C LEU C 155 -5.13 33.61 -10.91
N LEU C 156 -6.02 32.67 -11.26
CA LEU C 156 -7.11 32.27 -10.39
C LEU C 156 -6.82 30.93 -9.75
N ILE C 157 -7.14 30.83 -8.46
CA ILE C 157 -6.98 29.61 -7.66
C ILE C 157 -8.24 29.41 -6.85
N ASP C 158 -9.26 28.78 -7.44
CA ASP C 158 -10.56 28.69 -6.79
C ASP C 158 -10.58 27.66 -5.68
N GLN C 159 -9.85 26.56 -5.85
CA GLN C 159 -9.68 25.57 -4.77
C GLN C 159 -8.42 25.91 -3.97
N ALA C 160 -8.46 27.08 -3.30
CA ALA C 160 -7.25 27.62 -2.70
C ALA C 160 -6.88 26.90 -1.41
N ASP C 161 -7.86 26.44 -0.63
CA ASP C 161 -7.53 25.78 0.63
C ASP C 161 -6.80 24.47 0.42
N ALA C 162 -7.00 23.84 -0.74
CA ALA C 162 -6.29 22.59 -1.03
C ALA C 162 -4.83 22.84 -1.35
N LEU C 163 -4.51 23.97 -1.97
CA LEU C 163 -3.15 24.26 -2.41
C LEU C 163 -2.33 24.90 -1.30
N ALA C 164 -2.85 25.95 -0.67
CA ALA C 164 -2.19 26.60 0.45
C ALA C 164 -2.88 26.15 1.73
N GLN C 165 -2.24 25.23 2.45
CA GLN C 165 -2.73 24.78 3.74
C GLN C 165 -1.67 25.11 4.78
N SER C 166 -2.12 25.55 5.96
CA SER C 166 -1.22 25.89 7.05
C SER C 166 -0.25 24.74 7.33
N ARG C 167 1.04 25.03 7.23
CA ARG C 167 2.06 24.01 7.41
C ARG C 167 2.10 23.42 8.82
N GLU C 168 1.44 24.07 9.79
CA GLU C 168 1.42 23.56 11.14
C GLU C 168 0.57 22.30 11.27
N ASN C 169 -0.32 22.04 10.31
CA ASN C 169 -1.15 20.86 10.35
C ASN C 169 -0.30 19.60 10.32
N ALA C 170 -0.64 18.62 11.16
CA ALA C 170 0.17 17.43 11.28
C ALA C 170 -0.10 16.43 10.15
N GLN C 171 -1.32 16.42 9.62
CA GLN C 171 -1.72 15.42 8.63
C GLN C 171 -1.46 15.95 7.22
N HIS C 173 1.95 15.70 4.03
CA HIS C 173 3.28 15.28 3.64
C HIS C 173 4.25 16.45 3.72
N HIS C 174 5.54 16.14 3.64
CA HIS C 174 6.54 17.19 3.48
C HIS C 174 6.35 17.90 2.16
N GLU C 175 5.95 17.17 1.11
CA GLU C 175 5.74 17.78 -0.20
C GLU C 175 4.55 18.73 -0.19
N ASP C 176 3.56 18.48 0.67
CA ASP C 176 2.47 19.43 0.82
C ASP C 176 2.97 20.74 1.42
N ARG C 177 3.89 20.65 2.38
CA ARG C 177 4.42 21.86 3.00
C ARG C 177 5.37 22.57 2.05
N ALA C 178 6.12 21.82 1.24
CA ALA C 178 6.96 22.45 0.22
C ALA C 178 6.12 23.10 -0.86
N GLY C 179 4.92 22.56 -1.11
CA GLY C 179 4.04 23.17 -2.10
C GLY C 179 3.47 24.50 -1.65
N VAL C 180 3.28 24.66 -0.35
CA VAL C 180 2.90 25.97 0.17
C VAL C 180 4.05 26.96 0.03
N ASN C 181 5.26 26.50 0.34
CA ASN C 181 6.43 27.38 0.23
C ASN C 181 6.68 27.78 -1.22
N ALA C 182 6.58 26.83 -2.15
CA ALA C 182 6.67 27.18 -3.57
C ALA C 182 5.57 28.16 -3.95
N PHE C 183 4.36 27.94 -3.42
CA PHE C 183 3.25 28.85 -3.63
C PHE C 183 3.58 30.25 -3.11
N ILE C 184 4.22 30.33 -1.95
CA ILE C 184 4.60 31.61 -1.37
C ILE C 184 5.61 32.32 -2.25
N ARG C 185 6.68 31.63 -2.60
CA ARG C 185 7.77 32.26 -3.34
C ARG C 185 7.30 32.78 -4.70
N GLY C 186 6.39 32.04 -5.34
CA GLY C 186 5.83 32.51 -6.60
C GLY C 186 5.07 33.81 -6.46
N ILE C 187 4.38 34.00 -5.33
CA ILE C 187 3.68 35.27 -5.07
C ILE C 187 4.69 36.38 -4.86
N ASP C 188 5.72 36.12 -4.04
CA ASP C 188 6.78 37.10 -3.84
C ASP C 188 7.46 37.45 -5.16
N ARG C 189 7.58 36.46 -6.05
CA ARG C 189 8.25 36.67 -7.33
C ARG C 189 7.48 37.63 -8.23
N ILE C 190 6.15 37.55 -8.21
CA ILE C 190 5.33 38.44 -9.03
C ILE C 190 5.43 39.87 -8.51
N ALA C 191 5.43 40.05 -7.18
CA ALA C 191 5.48 41.40 -6.62
C ALA C 191 6.82 42.08 -6.91
N ASN C 192 7.92 41.31 -6.86
CA ASN C 192 9.24 41.88 -7.07
C ASN C 192 9.35 42.55 -8.43
N GLN C 193 8.69 42.00 -9.44
CA GLN C 193 8.68 42.58 -10.77
C GLN C 193 7.48 43.51 -10.92
N LYS C 194 7.51 44.34 -11.96
CA LYS C 194 6.48 45.33 -12.20
C LYS C 194 5.31 44.79 -13.00
N LEU C 195 5.22 43.48 -13.17
CA LEU C 195 4.32 42.92 -14.16
C LEU C 195 2.86 43.17 -13.76
N PRO C 196 1.98 43.42 -14.75
CA PRO C 196 0.54 43.63 -14.46
C PRO C 196 -0.20 42.30 -14.33
N ALA C 197 0.10 41.58 -13.24
CA ALA C 197 -0.53 40.30 -12.95
C ALA C 197 -1.02 40.30 -11.52
N ALA C 198 -2.24 39.80 -11.31
CA ALA C 198 -2.82 39.71 -9.97
C ALA C 198 -3.32 38.30 -9.73
N VAL C 199 -3.02 37.77 -8.54
CA VAL C 199 -3.45 36.44 -8.14
C VAL C 199 -4.69 36.57 -7.28
N LEU C 200 -5.75 35.85 -7.64
CA LEU C 200 -6.98 35.80 -6.87
C LEU C 200 -7.21 34.37 -6.41
N CYS C 202 -9.87 31.83 -3.87
CA CYS C 202 -11.13 31.68 -3.16
C CYS C 202 -11.07 30.45 -2.25
N THR C 203 -11.63 30.59 -1.06
CA THR C 203 -11.65 29.49 -0.11
C THR C 203 -12.96 29.49 0.67
N ASN C 204 -13.45 28.29 0.98
CA ASN C 204 -14.61 28.14 1.86
C ASN C 204 -14.23 28.36 3.32
N ARG C 205 -12.97 28.11 3.67
CA ARG C 205 -12.51 28.19 5.05
C ARG C 205 -11.25 29.05 5.07
N LEU C 206 -11.42 30.33 5.44
CA LEU C 206 -10.28 31.24 5.48
C LEU C 206 -9.24 30.78 6.50
N LYS C 207 -9.70 30.18 7.61
CA LYS C 207 -8.78 29.78 8.68
C LYS C 207 -7.83 28.67 8.23
N ALA C 208 -8.25 27.82 7.29
CA ALA C 208 -7.36 26.78 6.80
C ALA C 208 -6.15 27.33 6.06
N LEU C 209 -6.23 28.55 5.54
CA LEU C 209 -5.12 29.10 4.77
C LEU C 209 -3.92 29.41 5.65
N ASP C 210 -2.75 29.43 5.05
CA ASP C 210 -1.51 29.57 5.80
C ASP C 210 -1.32 31.04 6.22
N PRO C 211 -0.80 31.28 7.43
CA PRO C 211 -0.57 32.67 7.84
C PRO C 211 0.37 33.43 6.92
N ALA C 212 1.39 32.76 6.38
CA ALA C 212 2.28 33.42 5.43
C ALA C 212 1.55 33.80 4.15
N VAL C 213 0.55 33.02 3.75
CA VAL C 213 -0.29 33.42 2.63
C VAL C 213 -1.16 34.60 3.00
N GLN C 214 -1.77 34.56 4.18
CA GLN C 214 -2.77 35.55 4.55
C GLN C 214 -2.18 36.94 4.71
N ARG C 215 -0.90 37.05 5.10
CA ARG C 215 -0.32 38.37 5.27
C ARG C 215 -0.04 39.04 3.93
N ARG C 216 0.28 38.24 2.90
CA ARG C 216 0.50 38.76 1.56
C ARG C 216 -0.79 39.14 0.85
N ALA C 217 -1.95 38.92 1.47
CA ALA C 217 -3.22 39.29 0.86
C ALA C 217 -3.38 40.80 0.93
N ALA C 218 -3.26 41.47 -0.23
CA ALA C 218 -3.45 42.91 -0.28
C ALA C 218 -4.84 43.31 0.20
N GLU C 219 -5.84 42.47 -0.03
CA GLU C 219 -7.20 42.70 0.45
C GLU C 219 -7.88 41.36 0.65
N ILE C 220 -8.70 41.27 1.70
CA ILE C 220 -9.49 40.08 2.00
C ILE C 220 -10.95 40.46 1.97
N LEU C 221 -11.72 39.82 1.09
CA LEU C 221 -13.13 40.12 0.88
C LEU C 221 -13.97 39.02 1.50
N THR C 222 -14.92 39.42 2.34
CA THR C 222 -15.75 38.49 3.11
C THR C 222 -17.12 38.38 2.45
N PHE C 223 -17.51 37.16 2.11
CA PHE C 223 -18.79 36.90 1.45
C PHE C 223 -19.73 36.25 2.44
N SER C 224 -20.95 36.79 2.54
CA SER C 224 -21.93 36.29 3.50
C SER C 224 -23.26 36.07 2.79
N ARG C 225 -24.17 35.41 3.51
CA ARG C 225 -25.50 35.12 2.99
C ARG C 225 -26.31 36.41 2.85
N PRO C 226 -27.29 36.44 1.94
CA PRO C 226 -28.00 37.70 1.67
C PRO C 226 -28.90 38.13 2.82
N ASN C 227 -28.99 39.45 3.01
CA ASN C 227 -29.91 40.05 3.96
C ASN C 227 -31.30 40.17 3.32
N ASP C 228 -32.22 40.85 4.01
CA ASP C 228 -33.58 40.96 3.50
C ASP C 228 -33.62 41.72 2.18
N GLU C 229 -32.84 42.80 2.08
CA GLU C 229 -32.81 43.57 0.84
C GLU C 229 -32.29 42.74 -0.32
N GLN C 230 -31.13 42.12 -0.14
CA GLN C 230 -30.53 41.33 -1.21
C GLN C 230 -31.41 40.14 -1.57
N ARG C 231 -32.04 39.50 -0.57
CA ARG C 231 -32.97 38.42 -0.87
C ARG C 231 -34.19 38.94 -1.60
N HIS C 232 -34.68 40.12 -1.21
CA HIS C 232 -35.84 40.68 -1.88
C HIS C 232 -35.54 40.98 -3.34
N TYR C 233 -34.43 41.68 -3.60
CA TYR C 233 -34.07 41.99 -4.98
C TYR C 233 -33.87 40.72 -5.79
N LEU C 234 -33.19 39.73 -5.21
CA LEU C 234 -32.89 38.51 -5.94
C LEU C 234 -34.15 37.72 -6.26
N LEU C 235 -35.03 37.53 -5.27
CA LEU C 235 -36.30 36.85 -5.53
C LEU C 235 -37.17 37.65 -6.49
N HIS C 236 -37.27 38.96 -6.29
CA HIS C 236 -38.12 39.78 -7.15
C HIS C 236 -37.64 39.75 -8.59
N SER C 237 -36.33 39.69 -8.80
CA SER C 237 -35.80 39.71 -10.16
C SER C 237 -36.19 38.45 -10.93
N LYS C 238 -36.10 37.29 -10.27
CA LYS C 238 -36.30 36.02 -10.95
C LYS C 238 -37.69 35.42 -10.73
N LEU C 239 -38.50 35.97 -9.85
CA LEU C 239 -39.89 35.56 -9.75
C LEU C 239 -40.81 36.40 -10.63
N THR C 240 -40.26 37.30 -11.43
CA THR C 240 -41.07 38.11 -12.34
C THR C 240 -41.65 37.23 -13.44
N GLY C 241 -42.93 37.42 -13.74
CA GLY C 241 -43.60 36.65 -14.77
C GLY C 241 -44.26 35.38 -14.31
N LEU C 242 -44.09 34.98 -13.05
CA LEU C 242 -44.71 33.78 -12.51
C LEU C 242 -46.02 34.06 -11.79
N GLY C 243 -46.57 35.25 -11.96
CA GLY C 243 -47.86 35.56 -11.35
C GLY C 243 -47.86 35.49 -9.83
N LEU C 244 -46.77 35.91 -9.20
CA LEU C 244 -46.66 35.93 -7.75
C LEU C 244 -46.70 37.38 -7.27
N ASN C 245 -47.68 37.70 -6.43
CA ASN C 245 -47.93 39.08 -6.05
C ASN C 245 -46.93 39.57 -5.00
N SER C 246 -47.02 40.86 -4.70
CA SER C 246 -46.06 41.48 -3.81
C SER C 246 -46.13 40.88 -2.41
N THR C 247 -47.34 40.53 -1.95
CA THR C 247 -47.46 39.89 -0.64
C THR C 247 -46.77 38.54 -0.63
N ALA C 248 -46.84 37.81 -1.74
CA ALA C 248 -46.24 36.47 -1.81
C ALA C 248 -44.72 36.55 -1.80
N VAL C 249 -44.14 37.44 -2.61
CA VAL C 249 -42.69 37.56 -2.62
C VAL C 249 -42.18 38.03 -1.27
N GLU C 250 -42.94 38.88 -0.58
CA GLU C 250 -42.55 39.30 0.77
C GLU C 250 -42.57 38.12 1.73
N GLU C 251 -43.59 37.25 1.63
CA GLU C 251 -43.62 36.03 2.43
C GLU C 251 -42.42 35.14 2.15
N LEU C 252 -42.09 34.95 0.86
CA LEU C 252 -40.94 34.12 0.50
C LEU C 252 -39.64 34.72 1.03
N VAL C 253 -39.55 36.05 1.12
CA VAL C 253 -38.32 36.67 1.62
C VAL C 253 -38.18 36.44 3.11
N ARG C 254 -39.29 36.57 3.87
CA ARG C 254 -39.24 36.24 5.30
C ARG C 254 -38.80 34.81 5.52
N LEU C 255 -39.44 33.87 4.83
CA LEU C 255 -39.21 32.45 5.09
C LEU C 255 -37.81 32.01 4.67
N THR C 256 -37.25 32.63 3.63
CA THR C 256 -35.88 32.33 3.22
C THR C 256 -34.85 33.05 4.07
N GLY C 257 -35.14 33.25 5.36
CA GLY C 257 -34.20 33.86 6.27
C GLY C 257 -33.99 33.00 7.50
N PRO C 258 -33.00 33.36 8.33
CA PRO C 258 -32.75 32.56 9.53
C PRO C 258 -33.95 32.59 10.45
N ARG C 259 -34.45 31.41 10.79
CA ARG C 259 -35.63 31.26 11.63
C ARG C 259 -35.28 31.14 13.12
N ASP C 260 -33.99 31.16 13.46
CA ASP C 260 -33.54 31.05 14.84
C ASP C 260 -32.14 31.65 14.93
N PRO C 261 -31.68 32.02 16.13
CA PRO C 261 -30.25 32.37 16.26
C PRO C 261 -29.33 31.26 15.76
N ASN C 262 -29.73 30.00 15.93
CA ASN C 262 -28.89 28.90 15.46
C ASN C 262 -28.95 28.78 13.94
N SER C 263 -30.14 28.90 13.35
CA SER C 263 -30.30 28.64 11.93
C SER C 263 -29.53 29.68 11.10
N PRO C 264 -28.82 29.27 10.06
CA PRO C 264 -27.94 30.22 9.35
C PRO C 264 -28.66 31.14 8.40
N GLY C 265 -29.75 30.69 7.77
CA GLY C 265 -30.42 31.48 6.76
C GLY C 265 -29.97 31.11 5.35
N PHE C 266 -30.79 31.48 4.38
CA PHE C 266 -30.59 31.02 3.01
C PHE C 266 -29.37 31.68 2.36
N THR C 267 -28.65 30.91 1.56
CA THR C 267 -27.53 31.42 0.80
C THR C 267 -28.01 31.99 -0.53
N PHE C 268 -27.08 32.62 -1.26
CA PHE C 268 -27.41 33.12 -2.59
C PHE C 268 -27.73 31.97 -3.53
N SER C 269 -26.89 30.93 -3.53
CA SER C 269 -27.10 29.80 -4.43
C SER C 269 -28.35 29.01 -4.07
N ASP C 270 -28.69 28.94 -2.77
CA ASP C 270 -29.89 28.22 -2.37
C ASP C 270 -31.15 28.88 -2.92
N ILE C 271 -31.14 30.20 -3.05
CA ILE C 271 -32.30 30.89 -3.59
C ILE C 271 -32.38 30.70 -5.10
N THR C 272 -31.24 30.88 -5.80
CA THR C 272 -31.27 30.84 -7.26
C THR C 272 -31.29 29.42 -7.79
N GLN C 273 -30.48 28.53 -7.22
CA GLN C 273 -30.26 27.21 -7.79
C GLN C 273 -31.01 26.10 -7.05
N ARG C 274 -31.90 26.45 -6.12
CA ARG C 274 -32.70 25.43 -5.45
C ARG C 274 -34.15 25.86 -5.35
N LEU C 275 -34.39 26.99 -4.69
CA LEU C 275 -35.75 27.41 -4.38
C LEU C 275 -36.56 27.65 -5.65
N ILE C 276 -36.08 28.56 -6.51
CA ILE C 276 -36.84 28.89 -7.73
C ILE C 276 -37.08 27.68 -8.60
N PRO C 277 -36.08 26.86 -8.96
CA PRO C 277 -36.36 25.73 -9.83
C PRO C 277 -37.26 24.68 -9.18
N SER C 278 -37.18 24.49 -7.87
CA SER C 278 -38.10 23.57 -7.21
C SER C 278 -39.52 24.11 -7.23
N ILE C 279 -39.70 25.43 -7.18
CA ILE C 279 -41.03 26.00 -7.31
C ILE C 279 -41.57 25.76 -8.72
N ILE C 280 -40.70 25.87 -9.73
CA ILE C 280 -41.12 25.61 -11.10
C ILE C 280 -41.42 24.13 -11.31
N LEU C 281 -40.55 23.25 -10.79
CA LEU C 281 -40.72 21.82 -11.04
C LEU C 281 -41.99 21.27 -10.42
N ALA C 282 -42.43 21.83 -9.29
CA ALA C 282 -43.68 21.39 -8.68
C ALA C 282 -44.87 21.72 -9.57
N ALA C 283 -44.85 22.89 -10.22
CA ALA C 283 -45.90 23.23 -11.18
C ALA C 283 -45.74 22.49 -12.50
N TYR C 284 -44.49 22.20 -12.90
CA TYR C 284 -44.24 21.55 -14.18
C TYR C 284 -44.75 20.11 -14.15
N PRO C 285 -45.28 19.60 -15.28
CA PRO C 285 -45.53 20.30 -16.53
C PRO C 285 -47.01 20.55 -16.84
N TYR C 286 -47.89 20.26 -15.87
CA TYR C 286 -49.33 20.36 -16.09
C TYR C 286 -49.99 21.47 -15.28
N ASN C 287 -49.21 22.33 -14.62
CA ASN C 287 -49.77 23.37 -13.77
C ASN C 287 -48.95 24.64 -13.87
N ALA C 288 -49.60 25.76 -13.61
CA ALA C 288 -48.91 27.03 -13.45
C ALA C 288 -48.30 27.13 -12.06
N VAL C 289 -47.31 28.01 -11.93
CA VAL C 289 -46.78 28.36 -10.62
C VAL C 289 -47.90 28.93 -9.77
N SER C 290 -48.13 28.31 -8.62
CA SER C 290 -49.15 28.74 -7.68
C SER C 290 -48.51 29.32 -6.44
N VAL C 291 -49.19 30.30 -5.84
CA VAL C 291 -48.71 30.86 -4.58
C VAL C 291 -48.68 29.77 -3.51
N HIS C 292 -49.68 28.89 -3.50
CA HIS C 292 -49.72 27.84 -2.50
C HIS C 292 -48.61 26.82 -2.70
N SER C 293 -48.27 26.55 -3.96
CA SER C 293 -47.14 25.66 -4.24
C SER C 293 -45.84 26.27 -3.74
N ALA C 294 -45.62 27.55 -4.03
CA ALA C 294 -44.38 28.21 -3.61
C ALA C 294 -44.25 28.22 -2.08
N LEU C 295 -45.36 28.39 -1.37
CA LEU C 295 -45.32 28.35 0.08
C LEU C 295 -45.02 26.96 0.60
N GLN C 296 -45.56 25.93 -0.05
CA GLN C 296 -45.22 24.55 0.32
C GLN C 296 -43.76 24.25 0.07
N VAL C 297 -43.22 24.73 -1.05
CA VAL C 297 -41.85 24.40 -1.43
C VAL C 297 -40.85 25.04 -0.48
N VAL C 298 -41.08 26.30 -0.10
CA VAL C 298 -40.16 26.99 0.81
C VAL C 298 -40.13 26.31 2.16
N ASN C 299 -41.30 25.88 2.66
CA ASN C 299 -41.37 25.31 4.00
C ASN C 299 -40.72 23.93 4.05
N LYS C 300 -40.85 23.14 2.99
CA LYS C 300 -40.09 21.90 2.90
C LYS C 300 -38.60 22.19 3.03
N THR C 302 -34.76 23.51 3.46
CA THR C 302 -33.89 24.06 4.49
C THR C 302 -32.63 24.63 3.85
N PRO C 303 -32.06 25.69 4.43
CA PRO C 303 -30.81 26.23 3.89
C PRO C 303 -29.68 25.22 4.03
N THR C 304 -28.62 25.43 3.25
CA THR C 304 -27.46 24.55 3.36
C THR C 304 -26.77 24.80 4.69
N PRO C 305 -26.41 23.74 5.42
CA PRO C 305 -25.69 23.96 6.68
C PRO C 305 -24.36 24.65 6.44
N ALA C 306 -23.98 25.49 7.39
CA ALA C 306 -22.75 26.26 7.26
C ALA C 306 -21.58 25.54 7.92
N PHE C 307 -20.38 26.04 7.67
CA PHE C 307 -19.20 25.51 8.34
C PHE C 307 -19.21 25.92 9.81
N ILE C 308 -18.62 25.08 10.66
CA ILE C 308 -18.54 25.37 12.09
C ILE C 308 -17.64 26.57 12.35
N ASP C 309 -16.51 26.66 11.63
CA ASP C 309 -15.58 27.78 11.80
C ASP C 309 -16.16 29.08 11.26
N VAL D 3 0.93 9.41 -17.89
CA VAL D 3 0.01 8.40 -18.37
C VAL D 3 -1.33 8.49 -17.64
N LYS D 4 -2.41 8.53 -18.42
CA LYS D 4 -3.75 8.63 -17.85
C LYS D 4 -4.19 7.26 -17.34
N PRO D 5 -4.92 7.20 -16.22
CA PRO D 5 -5.48 5.92 -15.77
C PRO D 5 -6.61 5.49 -16.68
N SER D 6 -6.71 4.18 -16.89
CA SER D 6 -7.73 3.64 -17.77
C SER D 6 -9.13 3.82 -17.17
N LEU D 7 -10.14 3.59 -18.01
CA LEU D 7 -11.52 3.63 -17.52
C LEU D 7 -11.78 2.52 -16.51
N ASP D 8 -11.25 1.32 -16.76
CA ASP D 8 -11.49 0.20 -15.86
C ASP D 8 -10.91 0.45 -14.48
N GLU D 9 -9.82 1.22 -14.41
CA GLU D 9 -9.22 1.53 -13.12
C GLU D 9 -10.20 2.28 -12.21
N LEU D 10 -11.07 3.10 -12.80
CA LEU D 10 -11.84 4.07 -12.02
C LEU D 10 -13.34 3.81 -11.99
N PHE D 11 -13.88 2.94 -12.86
CA PHE D 11 -15.31 3.00 -13.13
C PHE D 11 -16.02 1.65 -13.15
N GLU D 12 -15.42 0.60 -12.59
CA GLU D 12 -16.08 -0.72 -12.49
C GLU D 12 -16.48 -1.14 -13.91
N ARG D 13 -17.73 -1.54 -14.14
CA ARG D 13 -18.22 -1.94 -15.45
C ARG D 13 -19.47 -1.13 -15.76
N ARG D 14 -19.51 -0.54 -16.95
CA ARG D 14 -20.58 0.39 -17.30
C ARG D 14 -21.86 -0.36 -17.63
N ILE D 15 -22.98 0.32 -17.46
CA ILE D 15 -24.32 -0.23 -17.69
C ILE D 15 -25.02 0.66 -18.69
N ASN D 16 -25.66 0.05 -19.68
CA ASN D 16 -26.31 0.75 -20.78
C ASN D 16 -27.81 0.55 -20.73
N PHE D 17 -28.55 1.63 -21.01
CA PHE D 17 -30.01 1.63 -21.04
C PHE D 17 -30.51 2.05 -22.42
N PRO D 18 -31.68 1.57 -22.85
CA PRO D 18 -32.62 0.73 -22.09
C PRO D 18 -32.23 -0.75 -22.08
N ASP D 19 -32.58 -1.41 -20.99
CA ASP D 19 -32.38 -2.84 -20.83
C ASP D 19 -33.56 -3.41 -20.06
N PHE D 20 -33.82 -4.71 -20.25
CA PHE D 20 -35.03 -5.29 -19.67
C PHE D 20 -34.87 -5.49 -18.16
N GLU D 21 -33.72 -6.04 -17.73
CA GLU D 21 -33.50 -6.27 -16.29
C GLU D 21 -33.66 -4.99 -15.48
N PRO D 22 -32.98 -3.88 -15.79
CA PRO D 22 -33.18 -2.68 -14.96
C PRO D 22 -34.61 -2.21 -14.93
N GLN D 23 -35.34 -2.34 -16.03
CA GLN D 23 -36.73 -1.90 -16.06
C GLN D 23 -37.58 -2.69 -15.09
N GLU D 24 -37.30 -3.99 -14.95
CA GLU D 24 -38.08 -4.82 -14.03
C GLU D 24 -37.88 -4.38 -12.59
N ARG D 25 -36.62 -4.11 -12.21
CA ARG D 25 -36.33 -3.67 -10.85
C ARG D 25 -37.05 -2.37 -10.53
N LEU D 26 -37.03 -1.42 -11.46
CA LEU D 26 -37.69 -0.14 -11.23
C LEU D 26 -39.19 -0.31 -11.03
N ALA D 27 -39.82 -1.20 -11.81
CA ALA D 27 -41.26 -1.43 -11.68
C ALA D 27 -41.62 -2.12 -10.37
N ARG D 28 -40.66 -2.81 -9.74
CA ARG D 28 -40.91 -3.51 -8.49
C ARG D 28 -40.74 -2.63 -7.26
N LEU D 29 -40.10 -1.47 -7.40
CA LEU D 29 -40.03 -0.52 -6.29
C LEU D 29 -41.42 -0.02 -5.95
N VAL D 30 -41.69 0.09 -4.65
CA VAL D 30 -42.99 0.53 -4.15
C VAL D 30 -42.80 1.78 -3.28
N GLY D 31 -43.70 2.74 -3.45
CA GLY D 31 -43.69 3.96 -2.67
C GLY D 31 -42.78 5.06 -3.16
N LEU D 32 -42.00 4.82 -4.22
CA LEU D 32 -41.02 5.78 -4.71
C LEU D 32 -41.49 6.48 -5.99
N ASP D 33 -42.80 6.52 -6.23
CA ASP D 33 -43.30 7.09 -7.48
C ASP D 33 -42.93 8.56 -7.60
N GLU D 34 -43.17 9.34 -6.53
CA GLU D 34 -42.82 10.76 -6.55
C GLU D 34 -41.31 10.96 -6.70
N HIS D 35 -40.51 10.06 -6.14
CA HIS D 35 -39.06 10.12 -6.36
C HIS D 35 -38.73 9.90 -7.83
N LYS D 36 -39.28 8.84 -8.42
CA LYS D 36 -39.15 8.62 -9.85
C LYS D 36 -39.58 9.86 -10.64
N ASP D 37 -40.75 10.40 -10.31
CA ASP D 37 -41.30 11.52 -11.06
C ASP D 37 -40.35 12.72 -11.03
N ARG D 38 -39.86 13.08 -9.84
CA ARG D 38 -38.92 14.18 -9.74
C ARG D 38 -37.60 13.85 -10.43
N LEU D 39 -37.10 12.63 -10.22
CA LEU D 39 -35.83 12.23 -10.81
C LEU D 39 -35.93 12.17 -12.34
N SER D 40 -37.11 11.85 -12.86
CA SER D 40 -37.29 11.80 -14.31
C SER D 40 -37.49 13.20 -14.91
N LYS D 41 -38.03 14.15 -14.15
CA LYS D 41 -38.14 15.52 -14.64
C LYS D 41 -36.76 16.16 -14.77
N ILE D 42 -35.97 16.12 -13.71
CA ILE D 42 -34.64 16.73 -13.74
C ILE D 42 -33.79 16.09 -14.83
N LEU D 43 -33.70 14.76 -14.82
CA LEU D 43 -32.92 14.07 -15.85
C LEU D 43 -33.52 14.29 -17.23
N GLY D 44 -34.85 14.28 -17.32
CA GLY D 44 -35.49 14.48 -18.61
C GLY D 44 -35.29 15.88 -19.18
N LEU D 45 -35.16 16.88 -18.31
CA LEU D 45 -34.91 18.24 -18.78
C LEU D 45 -33.45 18.43 -19.18
N LEU D 46 -32.53 17.70 -18.53
CA LEU D 46 -31.12 17.84 -18.86
C LEU D 46 -30.79 17.20 -20.21
N VAL D 47 -31.56 16.21 -20.64
CA VAL D 47 -31.33 15.60 -21.93
C VAL D 47 -32.07 16.35 -23.03
N ASN D 48 -33.20 16.97 -22.70
CA ASN D 48 -33.98 17.74 -23.66
C ASN D 48 -34.35 19.07 -23.02
N PRO D 49 -33.63 20.15 -23.32
CA PRO D 49 -33.98 21.44 -22.71
C PRO D 49 -35.30 22.00 -23.22
N TYR D 50 -35.74 21.58 -24.40
CA TYR D 50 -36.84 22.25 -25.08
C TYR D 50 -38.18 21.94 -24.40
N GLY D 51 -38.26 20.85 -23.66
CA GLY D 51 -39.53 20.44 -23.09
C GLY D 51 -40.08 21.46 -22.11
N ILE D 52 -39.22 21.99 -21.24
CA ILE D 52 -39.68 22.97 -20.27
C ILE D 52 -40.05 24.28 -20.96
N GLN D 53 -39.40 24.60 -22.09
CA GLN D 53 -39.67 25.87 -22.75
C GLN D 53 -41.08 25.91 -23.33
N GLU D 54 -41.61 24.77 -23.77
CA GLU D 54 -43.00 24.73 -24.22
C GLU D 54 -43.95 24.97 -23.06
N TRP D 55 -43.69 24.35 -21.90
CA TRP D 55 -44.48 24.64 -20.72
C TRP D 55 -44.36 26.09 -20.32
N ALA D 56 -43.15 26.66 -20.40
CA ALA D 56 -42.96 28.06 -20.04
C ALA D 56 -43.77 28.98 -20.96
N LYS D 57 -43.85 28.63 -22.25
CA LYS D 57 -44.47 29.54 -23.21
C LYS D 57 -45.97 29.70 -22.94
N LYS D 58 -46.64 28.62 -22.57
CA LYS D 58 -48.08 28.68 -22.42
C LYS D 58 -48.53 29.09 -21.03
N TYR D 59 -47.82 28.65 -19.98
CA TYR D 59 -48.28 28.95 -18.63
C TYR D 59 -47.73 30.28 -18.15
N HIS D 60 -46.46 30.57 -18.40
CA HIS D 60 -45.81 31.78 -17.92
C HIS D 60 -44.90 32.32 -19.01
N PRO D 61 -45.49 32.86 -20.09
CA PRO D 61 -44.66 33.31 -21.22
C PRO D 61 -43.74 34.46 -20.87
N ASP D 62 -44.11 35.29 -19.89
CA ASP D 62 -43.32 36.49 -19.62
C ASP D 62 -42.02 36.15 -18.90
N ALA D 63 -42.04 35.10 -18.07
CA ALA D 63 -40.94 34.80 -17.14
C ALA D 63 -39.83 34.07 -17.90
N ARG D 64 -39.00 34.84 -18.60
CA ARG D 64 -37.89 34.24 -19.31
C ARG D 64 -36.73 33.94 -18.36
N ALA D 65 -36.59 34.73 -17.29
CA ALA D 65 -35.46 34.52 -16.39
C ALA D 65 -35.60 33.23 -15.59
N ALA D 66 -36.84 32.88 -15.20
CA ALA D 66 -37.03 31.77 -14.29
C ALA D 66 -36.76 30.43 -14.96
N VAL D 67 -37.12 30.27 -16.24
CA VAL D 67 -36.88 29.00 -16.92
C VAL D 67 -35.39 28.73 -17.08
N ASP D 68 -34.58 29.78 -17.27
CA ASP D 68 -33.14 29.60 -17.47
C ASP D 68 -32.48 29.00 -16.24
N THR D 69 -33.00 29.28 -15.05
CA THR D 69 -32.38 28.77 -13.83
C THR D 69 -32.44 27.26 -13.77
N VAL D 70 -33.51 26.66 -14.28
CA VAL D 70 -33.68 25.21 -14.18
C VAL D 70 -32.60 24.48 -14.97
N LEU D 71 -32.25 25.00 -16.15
CA LEU D 71 -31.24 24.36 -16.98
C LEU D 71 -29.83 24.63 -16.49
N ARG D 72 -29.61 25.74 -15.78
CA ARG D 72 -28.24 26.19 -15.48
C ARG D 72 -27.64 25.47 -14.28
N ARG D 73 -28.46 24.93 -13.39
CA ARG D 73 -27.98 24.43 -12.11
C ARG D 73 -26.99 23.27 -12.30
N PRO D 74 -26.18 23.00 -11.27
CA PRO D 74 -25.31 21.83 -11.33
C PRO D 74 -26.13 20.55 -11.32
N PRO D 75 -25.83 19.61 -12.21
CA PRO D 75 -26.67 18.40 -12.34
C PRO D 75 -26.32 17.35 -11.31
N LEU D 76 -26.58 17.66 -10.05
CA LEU D 76 -26.25 16.80 -8.93
C LEU D 76 -27.52 16.45 -8.16
N VAL D 77 -27.77 15.15 -8.00
CA VAL D 77 -28.88 14.67 -7.18
C VAL D 77 -28.31 13.82 -6.06
N VAL D 78 -28.76 14.08 -4.84
CA VAL D 78 -28.31 13.36 -3.65
C VAL D 78 -29.46 12.53 -3.12
N LEU D 79 -29.19 11.26 -2.84
CA LEU D 79 -30.15 10.32 -2.26
C LEU D 79 -29.70 9.97 -0.86
N ALA D 80 -30.48 10.36 0.15
CA ALA D 80 -30.17 10.09 1.54
C ALA D 80 -31.37 9.45 2.23
N GLY D 81 -31.09 8.65 3.25
CA GLY D 81 -32.14 8.00 3.99
C GLY D 81 -31.61 6.80 4.73
N ASP D 82 -32.54 6.05 5.33
CA ASP D 82 -32.17 4.87 6.11
C ASP D 82 -31.52 3.82 5.22
N VAL D 83 -30.69 2.98 5.83
CA VAL D 83 -30.01 1.94 5.07
C VAL D 83 -31.04 0.95 4.55
N GLY D 84 -30.80 0.45 3.34
CA GLY D 84 -31.70 -0.56 2.80
C GLY D 84 -33.10 -0.06 2.54
N SER D 85 -33.21 1.16 2.03
CA SER D 85 -34.51 1.76 1.73
C SER D 85 -34.64 2.14 0.26
N GLY D 86 -33.74 1.65 -0.59
CA GLY D 86 -33.89 1.80 -2.02
C GLY D 86 -33.13 2.93 -2.67
N LYS D 87 -32.16 3.53 -1.99
CA LYS D 87 -31.42 4.63 -2.60
C LYS D 87 -30.58 4.15 -3.78
N THR D 88 -29.88 3.02 -3.61
CA THR D 88 -29.00 2.54 -4.68
C THR D 88 -29.78 1.84 -5.78
N GLU D 89 -30.83 1.10 -5.43
CA GLU D 89 -31.62 0.38 -6.43
C GLU D 89 -32.27 1.35 -7.42
N LEU D 90 -32.90 2.41 -6.90
CA LEU D 90 -33.48 3.44 -7.76
C LEU D 90 -32.39 4.15 -8.55
N ALA D 91 -31.25 4.46 -7.93
CA ALA D 91 -30.19 5.16 -8.65
C ALA D 91 -29.62 4.31 -9.77
N GLU D 92 -29.63 2.98 -9.62
CA GLU D 92 -29.02 2.14 -10.64
C GLU D 92 -29.98 1.84 -11.79
N THR D 93 -31.29 1.91 -11.54
CA THR D 93 -32.28 1.60 -12.55
C THR D 93 -33.00 2.84 -13.08
N ILE D 94 -32.65 4.03 -12.59
CA ILE D 94 -33.36 5.24 -13.02
C ILE D 94 -33.10 5.53 -14.49
N GLY D 95 -31.90 5.19 -14.97
CA GLY D 95 -31.53 5.51 -16.34
C GLY D 95 -32.40 4.83 -17.38
N ASP D 96 -32.89 3.63 -17.08
CA ASP D 96 -33.77 2.93 -18.00
C ASP D 96 -35.04 3.72 -18.28
N ALA D 97 -35.71 4.18 -17.22
CA ALA D 97 -36.97 4.91 -17.41
C ALA D 97 -36.75 6.20 -18.19
N VAL D 98 -35.66 6.92 -17.89
CA VAL D 98 -35.38 8.16 -18.59
C VAL D 98 -35.06 7.88 -20.05
N ALA D 99 -34.32 6.80 -20.31
CA ALA D 99 -33.92 6.46 -21.67
C ALA D 99 -35.14 6.21 -22.56
N ARG D 100 -36.19 5.61 -22.00
CA ARG D 100 -37.38 5.32 -22.78
C ARG D 100 -38.19 6.59 -23.06
N GLN D 101 -38.32 7.48 -22.06
CA GLN D 101 -39.10 8.69 -22.23
C GLN D 101 -38.55 9.55 -23.37
N GLU D 102 -37.24 9.80 -23.34
CA GLU D 102 -36.61 10.66 -24.32
C GLU D 102 -36.08 9.90 -25.52
N ASP D 103 -36.40 8.62 -25.63
CA ASP D 103 -36.03 7.81 -26.78
C ASP D 103 -34.54 7.90 -27.09
N ILE D 104 -33.72 7.84 -26.03
CA ILE D 104 -32.29 7.99 -26.14
C ILE D 104 -31.60 6.80 -25.49
N ASP D 105 -30.30 6.69 -25.76
CA ASP D 105 -29.45 5.64 -25.21
C ASP D 105 -28.62 6.24 -24.08
N ILE D 106 -28.64 5.60 -22.91
CA ILE D 106 -28.02 6.14 -21.72
C ILE D 106 -27.02 5.13 -21.15
N THR D 107 -25.86 5.62 -20.72
CA THR D 107 -24.83 4.82 -20.07
C THR D 107 -24.67 5.29 -18.64
N LEU D 108 -24.43 4.33 -17.73
CA LEU D 108 -24.18 4.62 -16.33
C LEU D 108 -22.73 4.30 -15.99
N TYR D 109 -22.02 5.28 -15.43
CA TYR D 109 -20.63 5.09 -15.03
C TYR D 109 -20.55 4.94 -13.52
N PRO D 110 -20.47 3.73 -12.98
CA PRO D 110 -20.36 3.55 -11.52
C PRO D 110 -18.93 3.80 -11.06
N LEU D 111 -18.74 4.84 -10.26
CA LEU D 111 -17.41 5.20 -9.79
C LEU D 111 -17.02 4.30 -8.61
N SER D 112 -15.88 3.64 -8.72
CA SER D 112 -15.34 2.84 -7.64
C SER D 112 -14.51 3.73 -6.70
N LEU D 113 -14.34 3.24 -5.46
CA LEU D 113 -13.52 3.92 -4.47
C LEU D 113 -12.04 3.77 -4.72
N ALA D 114 -11.65 3.12 -5.83
CA ALA D 114 -10.25 3.03 -6.21
C ALA D 114 -9.67 4.38 -6.57
N THR D 115 -10.52 5.37 -6.85
CA THR D 115 -10.02 6.73 -7.10
C THR D 115 -9.33 7.33 -5.89
N ARG D 116 -9.45 6.72 -4.71
CA ARG D 116 -8.76 7.23 -3.54
C ARG D 116 -7.26 6.96 -3.61
N GLY D 117 -6.87 5.90 -4.29
CA GLY D 117 -5.46 5.61 -4.48
C GLY D 117 -4.88 4.73 -3.39
N GLN D 118 -3.55 4.74 -3.32
CA GLN D 118 -2.81 3.92 -2.36
C GLN D 118 -1.92 4.75 -1.44
N GLY D 119 -2.16 6.07 -1.34
CA GLY D 119 -1.43 6.91 -0.41
C GLY D 119 -0.42 7.85 -1.01
N ARG D 120 -0.21 7.85 -2.32
CA ARG D 120 0.69 8.83 -2.92
C ARG D 120 0.11 10.23 -2.79
N VAL D 121 0.99 11.23 -2.67
CA VAL D 121 0.55 12.60 -2.51
C VAL D 121 0.05 13.13 -3.84
N GLY D 122 -1.11 13.78 -3.83
CA GLY D 122 -1.76 14.21 -5.05
C GLY D 122 -2.41 13.12 -5.87
N GLU D 123 -2.23 11.85 -5.49
CA GLU D 123 -2.76 10.73 -6.28
C GLU D 123 -4.29 10.78 -6.33
N THR D 125 -6.28 13.30 -5.91
CA THR D 125 -6.76 14.46 -6.66
C THR D 125 -6.76 14.18 -8.16
N GLN D 126 -5.72 13.53 -8.66
CA GLN D 126 -5.63 13.29 -10.10
C GLN D 126 -6.56 12.16 -10.54
N LEU D 127 -6.80 11.17 -9.69
CA LEU D 127 -7.70 10.08 -10.06
C LEU D 127 -9.14 10.58 -10.11
N VAL D 128 -9.56 11.41 -9.15
CA VAL D 128 -10.90 11.96 -9.17
C VAL D 128 -11.08 12.88 -10.38
N SER D 129 -10.05 13.67 -10.69
CA SER D 129 -10.11 14.53 -11.87
C SER D 129 -10.19 13.70 -13.14
N ALA D 130 -9.41 12.62 -13.21
CA ALA D 130 -9.47 11.74 -14.36
C ALA D 130 -10.86 11.14 -14.51
N ALA D 131 -11.47 10.74 -13.40
CA ALA D 131 -12.83 10.19 -13.45
C ALA D 131 -13.79 11.17 -14.09
N PHE D 132 -13.76 12.43 -13.63
CA PHE D 132 -14.63 13.44 -14.23
C PHE D 132 -14.23 13.76 -15.66
N ASP D 133 -12.95 13.63 -16.00
CA ASP D 133 -12.51 13.83 -17.38
C ASP D 133 -13.19 12.83 -18.32
N TYR D 134 -13.17 11.54 -17.95
CA TYR D 134 -13.81 10.53 -18.78
C TYR D 134 -15.29 10.80 -18.93
N THR D 135 -15.97 11.10 -17.81
CA THR D 135 -17.40 11.39 -17.86
C THR D 135 -17.69 12.63 -18.69
N ILE D 136 -16.76 13.59 -18.73
CA ILE D 136 -16.95 14.78 -19.54
C ILE D 136 -16.71 14.48 -21.01
N GLU D 137 -15.67 13.70 -21.32
CA GLU D 137 -15.40 13.33 -22.70
C GLU D 137 -16.54 12.51 -23.29
N ALA D 138 -17.05 11.54 -22.52
CA ALA D 138 -18.16 10.73 -23.02
C ALA D 138 -19.40 11.58 -23.28
N ALA D 139 -19.64 12.59 -22.45
CA ALA D 139 -20.83 13.42 -22.61
C ALA D 139 -20.66 14.49 -23.68
N ASP D 140 -19.42 14.83 -24.03
CA ASP D 140 -19.22 15.84 -25.06
C ASP D 140 -19.57 15.26 -26.44
N LYS D 141 -19.14 14.03 -26.72
CA LYS D 141 -19.50 13.37 -27.97
C LYS D 141 -21.01 13.36 -28.16
N LEU D 142 -21.75 13.14 -27.08
CA LEU D 142 -23.21 13.10 -27.12
C LEU D 142 -23.82 14.49 -27.03
N LYS D 143 -23.03 15.52 -26.77
CA LYS D 143 -23.57 16.87 -26.62
C LYS D 143 -24.01 17.42 -27.96
N LYS D 148 -32.76 18.83 -28.02
CA LYS D 148 -32.50 17.44 -27.66
C LYS D 148 -31.01 17.08 -27.80
N ALA D 149 -30.57 16.15 -26.97
CA ALA D 149 -29.23 15.57 -27.06
C ALA D 149 -29.34 14.13 -27.52
N ARG D 150 -28.30 13.64 -28.19
CA ARG D 150 -28.36 12.34 -28.83
C ARG D 150 -27.92 11.20 -27.92
N GLY D 151 -27.32 11.52 -26.78
CA GLY D 151 -27.06 10.52 -25.76
C GLY D 151 -26.98 11.19 -24.40
N ALA D 152 -26.97 10.34 -23.38
CA ALA D 152 -26.88 10.80 -22.00
C ALA D 152 -25.82 9.99 -21.27
N VAL D 153 -25.33 10.57 -20.17
CA VAL D 153 -24.30 9.95 -19.34
C VAL D 153 -24.67 10.19 -17.88
N LEU D 154 -24.55 9.14 -17.07
CA LEU D 154 -24.82 9.22 -15.63
C LEU D 154 -23.60 8.76 -14.86
N LEU D 155 -23.07 9.66 -14.03
CA LEU D 155 -21.98 9.35 -13.10
C LEU D 155 -22.60 8.98 -11.76
N LEU D 156 -22.31 7.76 -11.29
CA LEU D 156 -22.89 7.23 -10.07
C LEU D 156 -21.83 7.11 -8.98
N ILE D 157 -22.13 7.64 -7.81
CA ILE D 157 -21.27 7.57 -6.64
C ILE D 157 -22.09 6.89 -5.55
N ASP D 158 -21.92 5.59 -5.41
CA ASP D 158 -22.80 4.83 -4.52
C ASP D 158 -22.50 5.13 -3.05
N GLN D 159 -21.24 5.35 -2.71
CA GLN D 159 -20.81 5.64 -1.35
C GLN D 159 -20.24 7.06 -1.30
N ALA D 160 -21.13 8.03 -1.12
CA ALA D 160 -20.70 9.43 -1.06
C ALA D 160 -19.89 9.72 0.19
N ASP D 161 -20.20 9.04 1.30
CA ASP D 161 -19.53 9.31 2.56
C ASP D 161 -18.01 9.19 2.44
N ALA D 162 -17.52 8.34 1.54
CA ALA D 162 -16.08 8.10 1.46
C ALA D 162 -15.36 9.29 0.84
N LEU D 163 -16.00 9.97 -0.10
CA LEU D 163 -15.32 10.96 -0.92
C LEU D 163 -15.83 12.38 -0.74
N ALA D 164 -17.01 12.58 -0.16
CA ALA D 164 -17.55 13.92 0.03
C ALA D 164 -17.72 14.27 1.51
N GLN D 165 -16.84 13.73 2.36
CA GLN D 165 -16.89 14.05 3.79
C GLN D 165 -16.50 15.51 4.00
N SER D 166 -17.12 16.15 4.99
CA SER D 166 -16.88 17.57 5.24
C SER D 166 -15.43 17.80 5.65
N ARG D 167 -14.80 18.79 5.00
CA ARG D 167 -13.40 19.14 5.30
C ARG D 167 -13.20 19.64 6.72
N GLU D 168 -14.28 19.95 7.45
CA GLU D 168 -14.15 20.38 8.83
C GLU D 168 -13.62 19.27 9.73
N ASN D 169 -13.90 18.00 9.39
CA ASN D 169 -13.65 16.90 10.31
C ASN D 169 -12.17 16.80 10.65
N ALA D 170 -11.88 16.59 11.95
CA ALA D 170 -10.50 16.53 12.41
C ALA D 170 -9.82 15.24 11.98
N GLN D 171 -10.59 14.16 11.83
CA GLN D 171 -10.03 12.87 11.47
C GLN D 171 -9.97 12.69 9.95
N HIS D 173 -7.20 13.32 6.54
CA HIS D 173 -5.89 13.68 6.01
C HIS D 173 -6.04 14.85 5.04
N HIS D 174 -4.90 15.47 4.71
CA HIS D 174 -4.93 16.52 3.71
C HIS D 174 -5.30 15.96 2.34
N GLU D 175 -4.81 14.74 2.05
CA GLU D 175 -5.09 14.14 0.75
C GLU D 175 -6.58 13.92 0.55
N ASP D 176 -7.30 13.57 1.61
CA ASP D 176 -8.74 13.39 1.52
C ASP D 176 -9.45 14.73 1.33
N ARG D 177 -8.96 15.79 1.98
CA ARG D 177 -9.57 17.11 1.83
C ARG D 177 -9.47 17.59 0.38
N ALA D 178 -8.31 17.40 -0.26
CA ALA D 178 -8.17 17.75 -1.67
C ALA D 178 -9.06 16.90 -2.55
N GLY D 179 -9.27 15.64 -2.17
CA GLY D 179 -10.22 14.81 -2.89
C GLY D 179 -11.60 15.40 -2.90
N VAL D 180 -12.05 15.93 -1.76
CA VAL D 180 -13.31 16.65 -1.71
C VAL D 180 -13.28 17.82 -2.68
N ASN D 181 -12.20 18.61 -2.64
CA ASN D 181 -12.10 19.79 -3.51
C ASN D 181 -12.06 19.41 -4.98
N ALA D 182 -11.17 18.47 -5.35
CA ALA D 182 -11.18 17.95 -6.72
C ALA D 182 -12.54 17.37 -7.08
N PHE D 183 -13.24 16.81 -6.10
CA PHE D 183 -14.60 16.34 -6.35
C PHE D 183 -15.54 17.50 -6.65
N ILE D 184 -15.45 18.58 -5.87
CA ILE D 184 -16.28 19.76 -6.10
C ILE D 184 -16.07 20.29 -7.51
N ARG D 185 -14.81 20.43 -7.91
CA ARG D 185 -14.49 21.01 -9.21
C ARG D 185 -15.10 20.22 -10.35
N GLY D 186 -15.12 18.89 -10.22
CA GLY D 186 -15.72 18.07 -11.26
C GLY D 186 -17.18 18.42 -11.52
N ILE D 187 -17.94 18.61 -10.44
CA ILE D 187 -19.34 19.02 -10.58
C ILE D 187 -19.42 20.42 -11.20
N ASP D 188 -18.56 21.33 -10.75
CA ASP D 188 -18.51 22.66 -11.36
C ASP D 188 -18.09 22.58 -12.82
N ARG D 189 -17.11 21.72 -13.13
CA ARG D 189 -16.66 21.55 -14.52
C ARG D 189 -17.79 21.00 -15.39
N ILE D 190 -18.57 20.06 -14.88
CA ILE D 190 -19.69 19.52 -15.65
C ILE D 190 -20.75 20.58 -15.87
N ALA D 191 -21.04 21.39 -14.84
CA ALA D 191 -22.10 22.38 -14.96
C ALA D 191 -21.70 23.52 -15.90
N ASN D 192 -20.42 23.86 -15.95
CA ASN D 192 -19.97 24.95 -16.81
C ASN D 192 -20.28 24.66 -18.28
N GLN D 193 -19.88 23.49 -18.75
CA GLN D 193 -20.29 23.06 -20.08
C GLN D 193 -21.76 22.67 -20.06
N LYS D 194 -22.36 22.64 -21.24
CA LYS D 194 -23.77 22.25 -21.41
C LYS D 194 -23.91 20.77 -21.76
N LEU D 195 -23.04 19.93 -21.22
CA LEU D 195 -23.06 18.52 -21.55
C LEU D 195 -24.26 17.83 -20.91
N PRO D 196 -24.77 16.76 -21.55
CA PRO D 196 -25.93 16.03 -21.00
C PRO D 196 -25.51 14.95 -19.99
N ALA D 197 -24.92 15.39 -18.88
CA ALA D 197 -24.46 14.49 -17.84
C ALA D 197 -25.03 14.93 -16.50
N ALA D 198 -25.24 13.95 -15.61
CA ALA D 198 -25.71 14.20 -14.26
C ALA D 198 -24.98 13.27 -13.30
N VAL D 199 -24.77 13.76 -12.09
CA VAL D 199 -24.09 13.01 -11.02
C VAL D 199 -25.13 12.58 -9.99
N LEU D 200 -25.09 11.31 -9.64
CA LEU D 200 -25.97 10.73 -8.63
C LEU D 200 -25.14 10.17 -7.49
N CYS D 202 -25.41 8.52 -3.39
CA CYS D 202 -26.19 8.02 -2.26
C CYS D 202 -25.35 8.14 -1.00
N THR D 203 -26.00 8.48 0.12
CA THR D 203 -25.31 8.68 1.39
C THR D 203 -26.20 8.21 2.53
N ASN D 204 -25.54 7.83 3.64
CA ASN D 204 -26.26 7.43 4.84
C ASN D 204 -26.85 8.63 5.55
N ARG D 205 -26.04 9.66 5.79
CA ARG D 205 -26.49 10.87 6.47
C ARG D 205 -26.09 12.07 5.64
N LEU D 206 -27.09 12.90 5.29
CA LEU D 206 -26.83 14.10 4.49
C LEU D 206 -26.02 15.13 5.26
N LYS D 207 -26.11 15.12 6.60
CA LYS D 207 -25.38 16.10 7.41
C LYS D 207 -23.88 15.86 7.34
N ALA D 208 -23.45 14.61 7.16
CA ALA D 208 -22.02 14.29 7.08
C ALA D 208 -21.36 14.88 5.84
N LEU D 209 -22.12 15.18 4.79
CA LEU D 209 -21.53 15.66 3.55
C LEU D 209 -21.01 17.09 3.70
N ASP D 210 -20.03 17.42 2.86
CA ASP D 210 -19.45 18.75 2.88
C ASP D 210 -20.51 19.78 2.48
N PRO D 211 -20.55 20.95 3.13
CA PRO D 211 -21.57 21.95 2.77
C PRO D 211 -21.43 22.46 1.34
N ALA D 212 -20.24 22.39 0.76
CA ALA D 212 -20.08 22.83 -0.62
C ALA D 212 -20.66 21.81 -1.59
N VAL D 213 -20.59 20.52 -1.23
CA VAL D 213 -21.26 19.50 -2.03
C VAL D 213 -22.78 19.64 -1.91
N GLN D 214 -23.27 19.99 -0.72
CA GLN D 214 -24.70 20.00 -0.48
C GLN D 214 -25.41 21.10 -1.24
N ARG D 215 -24.81 22.30 -1.31
CA ARG D 215 -25.47 23.40 -2.00
C ARG D 215 -25.59 23.13 -3.49
N ARG D 216 -24.61 22.43 -4.08
CA ARG D 216 -24.64 22.18 -5.52
C ARG D 216 -25.70 21.16 -5.90
N ALA D 217 -26.22 20.40 -4.95
CA ALA D 217 -27.19 19.37 -5.23
C ALA D 217 -28.45 19.98 -5.85
N ALA D 218 -28.76 19.56 -7.08
CA ALA D 218 -29.98 20.02 -7.72
C ALA D 218 -31.20 19.55 -6.96
N GLU D 219 -31.16 18.32 -6.44
CA GLU D 219 -32.27 17.74 -5.70
C GLU D 219 -31.72 16.90 -4.56
N ILE D 220 -32.47 16.83 -3.47
CA ILE D 220 -32.16 15.95 -2.35
C ILE D 220 -33.40 15.11 -2.07
N LEU D 221 -33.27 13.80 -2.27
CA LEU D 221 -34.37 12.86 -2.08
C LEU D 221 -34.14 12.05 -0.81
N THR D 222 -35.17 11.99 0.03
CA THR D 222 -35.10 11.32 1.32
C THR D 222 -35.92 10.03 1.30
N PHE D 223 -35.33 8.96 1.83
CA PHE D 223 -35.94 7.65 1.84
C PHE D 223 -36.26 7.23 3.26
N SER D 224 -37.39 6.56 3.45
CA SER D 224 -37.89 6.22 4.77
C SER D 224 -38.25 4.73 4.82
N ARG D 225 -38.46 4.23 6.02
CA ARG D 225 -38.89 2.86 6.20
C ARG D 225 -40.37 2.72 5.82
N PRO D 226 -40.77 1.57 5.29
CA PRO D 226 -42.13 1.43 4.78
C PRO D 226 -43.19 1.44 5.88
N ASN D 227 -44.36 1.97 5.54
CA ASN D 227 -45.49 1.99 6.46
C ASN D 227 -46.41 0.81 6.16
N ASP D 228 -47.59 0.80 6.77
CA ASP D 228 -48.48 -0.35 6.65
C ASP D 228 -49.02 -0.49 5.23
N GLU D 229 -49.40 0.61 4.59
CA GLU D 229 -49.89 0.54 3.22
C GLU D 229 -48.78 0.18 2.25
N GLN D 230 -47.58 0.73 2.45
CA GLN D 230 -46.46 0.38 1.58
C GLN D 230 -46.03 -1.06 1.78
N ARG D 231 -45.95 -1.51 3.04
CA ARG D 231 -45.54 -2.89 3.29
C ARG D 231 -46.55 -3.87 2.72
N HIS D 232 -47.85 -3.54 2.78
CA HIS D 232 -48.87 -4.43 2.26
C HIS D 232 -48.72 -4.60 0.75
N TYR D 233 -48.53 -3.50 0.02
CA TYR D 233 -48.39 -3.57 -1.43
C TYR D 233 -47.13 -4.35 -1.82
N LEU D 234 -46.01 -4.03 -1.18
CA LEU D 234 -44.78 -4.75 -1.48
C LEU D 234 -44.91 -6.23 -1.15
N LEU D 235 -45.46 -6.54 0.03
CA LEU D 235 -45.59 -7.94 0.43
C LEU D 235 -46.48 -8.71 -0.54
N HIS D 236 -47.57 -8.10 -1.00
CA HIS D 236 -48.49 -8.81 -1.88
C HIS D 236 -47.84 -9.17 -3.21
N SER D 237 -47.13 -8.21 -3.82
CA SER D 237 -46.51 -8.46 -5.12
C SER D 237 -45.41 -9.51 -5.02
N LYS D 238 -44.64 -9.49 -3.94
CA LYS D 238 -43.56 -10.45 -3.77
C LYS D 238 -44.06 -11.83 -3.38
N LEU D 239 -45.17 -11.90 -2.63
CA LEU D 239 -45.77 -13.17 -2.27
C LEU D 239 -46.73 -13.70 -3.32
N THR D 240 -46.93 -12.96 -4.41
CA THR D 240 -47.82 -13.43 -5.45
C THR D 240 -47.30 -14.75 -6.02
N GLY D 241 -48.20 -15.71 -6.17
CA GLY D 241 -47.83 -17.03 -6.62
C GLY D 241 -47.32 -17.96 -5.55
N LEU D 242 -47.38 -17.56 -4.27
CA LEU D 242 -47.01 -18.44 -3.18
C LEU D 242 -48.21 -19.00 -2.43
N GLY D 243 -49.41 -18.60 -2.80
CA GLY D 243 -50.62 -19.20 -2.26
C GLY D 243 -50.92 -18.87 -0.82
N LEU D 244 -50.57 -17.67 -0.36
CA LEU D 244 -50.91 -17.22 0.98
C LEU D 244 -52.14 -16.33 0.90
N ASN D 245 -53.06 -16.51 1.85
CA ASN D 245 -54.32 -15.79 1.83
C ASN D 245 -54.14 -14.38 2.40
N SER D 246 -55.18 -13.57 2.22
CA SER D 246 -55.09 -12.16 2.58
C SER D 246 -54.97 -11.97 4.08
N THR D 247 -55.62 -12.83 4.87
CA THR D 247 -55.47 -12.77 6.32
C THR D 247 -54.01 -12.97 6.72
N ALA D 248 -53.31 -13.87 6.02
CA ALA D 248 -51.93 -14.15 6.37
C ALA D 248 -51.01 -12.96 6.08
N VAL D 249 -51.30 -12.21 5.02
CA VAL D 249 -50.38 -11.15 4.62
C VAL D 249 -50.49 -9.96 5.55
N GLU D 250 -51.69 -9.69 6.09
CA GLU D 250 -51.83 -8.55 6.99
C GLU D 250 -51.19 -8.84 8.33
N GLU D 251 -51.30 -10.08 8.82
CA GLU D 251 -50.50 -10.51 9.96
C GLU D 251 -49.01 -10.38 9.65
N LEU D 252 -48.62 -10.60 8.40
CA LEU D 252 -47.25 -10.33 7.99
C LEU D 252 -46.93 -8.85 8.03
N VAL D 253 -47.94 -8.00 7.81
CA VAL D 253 -47.70 -6.56 7.79
C VAL D 253 -47.42 -6.02 9.18
N ARG D 254 -48.19 -6.48 10.19
CA ARG D 254 -48.00 -5.97 11.54
C ARG D 254 -46.70 -6.49 12.16
N LEU D 255 -46.36 -7.75 11.90
CA LEU D 255 -45.10 -8.28 12.42
C LEU D 255 -43.89 -7.62 11.77
N THR D 256 -44.05 -7.06 10.58
CA THR D 256 -42.99 -6.28 9.98
C THR D 256 -42.96 -4.84 10.50
N GLY D 257 -44.07 -4.36 11.05
CA GLY D 257 -44.09 -3.05 11.65
C GLY D 257 -43.39 -3.02 12.98
N PRO D 258 -43.31 -1.84 13.58
CA PRO D 258 -42.61 -1.71 14.87
C PRO D 258 -43.43 -2.33 16.00
N ARG D 259 -42.78 -3.18 16.79
CA ARG D 259 -43.46 -3.80 17.92
C ARG D 259 -43.56 -2.86 19.11
N ASP D 260 -42.50 -2.10 19.39
CA ASP D 260 -42.43 -1.18 20.52
C ASP D 260 -42.20 0.24 20.01
N PRO D 261 -42.28 1.26 20.87
CA PRO D 261 -41.85 2.59 20.41
C PRO D 261 -40.39 2.64 20.07
N ASN D 262 -39.54 2.01 20.89
CA ASN D 262 -38.10 1.98 20.61
C ASN D 262 -37.79 1.21 19.34
N SER D 263 -38.63 0.24 18.99
CA SER D 263 -38.34 -0.64 17.87
C SER D 263 -38.40 0.15 16.56
N PRO D 264 -37.53 -0.15 15.61
CA PRO D 264 -37.45 0.67 14.40
C PRO D 264 -38.46 0.29 13.32
N GLY D 265 -38.84 -0.99 13.27
CA GLY D 265 -39.65 -1.49 12.16
C GLY D 265 -38.78 -2.05 11.06
N PHE D 266 -39.44 -2.66 10.07
CA PHE D 266 -38.75 -3.36 8.99
C PHE D 266 -38.39 -2.40 7.86
N THR D 267 -37.15 -2.49 7.39
CA THR D 267 -36.77 -1.76 6.19
C THR D 267 -37.30 -2.47 4.96
N PHE D 268 -37.38 -1.73 3.85
CA PHE D 268 -37.68 -2.34 2.56
C PHE D 268 -36.72 -3.49 2.28
N SER D 269 -35.44 -3.28 2.57
CA SER D 269 -34.43 -4.31 2.30
C SER D 269 -34.69 -5.55 3.16
N ASP D 270 -35.01 -5.34 4.44
CA ASP D 270 -35.23 -6.47 5.33
C ASP D 270 -36.30 -7.41 4.82
N ILE D 271 -37.37 -6.85 4.25
CA ILE D 271 -38.45 -7.69 3.75
C ILE D 271 -38.01 -8.48 2.53
N THR D 272 -37.36 -7.81 1.57
CA THR D 272 -37.10 -8.46 0.28
C THR D 272 -35.79 -9.25 0.30
N GLN D 273 -34.82 -8.84 1.10
CA GLN D 273 -33.52 -9.50 1.10
C GLN D 273 -33.39 -10.58 2.17
N ARG D 274 -34.18 -10.49 3.24
CA ARG D 274 -34.08 -11.43 4.35
C ARG D 274 -35.36 -12.22 4.56
N LEU D 275 -36.50 -11.53 4.66
CA LEU D 275 -37.74 -12.20 5.04
C LEU D 275 -38.16 -13.24 4.00
N ILE D 276 -38.34 -12.79 2.77
CA ILE D 276 -38.94 -13.61 1.72
C ILE D 276 -37.99 -14.73 1.26
N PRO D 277 -36.70 -14.48 1.05
CA PRO D 277 -35.81 -15.65 0.85
C PRO D 277 -35.85 -16.61 2.03
N SER D 278 -36.07 -16.13 3.25
CA SER D 278 -36.13 -17.05 4.39
C SER D 278 -37.39 -17.89 4.36
N ILE D 279 -38.53 -17.28 4.02
CA ILE D 279 -39.76 -18.03 3.86
C ILE D 279 -39.58 -19.15 2.85
N ILE D 280 -38.90 -18.86 1.74
CA ILE D 280 -38.68 -19.87 0.71
C ILE D 280 -37.65 -20.89 1.17
N LEU D 281 -36.57 -20.44 1.81
CA LEU D 281 -35.58 -21.37 2.34
C LEU D 281 -36.22 -22.33 3.35
N ALA D 282 -37.18 -21.83 4.13
CA ALA D 282 -37.86 -22.67 5.10
C ALA D 282 -38.62 -23.81 4.42
N ALA D 283 -39.23 -23.53 3.26
CA ALA D 283 -39.97 -24.56 2.56
C ALA D 283 -39.04 -25.43 1.72
N TYR D 284 -37.98 -24.86 1.17
CA TYR D 284 -37.05 -25.62 0.35
C TYR D 284 -36.35 -26.69 1.20
N PRO D 285 -36.09 -27.88 0.65
CA PRO D 285 -36.47 -28.32 -0.70
C PRO D 285 -37.65 -29.30 -0.73
N TYR D 286 -38.10 -29.75 0.44
CA TYR D 286 -39.02 -30.88 0.47
C TYR D 286 -40.47 -30.46 0.35
N ASN D 287 -40.82 -29.25 0.78
CA ASN D 287 -42.21 -28.86 0.94
C ASN D 287 -42.50 -27.55 0.23
N ALA D 288 -43.79 -27.34 -0.04
CA ALA D 288 -44.29 -26.06 -0.49
C ALA D 288 -44.38 -25.07 0.66
N VAL D 289 -44.48 -23.79 0.32
CA VAL D 289 -44.59 -22.75 1.33
C VAL D 289 -45.93 -22.86 2.03
N SER D 290 -45.90 -22.74 3.36
CA SER D 290 -47.10 -22.82 4.18
C SER D 290 -47.22 -21.55 5.01
N VAL D 291 -48.47 -21.11 5.22
CA VAL D 291 -48.73 -19.95 6.07
C VAL D 291 -48.07 -20.13 7.43
N HIS D 292 -48.13 -21.34 7.97
CA HIS D 292 -47.51 -21.61 9.26
C HIS D 292 -46.00 -21.37 9.20
N SER D 293 -45.33 -21.96 8.20
CA SER D 293 -43.90 -21.73 8.06
C SER D 293 -43.60 -20.26 7.89
N ALA D 294 -44.42 -19.56 7.12
CA ALA D 294 -44.23 -18.12 6.92
C ALA D 294 -44.38 -17.35 8.22
N LEU D 295 -45.33 -17.75 9.07
CA LEU D 295 -45.54 -17.02 10.31
C LEU D 295 -44.40 -17.28 11.30
N GLN D 296 -43.81 -18.47 11.27
CA GLN D 296 -42.75 -18.78 12.23
C GLN D 296 -41.45 -18.05 11.87
N VAL D 297 -41.14 -17.93 10.59
CA VAL D 297 -39.90 -17.26 10.21
C VAL D 297 -39.99 -15.77 10.54
N VAL D 298 -41.20 -15.21 10.57
CA VAL D 298 -41.35 -13.78 10.81
C VAL D 298 -41.22 -13.45 12.29
N ASN D 299 -41.83 -14.26 13.16
CA ASN D 299 -41.67 -14.07 14.59
C ASN D 299 -40.20 -14.10 14.99
N LYS D 300 -39.46 -15.09 14.49
CA LYS D 300 -38.04 -15.18 14.81
C LYS D 300 -37.27 -13.97 14.26
N THR D 302 -35.87 -10.36 13.10
CA THR D 302 -35.71 -9.08 13.76
C THR D 302 -35.28 -8.01 12.74
N PRO D 303 -35.89 -6.83 12.77
CA PRO D 303 -35.51 -5.78 11.82
C PRO D 303 -34.09 -5.32 12.08
N THR D 304 -33.45 -4.81 11.02
CA THR D 304 -32.11 -4.25 11.18
C THR D 304 -32.19 -2.99 12.03
N PRO D 305 -31.29 -2.81 12.99
CA PRO D 305 -31.37 -1.64 13.87
C PRO D 305 -31.20 -0.34 13.09
N ALA D 306 -31.75 0.73 13.64
CA ALA D 306 -31.59 2.04 13.04
C ALA D 306 -30.12 2.45 13.04
N PHE D 307 -29.75 3.30 12.09
CA PHE D 307 -28.35 3.63 11.86
C PHE D 307 -27.81 4.70 12.80
N ILE D 308 -28.66 5.36 13.59
CA ILE D 308 -28.23 6.50 14.37
C ILE D 308 -27.14 6.09 15.36
N ASP D 309 -26.19 7.00 15.59
CA ASP D 309 -25.03 6.79 16.46
C ASP D 309 -25.35 6.05 17.76
N PRO E 5 -3.50 -3.28 -8.49
CA PRO E 5 -2.89 -4.26 -7.59
C PRO E 5 -2.96 -5.68 -8.16
N SER E 6 -1.82 -6.36 -8.20
CA SER E 6 -1.76 -7.68 -8.84
C SER E 6 -2.54 -8.71 -8.04
N LEU E 7 -3.04 -9.73 -8.75
CA LEU E 7 -3.74 -10.82 -8.10
C LEU E 7 -2.82 -11.55 -7.11
N ASP E 8 -1.55 -11.73 -7.49
CA ASP E 8 -0.59 -12.37 -6.59
C ASP E 8 -0.36 -11.52 -5.34
N GLU E 9 -0.22 -10.21 -5.51
CA GLU E 9 0.04 -9.34 -4.36
C GLU E 9 -1.17 -9.27 -3.43
N LEU E 10 -2.38 -9.37 -3.97
CA LEU E 10 -3.57 -9.13 -3.17
C LEU E 10 -3.95 -10.34 -2.31
N PHE E 11 -3.93 -11.53 -2.90
CA PHE E 11 -4.72 -12.64 -2.41
C PHE E 11 -3.91 -13.78 -1.78
N GLU E 12 -2.62 -13.57 -1.52
CA GLU E 12 -1.82 -14.55 -0.78
C GLU E 12 -1.82 -15.87 -1.55
N ARG E 13 -2.24 -16.98 -0.94
CA ARG E 13 -2.21 -18.29 -1.59
C ARG E 13 -3.63 -18.71 -1.96
N ARG E 14 -3.86 -18.93 -3.26
CA ARG E 14 -5.17 -19.34 -3.75
C ARG E 14 -5.36 -20.83 -3.50
N ILE E 15 -6.53 -21.19 -2.97
CA ILE E 15 -6.86 -22.58 -2.64
C ILE E 15 -7.92 -23.07 -3.60
N ASN E 16 -7.68 -24.24 -4.19
CA ASN E 16 -8.57 -24.82 -5.18
C ASN E 16 -9.21 -26.08 -4.62
N PHE E 17 -10.55 -26.14 -4.67
CA PHE E 17 -11.35 -27.24 -4.15
C PHE E 17 -12.03 -27.99 -5.29
N PRO E 18 -12.31 -29.30 -5.12
CA PRO E 18 -11.94 -30.13 -3.97
C PRO E 18 -10.46 -30.50 -3.94
N ASP E 19 -9.98 -30.91 -2.78
CA ASP E 19 -8.60 -31.33 -2.58
C ASP E 19 -8.54 -32.17 -1.31
N PHE E 20 -7.64 -33.15 -1.31
CA PHE E 20 -7.64 -34.12 -0.21
C PHE E 20 -7.10 -33.51 1.07
N GLU E 21 -6.09 -32.62 0.97
CA GLU E 21 -5.58 -31.92 2.16
C GLU E 21 -6.68 -31.21 2.91
N PRO E 22 -7.44 -30.26 2.31
CA PRO E 22 -8.47 -29.58 3.10
C PRO E 22 -9.56 -30.53 3.57
N GLN E 23 -9.87 -31.55 2.76
CA GLN E 23 -10.86 -32.54 3.17
C GLN E 23 -10.42 -33.25 4.45
N GLU E 24 -9.14 -33.63 4.53
CA GLU E 24 -8.64 -34.29 5.72
C GLU E 24 -8.56 -33.31 6.89
N ARG E 25 -8.07 -32.09 6.65
CA ARG E 25 -8.02 -31.08 7.70
C ARG E 25 -9.40 -30.84 8.30
N LEU E 26 -10.41 -30.70 7.43
CA LEU E 26 -11.75 -30.40 7.93
C LEU E 26 -12.32 -31.54 8.75
N ALA E 27 -11.93 -32.78 8.45
CA ALA E 27 -12.38 -33.90 9.25
C ALA E 27 -11.70 -33.91 10.61
N ARG E 28 -10.44 -33.49 10.66
CA ARG E 28 -9.68 -33.48 11.91
C ARG E 28 -10.24 -32.47 12.91
N LEU E 29 -10.74 -31.33 12.43
CA LEU E 29 -11.18 -30.28 13.32
C LEU E 29 -12.37 -30.73 14.16
N VAL E 30 -12.38 -30.30 15.43
CA VAL E 30 -13.38 -30.74 16.39
C VAL E 30 -13.86 -29.55 17.20
N GLY E 31 -15.08 -29.66 17.74
CA GLY E 31 -15.72 -28.57 18.44
C GLY E 31 -16.52 -27.62 17.57
N LEU E 32 -16.45 -27.76 16.25
CA LEU E 32 -17.19 -26.91 15.32
C LEU E 32 -18.11 -27.73 14.41
N ASP E 33 -18.63 -28.85 14.91
CA ASP E 33 -19.45 -29.72 14.08
C ASP E 33 -20.79 -29.08 13.74
N GLU E 34 -21.39 -28.38 14.69
CA GLU E 34 -22.63 -27.66 14.39
C GLU E 34 -22.39 -26.54 13.39
N HIS E 35 -21.26 -25.84 13.52
CA HIS E 35 -20.94 -24.77 12.59
C HIS E 35 -20.64 -25.30 11.20
N LYS E 36 -19.95 -26.44 11.12
CA LYS E 36 -19.66 -27.06 9.83
C LYS E 36 -20.92 -27.25 9.01
N ASP E 37 -21.95 -27.82 9.63
CA ASP E 37 -23.20 -28.09 8.91
C ASP E 37 -23.85 -26.80 8.43
N ARG E 38 -24.01 -25.82 9.33
CA ARG E 38 -24.65 -24.57 8.93
C ARG E 38 -23.86 -23.87 7.84
N LEU E 39 -22.57 -23.67 8.06
CA LEU E 39 -21.76 -22.93 7.10
C LEU E 39 -21.72 -23.61 5.74
N SER E 40 -21.65 -24.94 5.73
CA SER E 40 -21.73 -25.67 4.46
C SER E 40 -23.12 -25.54 3.84
N LYS E 41 -24.17 -25.50 4.66
CA LYS E 41 -25.52 -25.31 4.13
C LYS E 41 -25.68 -23.90 3.56
N ILE E 42 -25.31 -22.89 4.34
CA ILE E 42 -25.55 -21.50 3.93
C ILE E 42 -24.75 -21.18 2.68
N LEU E 43 -23.47 -21.57 2.66
CA LEU E 43 -22.64 -21.30 1.50
C LEU E 43 -23.13 -22.04 0.26
N GLY E 44 -23.52 -23.31 0.42
CA GLY E 44 -24.03 -24.07 -0.71
C GLY E 44 -25.26 -23.45 -1.32
N LEU E 45 -26.16 -22.93 -0.50
CA LEU E 45 -27.37 -22.31 -1.02
C LEU E 45 -27.07 -21.00 -1.74
N LEU E 46 -26.05 -20.28 -1.29
CA LEU E 46 -25.73 -18.99 -1.92
C LEU E 46 -25.02 -19.16 -3.25
N VAL E 47 -24.05 -20.07 -3.33
CA VAL E 47 -23.27 -20.21 -4.55
C VAL E 47 -24.02 -21.03 -5.59
N ASN E 48 -24.91 -21.93 -5.17
CA ASN E 48 -25.65 -22.80 -6.08
C ASN E 48 -27.13 -22.76 -5.70
N PRO E 49 -27.82 -21.66 -6.02
CA PRO E 49 -29.27 -21.60 -5.76
C PRO E 49 -30.12 -22.20 -6.87
N TYR E 50 -29.51 -22.85 -7.86
CA TYR E 50 -30.25 -23.39 -9.00
C TYR E 50 -31.26 -24.44 -8.56
N GLY E 51 -30.95 -25.21 -7.52
CA GLY E 51 -31.89 -26.23 -7.07
C GLY E 51 -33.23 -25.65 -6.66
N ILE E 52 -33.23 -24.44 -6.12
CA ILE E 52 -34.47 -23.81 -5.67
C ILE E 52 -35.37 -23.50 -6.86
N GLN E 53 -34.79 -23.24 -8.03
CA GLN E 53 -35.60 -22.82 -9.16
C GLN E 53 -36.35 -24.01 -9.77
N GLU E 54 -35.72 -25.19 -9.80
CA GLU E 54 -36.45 -26.39 -10.17
C GLU E 54 -37.50 -26.74 -9.12
N TRP E 55 -37.14 -26.60 -7.84
CA TRP E 55 -38.11 -26.79 -6.75
C TRP E 55 -39.28 -25.82 -6.89
N ALA E 56 -39.00 -24.56 -7.21
CA ALA E 56 -40.05 -23.56 -7.31
C ALA E 56 -40.99 -23.81 -8.49
N LYS E 57 -40.48 -24.37 -9.59
CA LYS E 57 -41.32 -24.58 -10.76
C LYS E 57 -42.44 -25.58 -10.47
N LYS E 58 -42.11 -26.66 -9.76
CA LYS E 58 -43.13 -27.66 -9.45
C LYS E 58 -44.17 -27.14 -8.48
N TYR E 59 -43.73 -26.41 -7.44
CA TYR E 59 -44.62 -26.03 -6.37
C TYR E 59 -45.31 -24.69 -6.60
N HIS E 60 -44.58 -23.68 -7.10
CA HIS E 60 -45.10 -22.33 -7.23
C HIS E 60 -44.65 -21.73 -8.56
N PRO E 61 -45.28 -22.13 -9.66
CA PRO E 61 -44.85 -21.62 -10.97
C PRO E 61 -45.10 -20.13 -11.15
N ASP E 62 -46.13 -19.57 -10.52
CA ASP E 62 -46.53 -18.19 -10.81
C ASP E 62 -45.65 -17.15 -10.12
N ALA E 63 -44.81 -17.56 -9.17
CA ALA E 63 -44.13 -16.66 -8.24
C ALA E 63 -42.72 -16.34 -8.74
N ARG E 64 -42.64 -15.45 -9.73
CA ARG E 64 -41.35 -15.03 -10.23
C ARG E 64 -40.64 -14.13 -9.23
N ALA E 65 -41.38 -13.21 -8.60
CA ALA E 65 -40.77 -12.27 -7.67
C ALA E 65 -40.06 -13.02 -6.55
N ALA E 66 -40.68 -14.09 -6.07
CA ALA E 66 -40.16 -14.79 -4.89
C ALA E 66 -38.81 -15.42 -5.19
N VAL E 67 -38.67 -16.08 -6.33
CA VAL E 67 -37.39 -16.72 -6.66
C VAL E 67 -36.32 -15.68 -6.96
N ASP E 68 -36.72 -14.49 -7.43
CA ASP E 68 -35.73 -13.44 -7.70
C ASP E 68 -35.03 -13.01 -6.42
N THR E 69 -35.79 -12.91 -5.31
CA THR E 69 -35.21 -12.42 -4.07
C THR E 69 -34.15 -13.37 -3.54
N VAL E 70 -34.30 -14.67 -3.78
CA VAL E 70 -33.30 -15.62 -3.32
C VAL E 70 -32.05 -15.54 -4.20
N LEU E 71 -32.23 -15.20 -5.48
CA LEU E 71 -31.07 -15.04 -6.35
C LEU E 71 -30.33 -13.75 -6.05
N ARG E 72 -31.02 -12.74 -5.50
CA ARG E 72 -30.45 -11.43 -5.23
C ARG E 72 -29.89 -11.27 -3.82
N ARG E 73 -29.87 -12.31 -3.01
CA ARG E 73 -29.43 -12.18 -1.62
C ARG E 73 -27.97 -11.72 -1.57
N PRO E 74 -27.62 -10.84 -0.64
CA PRO E 74 -26.22 -10.50 -0.43
C PRO E 74 -25.48 -11.67 0.20
N PRO E 75 -24.50 -12.25 -0.50
CA PRO E 75 -23.88 -13.51 -0.06
C PRO E 75 -22.76 -13.32 0.96
N LEU E 76 -23.11 -12.81 2.13
CA LEU E 76 -22.16 -12.50 3.19
C LEU E 76 -22.45 -13.34 4.42
N VAL E 77 -21.47 -14.14 4.83
CA VAL E 77 -21.52 -14.91 6.07
C VAL E 77 -20.36 -14.45 6.94
N VAL E 78 -20.65 -14.13 8.19
CA VAL E 78 -19.69 -13.52 9.10
C VAL E 78 -19.30 -14.55 10.16
N LEU E 79 -18.00 -14.66 10.42
CA LEU E 79 -17.46 -15.48 11.49
C LEU E 79 -16.89 -14.54 12.54
N ALA E 80 -17.66 -14.28 13.59
CA ALA E 80 -17.24 -13.44 14.70
C ALA E 80 -17.01 -14.32 15.91
N GLY E 81 -15.82 -14.19 16.52
CA GLY E 81 -15.52 -15.04 17.66
C GLY E 81 -14.12 -14.86 18.19
N ASP E 82 -13.92 -15.40 19.40
CA ASP E 82 -12.63 -15.30 20.10
C ASP E 82 -11.54 -16.08 19.36
N VAL E 83 -10.39 -15.43 19.21
CA VAL E 83 -9.30 -15.92 18.37
C VAL E 83 -8.84 -17.30 18.83
N GLY E 84 -8.22 -18.05 17.93
CA GLY E 84 -7.58 -19.28 18.32
C GLY E 84 -8.54 -20.42 18.56
N SER E 85 -9.83 -20.15 18.40
CA SER E 85 -10.85 -21.17 18.59
C SER E 85 -10.98 -22.12 17.41
N GLY E 86 -10.18 -21.92 16.35
CA GLY E 86 -10.22 -22.79 15.19
C GLY E 86 -11.10 -22.33 14.05
N LYS E 87 -11.53 -21.07 14.06
CA LYS E 87 -12.44 -20.60 13.03
C LYS E 87 -11.71 -20.21 11.75
N THR E 88 -10.42 -19.88 11.83
CA THR E 88 -9.65 -19.61 10.62
C THR E 88 -9.38 -20.90 9.87
N GLU E 89 -9.04 -21.98 10.59
CA GLU E 89 -8.91 -23.29 9.96
C GLU E 89 -10.22 -23.70 9.29
N LEU E 90 -11.35 -23.45 9.96
CA LEU E 90 -12.64 -23.80 9.38
C LEU E 90 -12.92 -22.98 8.12
N ALA E 91 -12.69 -21.66 8.19
CA ALA E 91 -13.02 -20.80 7.04
C ALA E 91 -12.23 -21.19 5.80
N GLU E 92 -10.98 -21.61 5.98
CA GLU E 92 -10.13 -21.91 4.83
C GLU E 92 -10.50 -23.25 4.21
N THR E 93 -10.91 -24.22 5.03
CA THR E 93 -11.17 -25.57 4.55
C THR E 93 -12.66 -25.86 4.33
N ILE E 94 -13.56 -24.97 4.75
CA ILE E 94 -14.98 -25.22 4.59
C ILE E 94 -15.36 -25.33 3.12
N GLY E 95 -14.60 -24.68 2.24
CA GLY E 95 -14.94 -24.68 0.82
C GLY E 95 -14.82 -26.05 0.18
N ASP E 96 -13.93 -26.90 0.68
CA ASP E 96 -13.82 -28.25 0.15
C ASP E 96 -15.08 -29.06 0.42
N ALA E 97 -15.69 -28.88 1.58
CA ALA E 97 -16.92 -29.58 1.88
C ALA E 97 -18.07 -29.07 1.03
N VAL E 98 -18.02 -27.80 0.61
CA VAL E 98 -19.09 -27.25 -0.21
C VAL E 98 -18.94 -27.70 -1.66
N ALA E 99 -17.70 -27.86 -2.14
CA ALA E 99 -17.48 -28.33 -3.49
C ALA E 99 -18.05 -29.74 -3.68
N ARG E 100 -17.65 -30.67 -2.82
CA ARG E 100 -18.17 -32.03 -2.92
C ARG E 100 -19.68 -32.07 -2.68
N GLN E 101 -20.17 -31.24 -1.76
CA GLN E 101 -21.60 -31.23 -1.46
C GLN E 101 -22.42 -30.73 -2.65
N GLU E 102 -21.88 -29.79 -3.41
CA GLU E 102 -22.57 -29.21 -4.56
C GLU E 102 -22.07 -29.76 -5.89
N ASP E 103 -21.06 -30.64 -5.87
CA ASP E 103 -20.51 -31.24 -7.08
C ASP E 103 -20.07 -30.17 -8.07
N ILE E 104 -19.29 -29.21 -7.59
CA ILE E 104 -18.82 -28.10 -8.41
C ILE E 104 -17.45 -27.68 -7.91
N ASP E 105 -16.64 -27.13 -8.82
CA ASP E 105 -15.30 -26.68 -8.49
C ASP E 105 -15.35 -25.28 -7.87
N ILE E 106 -14.53 -25.05 -6.86
CA ILE E 106 -14.48 -23.78 -6.15
C ILE E 106 -13.04 -23.33 -6.00
N THR E 107 -12.80 -22.04 -6.21
CA THR E 107 -11.53 -21.39 -5.90
C THR E 107 -11.73 -20.44 -4.72
N LEU E 108 -10.74 -20.37 -3.84
CA LEU E 108 -10.81 -19.57 -2.62
C LEU E 108 -9.81 -18.42 -2.71
N TYR E 109 -10.29 -17.20 -2.51
CA TYR E 109 -9.44 -16.01 -2.52
C TYR E 109 -9.27 -15.51 -1.10
N PRO E 110 -8.14 -15.73 -0.45
CA PRO E 110 -7.96 -15.27 0.93
C PRO E 110 -7.25 -13.92 1.03
N LEU E 111 -7.86 -12.98 1.73
CA LEU E 111 -7.28 -11.65 1.94
C LEU E 111 -6.99 -11.44 3.42
N SER E 112 -5.84 -10.87 3.71
CA SER E 112 -5.43 -10.56 5.07
C SER E 112 -5.33 -9.04 5.20
N LEU E 113 -6.30 -8.44 5.88
CA LEU E 113 -6.32 -6.98 5.99
C LEU E 113 -5.23 -6.47 6.92
N ALA E 114 -5.05 -7.12 8.08
CA ALA E 114 -4.03 -6.67 9.02
C ALA E 114 -2.63 -6.80 8.45
N THR E 115 -2.41 -7.76 7.54
CA THR E 115 -1.11 -7.93 6.91
C THR E 115 -1.07 -7.22 5.55
N GLN E 118 -0.03 -1.25 5.69
CA GLN E 118 0.41 0.11 6.00
C GLN E 118 -0.77 1.02 6.33
N GLY E 119 -0.48 2.16 6.93
CA GLY E 119 -1.50 3.12 7.28
C GLY E 119 -1.84 4.13 6.20
N ARG E 120 -1.39 3.91 4.97
CA ARG E 120 -1.52 4.91 3.92
C ARG E 120 -2.98 5.13 3.55
N VAL E 121 -3.33 6.40 3.30
CA VAL E 121 -4.70 6.76 3.00
C VAL E 121 -5.13 6.15 1.67
N GLY E 122 -6.33 5.59 1.64
CA GLY E 122 -6.84 4.94 0.46
C GLY E 122 -6.48 3.49 0.31
N GLU E 123 -5.53 2.99 1.11
CA GLU E 123 -5.14 1.58 1.00
C GLU E 123 -6.26 0.64 1.40
N THR E 125 -9.50 1.09 0.93
CA THR E 125 -10.33 1.02 -0.27
C THR E 125 -9.61 0.34 -1.42
N GLN E 126 -8.29 0.51 -1.53
CA GLN E 126 -7.56 -0.15 -2.59
C GLN E 126 -7.60 -1.66 -2.44
N LEU E 127 -7.43 -2.16 -1.22
CA LEU E 127 -7.39 -3.60 -1.01
C LEU E 127 -8.79 -4.22 -1.09
N VAL E 128 -9.81 -3.52 -0.59
CA VAL E 128 -11.14 -4.09 -0.55
C VAL E 128 -11.76 -4.12 -1.93
N SER E 129 -11.76 -2.98 -2.63
CA SER E 129 -12.36 -2.92 -3.96
C SER E 129 -11.65 -3.86 -4.93
N ALA E 130 -10.32 -3.89 -4.90
CA ALA E 130 -9.59 -4.75 -5.83
C ALA E 130 -9.89 -6.22 -5.54
N ALA E 131 -10.11 -6.57 -4.28
CA ALA E 131 -10.49 -7.94 -3.95
C ALA E 131 -11.83 -8.31 -4.56
N PHE E 132 -12.79 -7.38 -4.51
CA PHE E 132 -14.09 -7.64 -5.11
C PHE E 132 -14.02 -7.63 -6.64
N ASP E 133 -13.08 -6.88 -7.22
CA ASP E 133 -12.97 -6.85 -8.67
C ASP E 133 -12.42 -8.17 -9.21
N TYR E 134 -11.41 -8.73 -8.57
CA TYR E 134 -10.91 -10.03 -8.99
C TYR E 134 -11.94 -11.12 -8.74
N THR E 135 -12.70 -11.01 -7.64
CA THR E 135 -13.75 -11.98 -7.36
C THR E 135 -14.83 -11.95 -8.43
N ILE E 136 -15.27 -10.74 -8.82
CA ILE E 136 -16.37 -10.62 -9.76
C ILE E 136 -15.93 -11.01 -11.16
N GLU E 137 -14.68 -10.72 -11.53
CA GLU E 137 -14.13 -11.20 -12.80
C GLU E 137 -14.20 -12.72 -12.87
N ALA E 138 -13.72 -13.39 -11.82
CA ALA E 138 -13.73 -14.85 -11.82
C ALA E 138 -15.16 -15.40 -11.75
N ALA E 139 -16.03 -14.75 -10.96
CA ALA E 139 -17.40 -15.24 -10.82
C ALA E 139 -18.23 -15.02 -12.07
N ASP E 140 -17.89 -14.00 -12.87
CA ASP E 140 -18.67 -13.72 -14.07
C ASP E 140 -18.44 -14.78 -15.16
N LYS E 141 -17.22 -15.31 -15.25
CA LYS E 141 -16.94 -16.37 -16.21
C LYS E 141 -17.67 -17.67 -15.90
N LEU E 142 -18.09 -17.88 -14.65
CA LEU E 142 -18.80 -19.09 -14.25
C LEU E 142 -20.31 -18.95 -14.36
N LYS E 143 -20.81 -17.80 -14.78
CA LYS E 143 -22.25 -17.59 -14.86
C LYS E 143 -22.86 -18.46 -15.95
N ASN E 144 -24.14 -18.79 -15.78
CA ASN E 144 -24.88 -19.54 -16.80
C ASN E 144 -25.98 -18.69 -17.42
N LYS E 148 -27.16 -24.61 -14.12
CA LYS E 148 -26.23 -24.70 -13.00
C LYS E 148 -24.94 -23.92 -13.28
N ALA E 149 -24.41 -23.25 -12.26
CA ALA E 149 -23.14 -22.58 -12.41
C ALA E 149 -22.02 -23.59 -12.61
N ARG E 150 -21.05 -23.23 -13.45
CA ARG E 150 -19.92 -24.11 -13.72
C ARG E 150 -18.97 -24.21 -12.53
N GLY E 151 -19.11 -23.31 -11.57
CA GLY E 151 -18.24 -23.30 -10.42
C GLY E 151 -18.69 -22.22 -9.47
N ALA E 152 -17.86 -21.98 -8.46
CA ALA E 152 -18.09 -20.93 -7.49
C ALA E 152 -16.78 -20.26 -7.15
N VAL E 153 -16.87 -19.08 -6.56
CA VAL E 153 -15.73 -18.32 -6.09
C VAL E 153 -15.97 -17.99 -4.62
N LEU E 154 -14.92 -18.09 -3.81
CA LEU E 154 -15.00 -17.80 -2.37
C LEU E 154 -14.00 -16.72 -2.02
N LEU E 155 -14.50 -15.57 -1.59
CA LEU E 155 -13.68 -14.46 -1.11
C LEU E 155 -13.67 -14.48 0.42
N LEU E 156 -12.49 -14.66 1.00
CA LEU E 156 -12.32 -14.69 2.45
C LEU E 156 -11.48 -13.49 2.89
N ILE E 157 -12.04 -12.69 3.79
CA ILE E 157 -11.33 -11.59 4.42
C ILE E 157 -11.02 -12.04 5.83
N ASP E 158 -9.75 -12.39 6.07
CA ASP E 158 -9.38 -13.15 7.25
C ASP E 158 -9.35 -12.28 8.52
N GLN E 159 -8.91 -11.03 8.40
CA GLN E 159 -8.70 -10.15 9.56
C GLN E 159 -9.45 -8.84 9.32
N ALA E 160 -10.77 -8.89 9.37
CA ALA E 160 -11.60 -7.73 9.05
C ALA E 160 -12.03 -6.96 10.30
N ASP E 161 -11.23 -6.98 11.37
CA ASP E 161 -11.61 -6.30 12.60
C ASP E 161 -11.71 -4.79 12.39
N ALA E 162 -10.73 -4.21 11.69
CA ALA E 162 -10.78 -2.79 11.37
C ALA E 162 -11.96 -2.46 10.45
N LEU E 163 -12.34 -3.40 9.59
CA LEU E 163 -13.51 -3.23 8.75
C LEU E 163 -14.82 -3.42 9.52
N ALA E 164 -14.81 -4.26 10.56
CA ALA E 164 -16.07 -4.65 11.19
C ALA E 164 -16.65 -3.53 12.04
N GLN E 165 -15.80 -2.64 12.54
CA GLN E 165 -16.24 -1.62 13.49
C GLN E 165 -17.35 -0.76 12.90
N SER E 166 -18.35 -0.45 13.72
CA SER E 166 -19.51 0.29 13.28
C SER E 166 -19.21 1.78 13.22
N ARG E 167 -19.96 2.48 12.36
CA ARG E 167 -19.81 3.93 12.21
C ARG E 167 -20.42 4.65 13.41
N GLU E 168 -19.70 4.59 14.53
CA GLU E 168 -19.99 5.40 15.71
C GLU E 168 -19.39 6.80 15.64
N ASN E 169 -18.50 7.07 14.67
CA ASN E 169 -17.92 8.40 14.47
C ASN E 169 -17.16 8.91 15.69
N ALA E 170 -16.65 7.97 16.50
CA ALA E 170 -15.75 8.29 17.60
C ALA E 170 -14.38 7.65 17.42
N GLN E 171 -14.32 6.35 17.17
CA GLN E 171 -13.07 5.64 16.98
C GLN E 171 -12.82 5.27 15.53
N HIS E 173 -11.58 6.15 12.15
CA HIS E 173 -10.85 7.05 11.29
C HIS E 173 -11.47 7.05 9.90
N HIS E 174 -11.29 8.17 9.18
CA HIS E 174 -11.92 8.30 7.87
C HIS E 174 -11.50 7.18 6.93
N GLU E 175 -10.24 6.71 7.05
CA GLU E 175 -9.77 5.64 6.19
C GLU E 175 -10.55 4.34 6.45
N ASP E 176 -10.93 4.10 7.70
CA ASP E 176 -11.68 2.88 8.02
C ASP E 176 -13.13 2.97 7.54
N ARG E 177 -13.75 4.15 7.65
CA ARG E 177 -15.11 4.29 7.16
C ARG E 177 -15.17 4.08 5.65
N ALA E 178 -14.15 4.52 4.93
CA ALA E 178 -14.11 4.31 3.48
C ALA E 178 -13.96 2.84 3.15
N GLY E 179 -13.25 2.08 3.98
CA GLY E 179 -13.12 0.65 3.75
C GLY E 179 -14.44 -0.09 3.90
N VAL E 180 -15.23 0.30 4.90
CA VAL E 180 -16.56 -0.26 5.05
C VAL E 180 -17.40 0.04 3.83
N ASN E 181 -17.32 1.27 3.31
CA ASN E 181 -18.11 1.65 2.15
C ASN E 181 -17.73 0.84 0.92
N ALA E 182 -16.42 0.63 0.70
CA ALA E 182 -15.99 -0.21 -0.41
C ALA E 182 -16.40 -1.66 -0.19
N PHE E 183 -16.32 -2.13 1.06
CA PHE E 183 -16.79 -3.47 1.39
C PHE E 183 -18.30 -3.59 1.19
N ILE E 184 -19.04 -2.56 1.61
CA ILE E 184 -20.48 -2.54 1.40
C ILE E 184 -20.81 -2.58 -0.09
N ARG E 185 -20.06 -1.82 -0.90
CA ARG E 185 -20.34 -1.76 -2.33
C ARG E 185 -20.04 -3.09 -3.01
N GLY E 186 -18.96 -3.77 -2.61
CA GLY E 186 -18.59 -5.02 -3.26
C GLY E 186 -19.64 -6.10 -3.11
N ILE E 187 -20.25 -6.19 -1.93
CA ILE E 187 -21.33 -7.15 -1.73
C ILE E 187 -22.55 -6.78 -2.57
N ASP E 188 -22.85 -5.49 -2.68
CA ASP E 188 -23.98 -5.06 -3.50
C ASP E 188 -23.74 -5.35 -4.97
N ARG E 189 -22.50 -5.17 -5.43
CA ARG E 189 -22.17 -5.53 -6.81
C ARG E 189 -22.45 -7.00 -7.06
N ILE E 190 -22.00 -7.87 -6.15
CA ILE E 190 -22.21 -9.30 -6.32
C ILE E 190 -23.69 -9.64 -6.24
N ALA E 191 -24.43 -8.95 -5.38
CA ALA E 191 -25.82 -9.31 -5.14
C ALA E 191 -26.71 -8.89 -6.32
N ASN E 192 -26.49 -7.70 -6.87
CA ASN E 192 -27.31 -7.25 -7.99
C ASN E 192 -27.14 -8.17 -9.19
N GLN E 193 -25.93 -8.66 -9.42
CA GLN E 193 -25.72 -9.69 -10.41
C GLN E 193 -26.01 -11.07 -9.80
N LYS E 194 -26.17 -12.07 -10.66
CA LYS E 194 -26.50 -13.40 -10.18
C LYS E 194 -25.26 -14.29 -10.07
N LEU E 195 -24.12 -13.72 -9.74
CA LEU E 195 -22.86 -14.45 -9.83
C LEU E 195 -22.78 -15.50 -8.73
N PRO E 196 -22.13 -16.64 -9.01
CA PRO E 196 -21.93 -17.70 -8.00
C PRO E 196 -20.71 -17.45 -7.10
N ALA E 197 -20.87 -16.50 -6.16
CA ALA E 197 -19.79 -16.14 -5.27
C ALA E 197 -20.36 -15.82 -3.90
N ALA E 198 -19.51 -15.99 -2.87
CA ALA E 198 -19.89 -15.70 -1.50
C ALA E 198 -18.69 -15.10 -0.77
N VAL E 199 -18.98 -14.35 0.30
CA VAL E 199 -17.96 -13.61 1.04
C VAL E 199 -17.95 -14.10 2.48
N LEU E 200 -16.76 -14.49 2.95
CA LEU E 200 -16.54 -14.89 4.34
C LEU E 200 -15.79 -13.78 5.06
N CYS E 202 -14.23 -12.64 8.81
CA CYS E 202 -13.82 -13.09 10.13
C CYS E 202 -13.54 -11.90 11.02
N THR E 203 -14.08 -11.93 12.23
CA THR E 203 -14.00 -10.81 13.17
C THR E 203 -13.72 -11.33 14.56
N ASN E 204 -12.69 -10.77 15.21
CA ASN E 204 -12.47 -11.07 16.62
C ASN E 204 -13.56 -10.45 17.48
N ARG E 205 -14.09 -9.30 17.08
CA ARG E 205 -15.13 -8.62 17.84
C ARG E 205 -16.43 -9.41 17.77
N LEU E 206 -17.23 -9.33 18.85
CA LEU E 206 -18.44 -10.12 18.93
C LEU E 206 -19.70 -9.27 19.13
N LYS E 207 -19.63 -7.96 18.87
CA LYS E 207 -20.83 -7.15 18.99
C LYS E 207 -20.70 -5.89 18.15
N ALA E 208 -21.82 -5.18 18.03
CA ALA E 208 -21.88 -3.82 17.49
C ALA E 208 -21.40 -3.77 16.03
N LEU E 209 -21.90 -4.69 15.22
CA LEU E 209 -21.62 -4.64 13.78
C LEU E 209 -22.37 -3.47 13.14
N ASP E 210 -21.72 -2.84 12.18
CA ASP E 210 -22.32 -1.71 11.48
C ASP E 210 -23.63 -2.15 10.83
N PRO E 211 -24.71 -1.36 10.95
CA PRO E 211 -26.00 -1.78 10.37
C PRO E 211 -25.92 -2.17 8.90
N ALA E 212 -25.13 -1.44 8.10
CA ALA E 212 -24.99 -1.78 6.69
C ALA E 212 -24.40 -3.17 6.51
N VAL E 213 -23.40 -3.52 7.31
CA VAL E 213 -22.80 -4.84 7.21
C VAL E 213 -23.74 -5.91 7.77
N GLN E 214 -24.48 -5.59 8.83
CA GLN E 214 -25.42 -6.55 9.38
C GLN E 214 -26.62 -6.74 8.47
N ARG E 215 -27.01 -5.69 7.74
CA ARG E 215 -28.13 -5.81 6.81
C ARG E 215 -27.81 -6.75 5.65
N ARG E 216 -26.55 -6.83 5.25
CA ARG E 216 -26.14 -7.64 4.12
C ARG E 216 -25.58 -8.99 4.53
N ALA E 217 -25.60 -9.33 5.82
CA ALA E 217 -25.08 -10.62 6.27
C ALA E 217 -26.19 -11.66 6.15
N ALA E 218 -25.96 -12.66 5.28
CA ALA E 218 -26.94 -13.73 5.14
C ALA E 218 -27.05 -14.54 6.43
N GLU E 219 -25.93 -14.72 7.12
CA GLU E 219 -25.91 -15.41 8.40
C GLU E 219 -24.69 -14.94 9.18
N ILE E 220 -24.77 -15.06 10.50
CA ILE E 220 -23.67 -14.71 11.39
C ILE E 220 -23.42 -15.88 12.33
N LEU E 221 -22.23 -16.44 12.28
CA LEU E 221 -21.82 -17.53 13.15
C LEU E 221 -20.99 -16.95 14.30
N THR E 222 -21.39 -17.22 15.53
CA THR E 222 -20.68 -16.77 16.72
C THR E 222 -19.79 -17.88 17.27
N PHE E 223 -18.58 -17.51 17.64
CA PHE E 223 -17.60 -18.43 18.19
C PHE E 223 -17.16 -17.88 19.55
N SER E 224 -17.12 -18.74 20.55
CA SER E 224 -16.76 -18.27 21.88
C SER E 224 -15.91 -19.30 22.61
N ARG E 225 -14.91 -18.82 23.34
CA ARG E 225 -14.11 -19.72 24.18
C ARG E 225 -15.02 -20.42 25.18
N PRO E 226 -14.72 -21.67 25.53
CA PRO E 226 -15.73 -22.48 26.24
C PRO E 226 -15.96 -21.98 27.67
N ASN E 227 -17.21 -21.99 28.10
CA ASN E 227 -17.56 -21.61 29.45
C ASN E 227 -17.32 -22.80 30.39
N ASP E 228 -17.60 -22.59 31.69
CA ASP E 228 -17.40 -23.66 32.68
C ASP E 228 -18.13 -24.93 32.28
N GLU E 229 -19.41 -24.81 31.94
CA GLU E 229 -20.19 -25.98 31.54
C GLU E 229 -19.55 -26.68 30.34
N GLN E 230 -19.19 -25.92 29.31
CA GLN E 230 -18.66 -26.54 28.10
C GLN E 230 -17.27 -27.11 28.34
N ARG E 231 -16.46 -26.44 29.17
CA ARG E 231 -15.14 -26.96 29.46
C ARG E 231 -15.21 -28.26 30.24
N HIS E 232 -16.17 -28.35 31.17
CA HIS E 232 -16.35 -29.59 31.93
C HIS E 232 -16.74 -30.73 31.01
N TYR E 233 -17.69 -30.50 30.11
CA TYR E 233 -18.13 -31.53 29.18
C TYR E 233 -16.98 -32.02 28.33
N LEU E 234 -16.22 -31.08 27.74
CA LEU E 234 -15.11 -31.45 26.89
C LEU E 234 -14.05 -32.23 27.66
N LEU E 235 -13.76 -31.82 28.91
CA LEU E 235 -12.67 -32.42 29.65
C LEU E 235 -13.00 -33.84 30.11
N HIS E 236 -14.26 -34.11 30.48
CA HIS E 236 -14.63 -35.46 30.87
C HIS E 236 -14.52 -36.43 29.70
N SER E 237 -15.04 -36.02 28.53
CA SER E 237 -14.97 -36.87 27.35
C SER E 237 -13.53 -37.25 27.03
N LYS E 238 -12.68 -36.24 26.90
CA LYS E 238 -11.31 -36.48 26.45
C LYS E 238 -10.46 -37.15 27.53
N LEU E 239 -10.66 -36.76 28.79
CA LEU E 239 -9.93 -37.37 29.90
C LEU E 239 -10.69 -38.60 30.42
N THR E 240 -10.86 -39.57 29.53
CA THR E 240 -11.50 -40.85 29.84
C THR E 240 -10.43 -41.92 29.95
N GLY E 241 -10.62 -42.85 30.88
CA GLY E 241 -9.69 -43.95 31.03
C GLY E 241 -8.29 -43.55 31.47
N LEU E 242 -8.11 -42.29 31.83
CA LEU E 242 -6.84 -41.80 32.33
C LEU E 242 -6.73 -41.86 33.84
N GLY E 243 -7.65 -42.55 34.52
CA GLY E 243 -7.54 -42.71 35.96
C GLY E 243 -7.65 -41.43 36.75
N LEU E 244 -8.35 -40.43 36.21
CA LEU E 244 -8.50 -39.13 36.87
C LEU E 244 -9.91 -39.03 37.39
N ASN E 245 -10.05 -38.86 38.71
CA ASN E 245 -11.38 -38.76 39.29
C ASN E 245 -12.03 -37.45 38.88
N SER E 246 -13.37 -37.40 39.03
CA SER E 246 -14.10 -36.21 38.64
C SER E 246 -13.65 -34.98 39.43
N THR E 247 -13.28 -35.16 40.70
CA THR E 247 -12.82 -34.03 41.51
C THR E 247 -11.57 -33.40 40.91
N ALA E 248 -10.71 -34.19 40.28
CA ALA E 248 -9.59 -33.61 39.54
C ALA E 248 -10.07 -32.98 38.24
N VAL E 249 -11.06 -33.60 37.60
CA VAL E 249 -11.65 -32.99 36.41
C VAL E 249 -12.28 -31.66 36.75
N GLU E 250 -13.08 -31.62 37.82
CA GLU E 250 -13.67 -30.35 38.23
C GLU E 250 -12.61 -29.31 38.54
N GLU E 251 -11.41 -29.76 38.93
CA GLU E 251 -10.35 -28.82 39.23
C GLU E 251 -9.68 -28.30 37.96
N LEU E 252 -9.50 -29.16 36.95
CA LEU E 252 -9.02 -28.68 35.66
C LEU E 252 -10.00 -27.71 35.04
N VAL E 253 -11.30 -27.97 35.17
CA VAL E 253 -12.32 -27.08 34.61
C VAL E 253 -12.18 -25.68 35.19
N ARG E 254 -12.01 -25.59 36.51
CA ARG E 254 -11.85 -24.28 37.14
C ARG E 254 -10.59 -23.59 36.68
N LEU E 255 -9.52 -24.35 36.46
CA LEU E 255 -8.25 -23.76 36.09
C LEU E 255 -8.19 -23.40 34.60
N THR E 256 -8.91 -24.14 33.75
CA THR E 256 -8.93 -23.78 32.34
C THR E 256 -9.73 -22.51 32.08
N GLY E 257 -10.58 -22.11 33.01
CA GLY E 257 -11.30 -20.87 32.87
C GLY E 257 -10.45 -19.67 33.22
N PRO E 258 -10.98 -18.48 32.96
CA PRO E 258 -10.24 -17.25 33.30
C PRO E 258 -10.05 -17.15 34.80
N ARG E 259 -8.80 -17.05 35.22
CA ARG E 259 -8.47 -17.04 36.64
C ARG E 259 -8.46 -15.63 37.23
N ASP E 260 -8.50 -14.60 36.40
CA ASP E 260 -8.68 -13.22 36.82
C ASP E 260 -9.54 -12.52 35.79
N PRO E 261 -10.15 -11.37 36.15
CA PRO E 261 -11.15 -10.76 35.24
C PRO E 261 -10.60 -10.39 33.88
N ASN E 262 -9.42 -9.75 33.82
CA ASN E 262 -8.86 -9.34 32.53
C ASN E 262 -8.42 -10.56 31.71
N SER E 263 -7.84 -11.57 32.35
CA SER E 263 -7.29 -12.70 31.61
C SER E 263 -8.40 -13.47 30.88
N PRO E 264 -8.09 -14.04 29.72
CA PRO E 264 -9.05 -14.89 29.02
C PRO E 264 -9.02 -16.32 29.50
N GLY E 265 -10.05 -17.07 29.13
CA GLY E 265 -10.08 -18.49 29.39
C GLY E 265 -9.32 -19.27 28.33
N PHE E 266 -9.17 -20.57 28.58
CA PHE E 266 -8.57 -21.46 27.59
C PHE E 266 -9.49 -21.58 26.37
N THR E 267 -8.90 -21.52 25.19
CA THR E 267 -9.68 -21.77 23.98
C THR E 267 -9.91 -23.27 23.84
N PHE E 268 -10.84 -23.63 22.95
CA PHE E 268 -11.07 -25.03 22.64
C PHE E 268 -9.82 -25.68 22.07
N SER E 269 -9.08 -24.95 21.23
CA SER E 269 -7.84 -25.48 20.68
C SER E 269 -6.78 -25.67 21.76
N ASP E 270 -6.74 -24.76 22.74
CA ASP E 270 -5.74 -24.86 23.79
C ASP E 270 -5.89 -26.16 24.57
N ILE E 271 -7.13 -26.57 24.86
CA ILE E 271 -7.35 -27.79 25.63
C ILE E 271 -6.99 -29.02 24.80
N THR E 272 -7.50 -29.09 23.57
CA THR E 272 -7.34 -30.30 22.77
C THR E 272 -5.94 -30.43 22.19
N GLN E 273 -5.42 -29.36 21.58
CA GLN E 273 -4.16 -29.46 20.86
C GLN E 273 -2.96 -29.37 21.80
N ARG E 274 -3.08 -28.60 22.88
CA ARG E 274 -1.96 -28.35 23.78
C ARG E 274 -2.09 -29.07 25.10
N LEU E 275 -3.19 -28.84 25.84
CA LEU E 275 -3.25 -29.24 27.24
C LEU E 275 -3.19 -30.76 27.39
N ILE E 276 -4.16 -31.46 26.79
CA ILE E 276 -4.20 -32.91 26.91
C ILE E 276 -2.93 -33.56 26.38
N PRO E 277 -2.36 -33.16 25.24
CA PRO E 277 -1.06 -33.76 24.86
C PRO E 277 0.04 -33.50 25.87
N SER E 278 0.05 -32.33 26.51
CA SER E 278 1.10 -32.05 27.50
C SER E 278 0.95 -32.94 28.74
N ILE E 279 -0.29 -33.28 29.11
CA ILE E 279 -0.50 -34.23 30.19
C ILE E 279 0.02 -35.60 29.80
N ILE E 280 -0.25 -36.02 28.56
CA ILE E 280 0.23 -37.32 28.08
C ILE E 280 1.75 -37.37 28.10
N LEU E 281 2.38 -36.34 27.55
CA LEU E 281 3.83 -36.37 27.34
C LEU E 281 4.58 -36.44 28.67
N ALA E 282 4.07 -35.77 29.70
CA ALA E 282 4.68 -35.84 31.02
C ALA E 282 4.68 -37.25 31.58
N ALA E 283 3.64 -38.04 31.29
CA ALA E 283 3.59 -39.41 31.75
C ALA E 283 4.33 -40.36 30.82
N TYR E 284 4.34 -40.09 29.53
CA TYR E 284 5.06 -40.93 28.59
C TYR E 284 6.55 -40.96 28.93
N PRO E 285 7.23 -42.12 28.85
CA PRO E 285 6.64 -43.43 28.59
C PRO E 285 6.82 -44.44 29.74
N TYR E 286 7.28 -43.97 30.90
CA TYR E 286 7.49 -44.83 32.05
C TYR E 286 6.50 -44.56 33.18
N ASN E 287 5.51 -43.70 32.95
CA ASN E 287 4.59 -43.29 34.00
C ASN E 287 3.16 -43.33 33.47
N ALA E 288 2.23 -43.49 34.40
CA ALA E 288 0.82 -43.29 34.09
C ALA E 288 0.47 -41.82 34.24
N VAL E 289 -0.67 -41.43 33.67
CA VAL E 289 -1.18 -40.08 33.87
C VAL E 289 -1.43 -39.86 35.36
N SER E 290 -0.91 -38.77 35.88
CA SER E 290 -0.95 -38.48 37.31
C SER E 290 -1.87 -37.29 37.59
N VAL E 291 -2.69 -37.43 38.63
CA VAL E 291 -3.50 -36.31 39.12
C VAL E 291 -2.61 -35.12 39.44
N HIS E 292 -1.51 -35.37 40.14
CA HIS E 292 -0.61 -34.30 40.53
C HIS E 292 0.13 -33.73 39.33
N SER E 293 0.56 -34.58 38.39
CA SER E 293 1.26 -34.08 37.21
C SER E 293 0.33 -33.24 36.33
N ALA E 294 -0.93 -33.66 36.20
CA ALA E 294 -1.87 -32.92 35.39
C ALA E 294 -2.17 -31.54 35.97
N LEU E 295 -2.11 -31.41 37.30
CA LEU E 295 -2.43 -30.13 37.93
C LEU E 295 -1.37 -29.07 37.64
N GLN E 296 -0.10 -29.49 37.53
CA GLN E 296 0.98 -28.53 37.34
C GLN E 296 1.21 -28.21 35.86
N VAL E 297 0.89 -29.14 34.96
CA VAL E 297 0.88 -28.81 33.54
C VAL E 297 -0.05 -27.63 33.30
N VAL E 298 -1.22 -27.66 33.95
CA VAL E 298 -2.19 -26.59 33.80
C VAL E 298 -1.66 -25.29 34.39
N ASN E 299 -1.07 -25.36 35.58
CA ASN E 299 -0.60 -24.14 36.24
C ASN E 299 0.53 -23.49 35.46
N LYS E 300 1.48 -24.29 34.95
CA LYS E 300 2.53 -23.73 34.11
C LYS E 300 1.97 -23.19 32.80
N THR E 302 -0.51 -21.52 29.85
CA THR E 302 -1.24 -20.26 29.73
C THR E 302 -2.15 -20.31 28.51
N PRO E 303 -3.27 -19.62 28.54
CA PRO E 303 -4.21 -19.65 27.41
C PRO E 303 -3.77 -18.73 26.28
N THR E 304 -4.45 -18.88 25.14
CA THR E 304 -4.23 -17.98 24.02
C THR E 304 -4.69 -16.58 24.40
N PRO E 305 -3.83 -15.56 24.28
CA PRO E 305 -4.20 -14.23 24.74
C PRO E 305 -5.33 -13.64 23.91
N ALA E 306 -6.14 -12.80 24.55
CA ALA E 306 -7.29 -12.22 23.88
C ALA E 306 -6.87 -11.30 22.74
N PHE E 307 -7.74 -11.17 21.74
CA PHE E 307 -7.51 -10.30 20.59
C PHE E 307 -8.80 -10.05 19.82
N SER F 6 24.39 -31.90 -5.99
CA SER F 6 23.38 -32.89 -5.64
C SER F 6 24.02 -34.07 -4.92
N LEU F 7 25.29 -33.92 -4.54
CA LEU F 7 26.07 -35.00 -3.94
C LEU F 7 25.93 -35.00 -2.43
N ASP F 8 25.83 -36.21 -1.85
CA ASP F 8 25.59 -36.33 -0.42
C ASP F 8 26.71 -35.71 0.39
N GLU F 9 27.95 -35.80 -0.09
CA GLU F 9 29.07 -35.19 0.61
C GLU F 9 28.87 -33.68 0.75
N LEU F 10 28.45 -33.03 -0.33
CA LEU F 10 28.38 -31.58 -0.35
C LEU F 10 27.24 -31.05 0.50
N PHE F 11 26.21 -31.85 0.75
CA PHE F 11 25.02 -31.33 1.44
C PHE F 11 25.18 -31.25 2.94
N GLU F 12 25.90 -32.19 3.56
CA GLU F 12 25.81 -32.33 5.00
C GLU F 12 26.95 -33.16 5.58
N ARG F 13 27.39 -32.77 6.77
CA ARG F 13 28.14 -33.66 7.65
C ARG F 13 27.21 -34.79 8.07
N ARG F 14 27.74 -35.79 8.75
CA ARG F 14 26.92 -36.96 9.03
C ARG F 14 27.27 -37.56 10.38
N ILE F 15 26.25 -37.70 11.21
CA ILE F 15 26.40 -38.15 12.60
C ILE F 15 25.41 -39.26 12.86
N ASN F 16 25.91 -40.37 13.40
CA ASN F 16 25.09 -41.55 13.69
C ASN F 16 24.82 -41.62 15.18
N PHE F 17 23.56 -41.88 15.55
CA PHE F 17 23.19 -42.03 16.96
C PHE F 17 22.70 -43.45 17.22
N PRO F 18 23.06 -44.06 18.36
CA PRO F 18 23.81 -43.51 19.50
C PRO F 18 25.33 -43.46 19.34
N ASP F 19 25.90 -42.28 19.60
CA ASP F 19 27.34 -42.06 19.56
C ASP F 19 27.74 -41.39 20.87
N PHE F 20 29.02 -41.52 21.22
CA PHE F 20 29.45 -41.06 22.54
C PHE F 20 29.52 -39.54 22.60
N GLU F 21 30.11 -38.90 21.59
CA GLU F 21 30.12 -37.44 21.51
C GLU F 21 28.74 -36.82 21.72
N PRO F 22 27.68 -37.26 21.03
CA PRO F 22 26.35 -36.66 21.29
C PRO F 22 25.91 -36.77 22.74
N GLN F 23 26.08 -37.92 23.37
CA GLN F 23 25.70 -38.07 24.76
C GLN F 23 26.44 -37.08 25.64
N GLU F 24 27.74 -36.91 25.42
CA GLU F 24 28.53 -36.06 26.29
C GLU F 24 28.23 -34.58 26.07
N ARG F 25 27.89 -34.19 24.84
CA ARG F 25 27.49 -32.81 24.60
C ARG F 25 26.11 -32.53 25.20
N LEU F 26 25.24 -33.54 25.24
CA LEU F 26 23.95 -33.38 25.91
C LEU F 26 24.13 -33.10 27.40
N ALA F 27 25.11 -33.77 28.02
CA ALA F 27 25.43 -33.43 29.41
C ALA F 27 25.99 -32.02 29.52
N ARG F 28 26.70 -31.53 28.50
CA ARG F 28 27.25 -30.18 28.57
C ARG F 28 26.15 -29.13 28.64
N LEU F 29 25.02 -29.40 27.98
CA LEU F 29 23.96 -28.41 27.86
C LEU F 29 23.35 -28.12 29.22
N VAL F 30 23.27 -26.84 29.55
CA VAL F 30 22.77 -26.38 30.84
C VAL F 30 21.51 -25.55 30.59
N GLY F 31 20.55 -25.67 31.49
CA GLY F 31 19.36 -24.83 31.40
C GLY F 31 18.38 -25.24 30.33
N LEU F 32 18.67 -26.31 29.59
CA LEU F 32 17.78 -26.78 28.53
C LEU F 32 17.16 -28.14 28.83
N ASP F 33 17.09 -28.50 30.12
CA ASP F 33 16.58 -29.83 30.48
C ASP F 33 15.12 -30.00 30.08
N GLU F 34 14.29 -28.99 30.37
CA GLU F 34 12.88 -29.06 29.98
C GLU F 34 12.73 -29.15 28.47
N HIS F 35 13.51 -28.37 27.73
CA HIS F 35 13.48 -28.46 26.27
C HIS F 35 13.94 -29.84 25.80
N LYS F 36 14.95 -30.39 26.46
CA LYS F 36 15.48 -31.70 26.04
C LYS F 36 14.42 -32.79 26.13
N ASP F 37 13.63 -32.79 27.20
CA ASP F 37 12.59 -33.80 27.36
C ASP F 37 11.50 -33.64 26.30
N ARG F 38 10.95 -32.43 26.17
CA ARG F 38 9.87 -32.21 25.21
C ARG F 38 10.34 -32.45 23.78
N LEU F 39 11.58 -32.04 23.46
CA LEU F 39 12.07 -32.26 22.11
C LEU F 39 12.31 -33.74 21.84
N SER F 40 12.75 -34.48 22.85
CA SER F 40 12.97 -35.91 22.67
C SER F 40 11.65 -36.66 22.52
N LYS F 41 10.67 -36.36 23.37
CA LYS F 41 9.40 -37.07 23.33
C LYS F 41 8.60 -36.71 22.09
N ILE F 42 8.60 -35.43 21.70
CA ILE F 42 7.84 -35.04 20.52
C ILE F 42 8.47 -35.61 19.26
N LEU F 43 9.81 -35.59 19.19
CA LEU F 43 10.48 -36.26 18.07
C LEU F 43 10.29 -37.76 18.15
N GLY F 44 10.32 -38.32 19.35
CA GLY F 44 10.14 -39.76 19.52
C GLY F 44 8.81 -40.25 19.01
N LEU F 45 7.73 -39.50 19.28
CA LEU F 45 6.42 -39.93 18.81
C LEU F 45 6.28 -39.73 17.31
N LEU F 46 6.89 -38.67 16.77
CA LEU F 46 6.74 -38.39 15.34
C LEU F 46 7.38 -39.49 14.50
N VAL F 47 8.58 -39.92 14.87
CA VAL F 47 9.26 -40.94 14.07
C VAL F 47 8.63 -42.31 14.28
N ASN F 48 8.34 -42.66 15.53
CA ASN F 48 7.87 -44.00 15.88
C ASN F 48 6.50 -43.88 16.54
N PRO F 49 5.41 -43.93 15.78
CA PRO F 49 4.08 -43.87 16.40
C PRO F 49 3.78 -45.09 17.27
N TYR F 50 4.31 -46.26 16.89
CA TYR F 50 4.09 -47.49 17.63
C TYR F 50 4.50 -47.34 19.09
N GLY F 51 5.48 -46.49 19.37
CA GLY F 51 6.06 -46.45 20.70
C GLY F 51 5.10 -45.95 21.76
N ILE F 52 4.32 -44.92 21.45
CA ILE F 52 3.40 -44.38 22.44
C ILE F 52 2.21 -45.33 22.62
N GLN F 53 1.78 -45.98 21.54
CA GLN F 53 0.63 -46.88 21.62
C GLN F 53 0.89 -48.01 22.59
N GLU F 54 2.12 -48.53 22.63
CA GLU F 54 2.44 -49.56 23.61
C GLU F 54 2.39 -49.00 25.03
N TRP F 55 2.92 -47.79 25.23
CA TRP F 55 2.75 -47.12 26.52
C TRP F 55 1.27 -46.93 26.84
N ALA F 56 0.47 -46.58 25.84
CA ALA F 56 -0.94 -46.30 26.06
C ALA F 56 -1.67 -47.53 26.58
N LYS F 57 -1.54 -48.66 25.87
CA LYS F 57 -2.25 -49.86 26.27
C LYS F 57 -1.76 -50.38 27.62
N LYS F 58 -0.53 -50.05 28.02
CA LYS F 58 -0.03 -50.52 29.31
C LYS F 58 -0.58 -49.71 30.47
N TYR F 59 -0.82 -48.42 30.28
CA TYR F 59 -1.26 -47.54 31.36
C TYR F 59 -2.71 -47.09 31.23
N HIS F 60 -3.19 -46.88 30.01
CA HIS F 60 -4.56 -46.43 29.77
C HIS F 60 -5.05 -47.02 28.47
N PRO F 61 -5.21 -48.35 28.42
CA PRO F 61 -5.66 -48.98 27.16
C PRO F 61 -7.08 -48.61 26.78
N ASP F 62 -7.95 -48.44 27.77
CA ASP F 62 -9.34 -48.14 27.48
C ASP F 62 -9.46 -46.81 26.76
N ALA F 63 -8.54 -45.88 27.06
CA ALA F 63 -8.53 -44.54 26.47
C ALA F 63 -7.98 -44.57 25.04
N ARG F 64 -8.74 -43.97 24.13
CA ARG F 64 -8.29 -43.78 22.77
C ARG F 64 -8.33 -42.33 22.31
N ALA F 65 -9.21 -41.51 22.88
CA ALA F 65 -9.35 -40.13 22.42
C ALA F 65 -8.13 -39.29 22.75
N ALA F 66 -7.49 -39.57 23.89
CA ALA F 66 -6.31 -38.81 24.30
C ALA F 66 -5.13 -39.07 23.36
N VAL F 67 -4.91 -40.33 23.00
CA VAL F 67 -3.74 -40.66 22.21
C VAL F 67 -3.90 -40.23 20.76
N ASP F 68 -5.14 -40.20 20.25
CA ASP F 68 -5.34 -39.95 18.82
C ASP F 68 -5.01 -38.50 18.44
N THR F 69 -5.18 -37.56 19.36
CA THR F 69 -4.70 -36.20 19.13
C THR F 69 -3.19 -36.17 18.98
N VAL F 70 -2.49 -36.88 19.87
CA VAL F 70 -1.04 -36.93 19.85
C VAL F 70 -0.51 -37.74 18.67
N LEU F 71 -1.32 -38.66 18.15
CA LEU F 71 -0.84 -39.61 17.15
C LEU F 71 -0.58 -38.96 15.79
N ARG F 72 -1.45 -38.05 15.37
CA ARG F 72 -1.43 -37.50 14.02
C ARG F 72 -1.02 -36.04 14.07
N ARG F 73 0.24 -35.77 13.72
CA ARG F 73 0.78 -34.42 13.66
C ARG F 73 1.79 -34.33 12.53
N PRO F 74 1.88 -33.19 11.84
CA PRO F 74 2.85 -33.09 10.74
C PRO F 74 4.25 -33.06 11.29
N PRO F 75 5.23 -33.61 10.56
CA PRO F 75 6.56 -33.91 11.14
C PRO F 75 7.55 -32.76 10.99
N LEU F 76 7.20 -31.60 11.56
CA LEU F 76 8.10 -30.45 11.59
C LEU F 76 8.20 -29.91 13.01
N VAL F 77 9.43 -29.72 13.47
CA VAL F 77 9.72 -29.08 14.75
C VAL F 77 10.55 -27.84 14.47
N VAL F 78 10.12 -26.71 15.03
CA VAL F 78 10.74 -25.42 14.80
C VAL F 78 11.41 -24.97 16.10
N LEU F 79 12.73 -24.85 16.07
CA LEU F 79 13.51 -24.34 17.19
C LEU F 79 13.85 -22.89 16.91
N ALA F 80 13.35 -21.99 17.77
CA ALA F 80 13.54 -20.55 17.59
C ALA F 80 14.20 -19.95 18.82
N GLY F 81 15.31 -19.26 18.62
CA GLY F 81 15.98 -18.58 19.70
C GLY F 81 16.96 -17.57 19.17
N ASP F 82 17.58 -16.86 20.11
CA ASP F 82 18.56 -15.84 19.74
C ASP F 82 19.78 -16.51 19.10
N VAL F 83 20.65 -15.68 18.54
CA VAL F 83 21.87 -16.19 17.93
C VAL F 83 22.78 -16.73 19.04
N GLY F 84 23.31 -17.93 18.83
CA GLY F 84 24.14 -18.55 19.85
C GLY F 84 23.39 -18.90 21.12
N SER F 85 22.12 -19.27 21.00
CA SER F 85 21.30 -19.57 22.17
C SER F 85 21.46 -21.01 22.66
N GLY F 86 22.36 -21.78 22.06
CA GLY F 86 22.45 -23.19 22.36
C GLY F 86 21.37 -24.05 21.74
N LYS F 87 20.51 -23.47 20.90
CA LYS F 87 19.47 -24.26 20.23
C LYS F 87 20.07 -25.18 19.17
N THR F 88 21.10 -24.70 18.47
CA THR F 88 21.75 -25.52 17.46
C THR F 88 22.44 -26.72 18.10
N GLU F 89 23.04 -26.52 19.27
CA GLU F 89 23.69 -27.63 19.96
C GLU F 89 22.68 -28.69 20.39
N LEU F 90 21.49 -28.26 20.79
CA LEU F 90 20.46 -29.22 21.19
C LEU F 90 20.04 -30.09 20.01
N ALA F 91 19.79 -29.47 18.85
CA ALA F 91 19.27 -30.20 17.70
C ALA F 91 20.29 -31.20 17.16
N GLU F 92 21.58 -30.86 17.20
CA GLU F 92 22.58 -31.79 16.70
C GLU F 92 22.65 -33.05 17.55
N THR F 93 22.46 -32.92 18.86
CA THR F 93 22.58 -34.05 19.77
C THR F 93 21.25 -34.66 20.19
N ILE F 94 20.12 -34.01 19.87
CA ILE F 94 18.82 -34.50 20.34
C ILE F 94 18.53 -35.88 19.77
N GLY F 95 19.00 -36.15 18.54
CA GLY F 95 18.76 -37.44 17.92
C GLY F 95 19.29 -38.60 18.74
N ASP F 96 20.41 -38.38 19.44
CA ASP F 96 20.95 -39.43 20.31
C ASP F 96 20.02 -39.71 21.48
N ALA F 97 19.52 -38.65 22.13
CA ALA F 97 18.61 -38.82 23.25
C ALA F 97 17.38 -39.61 22.85
N VAL F 98 16.78 -39.25 21.70
CA VAL F 98 15.61 -39.97 21.21
C VAL F 98 15.96 -41.42 20.94
N ALA F 99 17.16 -41.67 20.43
CA ALA F 99 17.57 -43.03 20.10
C ALA F 99 17.48 -43.94 21.31
N ARG F 100 18.02 -43.49 22.45
CA ARG F 100 18.02 -44.31 23.66
C ARG F 100 16.60 -44.55 24.17
N GLN F 101 15.72 -43.56 23.99
CA GLN F 101 14.31 -43.76 24.33
C GLN F 101 13.72 -44.91 23.54
N GLU F 102 13.71 -44.80 22.21
CA GLU F 102 13.12 -45.81 21.36
C GLU F 102 14.02 -47.04 21.17
N ASP F 103 15.29 -46.94 21.58
CA ASP F 103 16.27 -48.01 21.39
C ASP F 103 16.32 -48.47 19.93
N ILE F 104 16.38 -47.49 19.02
CA ILE F 104 16.53 -47.75 17.59
C ILE F 104 17.58 -46.77 17.05
N ASP F 105 18.26 -47.18 15.98
CA ASP F 105 19.32 -46.35 15.43
C ASP F 105 18.75 -45.16 14.67
N ILE F 106 19.43 -44.02 14.79
CA ILE F 106 19.00 -42.77 14.19
C ILE F 106 20.18 -42.14 13.45
N THR F 107 19.89 -41.55 12.30
CA THR F 107 20.88 -40.88 11.46
C THR F 107 20.42 -39.46 11.20
N LEU F 108 21.36 -38.50 11.31
CA LEU F 108 21.06 -37.08 11.21
C LEU F 108 21.74 -36.46 10.02
N TYR F 109 21.02 -35.63 9.28
CA TYR F 109 21.58 -34.85 8.17
C TYR F 109 21.45 -33.37 8.47
N PRO F 110 22.53 -32.65 8.78
CA PRO F 110 22.41 -31.19 8.93
C PRO F 110 22.25 -30.51 7.58
N LEU F 111 22.13 -29.17 7.56
CA LEU F 111 21.98 -28.50 6.27
C LEU F 111 22.73 -27.17 6.29
N SER F 112 23.31 -26.84 5.14
CA SER F 112 24.06 -25.60 4.98
C SER F 112 23.09 -24.40 4.98
N LEU F 113 23.66 -23.19 4.98
CA LEU F 113 22.88 -21.95 4.99
C LEU F 113 23.62 -20.81 4.27
N THR F 125 16.16 -23.51 -4.21
CA THR F 125 15.09 -24.49 -4.33
C THR F 125 15.66 -25.87 -4.58
N GLN F 126 16.63 -25.97 -5.49
CA GLN F 126 17.18 -27.27 -5.86
C GLN F 126 17.96 -27.89 -4.70
N LEU F 127 18.64 -27.06 -3.92
CA LEU F 127 19.37 -27.55 -2.75
C LEU F 127 18.43 -28.14 -1.71
N VAL F 128 17.22 -27.58 -1.56
CA VAL F 128 16.27 -28.06 -0.55
C VAL F 128 15.64 -29.36 -1.01
N SER F 129 15.25 -29.44 -2.28
CA SER F 129 14.50 -30.60 -2.77
C SER F 129 15.32 -31.88 -2.65
N ALA F 130 16.59 -31.82 -3.06
CA ALA F 130 17.45 -32.99 -2.93
C ALA F 130 17.57 -33.42 -1.47
N ALA F 131 17.82 -32.47 -0.57
CA ALA F 131 17.93 -32.79 0.85
C ALA F 131 16.72 -33.56 1.34
N PHE F 132 15.52 -33.10 0.96
CA PHE F 132 14.30 -33.82 1.33
C PHE F 132 14.19 -35.15 0.58
N ASP F 133 14.51 -35.16 -0.71
CA ASP F 133 14.42 -36.39 -1.49
C ASP F 133 15.41 -37.44 -0.98
N TYR F 134 16.65 -37.02 -0.68
CA TYR F 134 17.61 -37.93 -0.07
C TYR F 134 17.10 -38.45 1.26
N THR F 135 16.45 -37.59 2.04
CA THR F 135 15.97 -37.97 3.37
C THR F 135 14.88 -39.03 3.27
N ILE F 136 13.93 -38.86 2.35
CA ILE F 136 12.85 -39.82 2.19
C ILE F 136 13.37 -41.14 1.62
N GLU F 137 14.33 -41.06 0.69
CA GLU F 137 14.94 -42.28 0.13
C GLU F 137 15.47 -43.17 1.24
N ALA F 138 16.40 -42.65 2.05
CA ALA F 138 16.96 -43.43 3.14
C ALA F 138 15.87 -43.81 4.15
N ALA F 139 14.95 -42.89 4.42
CA ALA F 139 13.98 -43.13 5.49
C ALA F 139 12.98 -44.21 5.10
N ASP F 140 12.66 -44.34 3.81
CA ASP F 140 11.76 -45.43 3.39
C ASP F 140 12.38 -46.78 3.68
N LYS F 141 13.68 -46.92 3.42
CA LYS F 141 14.32 -48.24 3.47
C LYS F 141 14.53 -48.72 4.89
N LEU F 142 14.72 -47.80 5.84
CA LEU F 142 15.11 -48.19 7.19
C LEU F 142 13.96 -48.89 7.91
N LYS F 143 12.78 -48.28 7.94
CA LYS F 143 11.56 -48.86 8.51
C LYS F 143 11.79 -49.39 9.92
N ASN F 144 12.61 -48.68 10.70
CA ASN F 144 12.92 -49.13 12.05
C ASN F 144 11.88 -48.61 13.05
N ALA F 152 14.94 -44.39 12.32
CA ALA F 152 14.35 -43.21 11.69
C ALA F 152 15.42 -42.30 11.12
N VAL F 153 14.99 -41.19 10.53
CA VAL F 153 15.89 -40.28 9.82
C VAL F 153 15.58 -38.84 10.25
N LEU F 154 16.62 -38.10 10.64
CA LEU F 154 16.49 -36.73 11.12
C LEU F 154 17.10 -35.76 10.12
N LEU F 155 16.30 -34.83 9.63
CA LEU F 155 16.75 -33.77 8.73
C LEU F 155 16.73 -32.45 9.50
N LEU F 156 17.88 -31.79 9.58
CA LEU F 156 18.02 -30.53 10.30
C LEU F 156 18.45 -29.44 9.32
N ILE F 157 17.59 -28.46 9.09
CA ILE F 157 17.92 -27.31 8.27
C ILE F 157 18.47 -26.26 9.23
N ASP F 158 19.79 -26.21 9.36
CA ASP F 158 20.40 -25.60 10.54
C ASP F 158 20.15 -24.10 10.62
N GLN F 159 19.98 -23.42 9.49
CA GLN F 159 19.71 -21.99 9.50
C GLN F 159 18.66 -21.65 8.45
N ALA F 160 17.81 -20.67 8.79
CA ALA F 160 16.69 -20.29 7.92
C ALA F 160 16.22 -18.87 8.24
N ASP F 176 12.72 -17.86 -4.37
CA ASP F 176 12.56 -17.83 -2.92
C ASP F 176 11.25 -18.48 -2.51
N ARG F 177 10.14 -17.94 -3.02
CA ARG F 177 8.83 -18.47 -2.66
C ARG F 177 8.66 -19.91 -3.13
N ALA F 178 9.28 -20.25 -4.27
CA ALA F 178 9.25 -21.64 -4.71
C ALA F 178 10.05 -22.53 -3.76
N GLY F 179 11.19 -22.03 -3.25
CA GLY F 179 11.92 -22.78 -2.24
C GLY F 179 11.13 -22.95 -0.95
N VAL F 180 10.43 -21.89 -0.53
CA VAL F 180 9.48 -22.01 0.58
C VAL F 180 8.45 -23.09 0.28
N ASN F 181 7.89 -23.06 -0.93
CA ASN F 181 6.96 -24.11 -1.35
C ASN F 181 7.65 -25.47 -1.34
N ALA F 182 8.85 -25.55 -1.89
CA ALA F 182 9.57 -26.82 -1.95
C ALA F 182 9.73 -27.43 -0.56
N PHE F 183 10.02 -26.59 0.44
CA PHE F 183 10.11 -27.08 1.81
C PHE F 183 8.75 -27.55 2.32
N ILE F 184 7.70 -26.78 2.04
CA ILE F 184 6.34 -27.19 2.41
C ILE F 184 6.00 -28.53 1.78
N ARG F 185 6.30 -28.69 0.49
CA ARG F 185 5.94 -29.92 -0.21
C ARG F 185 6.65 -31.14 0.38
N GLY F 186 7.95 -31.00 0.67
CA GLY F 186 8.71 -32.11 1.23
C GLY F 186 8.18 -32.57 2.58
N ILE F 187 7.71 -31.64 3.40
CA ILE F 187 7.08 -32.02 4.66
C ILE F 187 5.80 -32.80 4.40
N ASP F 188 4.99 -32.33 3.45
CA ASP F 188 3.73 -33.00 3.13
C ASP F 188 3.96 -34.43 2.68
N ARG F 189 4.98 -34.66 1.86
CA ARG F 189 5.30 -36.03 1.44
C ARG F 189 5.59 -36.91 2.64
N ILE F 190 6.41 -36.41 3.58
CA ILE F 190 6.77 -37.20 4.75
C ILE F 190 5.56 -37.46 5.62
N ALA F 191 4.60 -36.53 5.65
CA ALA F 191 3.42 -36.68 6.49
C ALA F 191 2.39 -37.63 5.86
N ASN F 192 2.21 -37.55 4.54
CA ASN F 192 1.30 -38.46 3.86
C ASN F 192 1.75 -39.91 4.04
N GLN F 193 2.95 -40.22 3.60
CA GLN F 193 3.51 -41.55 3.81
C GLN F 193 3.80 -41.77 5.29
N LYS F 194 3.63 -43.02 5.74
CA LYS F 194 3.93 -43.38 7.13
C LYS F 194 5.44 -43.51 7.29
N LEU F 195 6.11 -42.36 7.32
CA LEU F 195 7.56 -42.31 7.34
C LEU F 195 8.08 -41.90 8.72
N PRO F 196 9.02 -42.66 9.28
CA PRO F 196 9.76 -42.21 10.49
C PRO F 196 10.85 -41.20 10.12
N ALA F 197 10.42 -39.97 9.93
CA ALA F 197 11.32 -38.88 9.56
C ALA F 197 10.78 -37.58 10.13
N ALA F 198 11.69 -36.77 10.65
CA ALA F 198 11.36 -35.49 11.23
C ALA F 198 12.28 -34.41 10.70
N VAL F 199 11.77 -33.18 10.69
CA VAL F 199 12.49 -32.02 10.19
C VAL F 199 12.64 -31.03 11.33
N LEU F 200 13.89 -30.65 11.62
CA LEU F 200 14.21 -29.63 12.60
C LEU F 200 14.64 -28.37 11.87
N CYS F 202 15.83 -24.29 12.50
CA CYS F 202 16.35 -23.30 13.44
C CYS F 202 16.23 -21.92 12.82
N THR F 203 15.44 -21.05 13.43
CA THR F 203 15.22 -19.69 12.94
C THR F 203 15.39 -18.71 14.11
N ASN F 204 15.96 -17.55 13.81
CA ASN F 204 16.25 -16.60 14.88
C ASN F 204 14.99 -15.91 15.41
N ARG F 205 13.98 -15.71 14.55
CA ARG F 205 12.78 -15.00 14.97
C ARG F 205 11.54 -15.62 14.36
N LEU F 206 10.46 -15.60 15.13
CA LEU F 206 9.17 -16.17 14.75
C LEU F 206 8.24 -15.19 14.03
N LYS F 207 8.58 -13.90 14.03
CA LYS F 207 7.66 -12.91 13.45
C LYS F 207 7.40 -13.19 11.98
N ALA F 208 8.46 -13.47 11.21
CA ALA F 208 8.37 -13.53 9.76
C ALA F 208 8.20 -14.94 9.21
N LEU F 209 7.94 -15.92 10.07
CA LEU F 209 7.76 -17.29 9.57
C LEU F 209 6.48 -17.37 8.75
N ASP F 210 6.54 -18.09 7.63
CA ASP F 210 5.40 -18.14 6.73
C ASP F 210 4.24 -18.84 7.42
N PRO F 211 3.02 -18.29 7.33
CA PRO F 211 1.88 -18.94 8.01
C PRO F 211 1.66 -20.39 7.61
N ALA F 212 1.88 -20.73 6.33
CA ALA F 212 1.75 -22.13 5.92
C ALA F 212 2.83 -22.99 6.59
N VAL F 213 3.98 -22.41 6.89
CA VAL F 213 5.04 -23.17 7.54
C VAL F 213 4.68 -23.46 8.99
N GLN F 214 4.17 -22.46 9.71
CA GLN F 214 3.92 -22.63 11.14
C GLN F 214 2.75 -23.58 11.39
N ARG F 215 1.75 -23.57 10.50
CA ARG F 215 0.65 -24.53 10.62
C ARG F 215 1.15 -25.96 10.53
N ARG F 216 2.17 -26.19 9.70
CA ARG F 216 2.71 -27.54 9.53
C ARG F 216 3.61 -27.97 10.67
N ALA F 217 4.21 -27.03 11.39
CA ALA F 217 5.10 -27.42 12.49
C ALA F 217 4.30 -28.10 13.60
N ALA F 218 4.75 -29.29 14.01
CA ALA F 218 4.07 -30.00 15.09
C ALA F 218 4.24 -29.26 16.41
N GLU F 219 5.41 -28.68 16.62
CA GLU F 219 5.73 -27.99 17.87
C GLU F 219 6.69 -26.85 17.54
N ILE F 220 6.50 -25.74 18.23
CA ILE F 220 7.38 -24.58 18.13
C ILE F 220 8.08 -24.41 19.46
N LEU F 221 9.41 -24.47 19.46
CA LEU F 221 10.22 -24.27 20.66
C LEU F 221 10.85 -22.88 20.63
N THR F 222 10.67 -22.15 21.74
CA THR F 222 11.23 -20.82 21.91
C THR F 222 12.36 -20.88 22.93
N PHE F 223 13.47 -20.23 22.62
CA PHE F 223 14.67 -20.22 23.45
C PHE F 223 14.88 -18.79 23.94
N SER F 224 14.63 -18.57 25.23
CA SER F 224 14.68 -17.23 25.80
C SER F 224 16.11 -16.83 26.13
N ARG F 225 16.26 -15.64 26.71
CA ARG F 225 17.56 -15.13 27.08
C ARG F 225 18.15 -16.01 28.19
N PRO F 226 19.47 -16.11 28.28
CA PRO F 226 20.09 -17.14 29.13
C PRO F 226 19.70 -17.04 30.59
N ASN F 227 19.40 -18.19 31.19
CA ASN F 227 19.01 -18.26 32.60
C ASN F 227 20.27 -18.32 33.48
N ASP F 228 20.06 -18.44 34.79
CA ASP F 228 21.18 -18.45 35.73
C ASP F 228 22.13 -19.61 35.43
N GLU F 229 21.58 -20.78 35.14
CA GLU F 229 22.41 -21.93 34.80
C GLU F 229 23.20 -21.69 33.52
N GLN F 230 22.56 -21.09 32.52
CA GLN F 230 23.24 -20.84 31.25
C GLN F 230 24.26 -19.71 31.38
N ARG F 231 23.93 -18.66 32.12
CA ARG F 231 24.82 -17.51 32.20
C ARG F 231 26.07 -17.83 33.02
N HIS F 232 25.94 -18.67 34.04
CA HIS F 232 27.12 -19.06 34.80
C HIS F 232 28.14 -19.77 33.92
N TYR F 233 27.72 -20.87 33.27
CA TYR F 233 28.65 -21.65 32.45
C TYR F 233 29.19 -20.85 31.29
N LEU F 234 28.40 -19.90 30.78
CA LEU F 234 28.90 -18.97 29.79
C LEU F 234 30.00 -18.09 30.38
N LEU F 235 29.74 -17.50 31.54
CA LEU F 235 30.72 -16.60 32.15
C LEU F 235 31.89 -17.35 32.77
N HIS F 236 31.66 -18.56 33.30
CA HIS F 236 32.72 -19.28 34.01
C HIS F 236 33.84 -19.70 33.07
N SER F 237 33.49 -20.14 31.85
CA SER F 237 34.51 -20.54 30.89
C SER F 237 35.30 -19.35 30.38
N LYS F 238 34.61 -18.26 30.02
CA LYS F 238 35.30 -17.10 29.45
C LYS F 238 36.17 -16.41 30.49
N LEU F 239 35.70 -16.34 31.74
CA LEU F 239 36.49 -15.70 32.78
C LEU F 239 37.60 -16.59 33.34
N THR F 240 37.80 -17.77 32.76
CA THR F 240 38.91 -18.62 33.18
C THR F 240 40.23 -17.87 33.03
N GLY F 241 41.13 -18.07 33.97
CA GLY F 241 42.46 -17.51 33.83
C GLY F 241 42.53 -16.01 33.99
N LEU F 242 41.40 -15.37 34.26
CA LEU F 242 41.38 -13.96 34.59
C LEU F 242 41.56 -13.70 36.09
N GLY F 243 41.91 -14.73 36.86
CA GLY F 243 42.15 -14.52 38.29
C GLY F 243 40.92 -14.13 39.08
N LEU F 244 39.73 -14.42 38.57
CA LEU F 244 38.49 -14.07 39.26
C LEU F 244 37.98 -15.30 40.01
N ASN F 245 37.83 -15.17 41.32
CA ASN F 245 37.41 -16.30 42.15
C ASN F 245 35.94 -16.63 41.88
N SER F 246 35.52 -17.80 42.39
CA SER F 246 34.17 -18.25 42.13
C SER F 246 33.15 -17.24 42.65
N THR F 247 33.43 -16.63 43.80
CA THR F 247 32.49 -15.66 44.37
C THR F 247 32.18 -14.53 43.39
N ALA F 248 33.19 -14.08 42.65
CA ALA F 248 32.98 -12.98 41.71
C ALA F 248 32.05 -13.41 40.59
N VAL F 249 32.29 -14.58 39.99
CA VAL F 249 31.48 -15.00 38.85
C VAL F 249 30.04 -15.27 39.28
N GLU F 250 29.81 -15.62 40.55
CA GLU F 250 28.44 -15.71 41.05
C GLU F 250 27.76 -14.34 41.02
N GLU F 251 28.47 -13.30 41.46
CA GLU F 251 27.89 -11.97 41.48
C GLU F 251 27.65 -11.44 40.08
N LEU F 252 28.43 -11.90 39.10
CA LEU F 252 28.19 -11.53 37.71
C LEU F 252 26.92 -12.19 37.18
N VAL F 253 26.67 -13.44 37.58
CA VAL F 253 25.44 -14.13 37.19
C VAL F 253 24.23 -13.40 37.73
N ARG F 254 24.30 -12.98 39.00
CA ARG F 254 23.20 -12.21 39.59
C ARG F 254 22.95 -10.92 38.83
N LEU F 255 24.02 -10.16 38.56
CA LEU F 255 23.86 -8.84 37.94
C LEU F 255 23.34 -8.96 36.52
N THR F 256 23.76 -9.99 35.79
CA THR F 256 23.27 -10.19 34.43
C THR F 256 21.94 -10.93 34.46
N GLY F 257 21.02 -10.48 35.32
CA GLY F 257 19.79 -11.20 35.53
C GLY F 257 18.56 -10.35 35.23
N PRO F 258 17.38 -10.99 35.21
CA PRO F 258 16.16 -10.26 34.86
C PRO F 258 15.83 -9.10 35.80
N ARG F 259 16.21 -9.17 37.09
CA ARG F 259 15.89 -8.13 38.07
C ARG F 259 14.37 -7.98 38.13
N ASP F 260 13.83 -6.78 37.96
CA ASP F 260 12.39 -6.59 38.03
C ASP F 260 11.70 -7.36 36.92
N PRO F 261 10.45 -7.80 37.13
CA PRO F 261 9.75 -8.54 36.07
C PRO F 261 9.61 -7.75 34.78
N ASN F 262 9.65 -6.42 34.84
CA ASN F 262 9.64 -5.61 33.63
C ASN F 262 10.98 -5.68 32.91
N SER F 263 12.08 -5.84 33.65
CA SER F 263 13.40 -5.84 33.04
C SER F 263 13.73 -7.22 32.48
N PRO F 264 14.36 -7.28 31.30
CA PRO F 264 14.51 -8.57 30.61
C PRO F 264 15.74 -9.37 31.03
N GLY F 265 16.82 -8.70 31.37
CA GLY F 265 18.05 -9.38 31.70
C GLY F 265 18.92 -9.62 30.48
N PHE F 266 20.19 -9.97 30.76
CA PHE F 266 21.19 -10.03 29.70
C PHE F 266 20.89 -11.15 28.70
N THR F 267 21.09 -10.84 27.43
CA THR F 267 21.04 -11.83 26.36
C THR F 267 22.37 -12.54 26.26
N PHE F 268 22.40 -13.60 25.44
CA PHE F 268 23.67 -14.28 25.17
C PHE F 268 24.64 -13.33 24.50
N SER F 269 24.17 -12.58 23.50
CA SER F 269 25.03 -11.66 22.77
C SER F 269 25.65 -10.63 23.70
N ASP F 270 24.87 -10.12 24.66
CA ASP F 270 25.36 -9.06 25.52
C ASP F 270 26.55 -9.52 26.36
N ILE F 271 26.45 -10.71 26.94
CA ILE F 271 27.53 -11.20 27.80
C ILE F 271 28.79 -11.46 26.99
N THR F 272 28.67 -12.18 25.88
CA THR F 272 29.83 -12.62 25.12
C THR F 272 30.42 -11.52 24.26
N GLN F 273 29.60 -10.61 23.74
CA GLN F 273 30.08 -9.60 22.80
C GLN F 273 30.24 -8.21 23.40
N ARG F 274 29.66 -7.95 24.56
CA ARG F 274 29.77 -6.65 25.21
C ARG F 274 30.40 -6.74 26.59
N LEU F 275 29.86 -7.59 27.47
CA LEU F 275 30.30 -7.61 28.86
C LEU F 275 31.74 -8.11 28.98
N ILE F 276 31.98 -9.36 28.59
CA ILE F 276 33.32 -9.92 28.70
C ILE F 276 34.35 -9.11 27.91
N PRO F 277 34.07 -8.65 26.69
CA PRO F 277 35.05 -7.76 26.03
C PRO F 277 35.36 -6.50 26.81
N SER F 278 34.34 -5.78 27.30
CA SER F 278 34.57 -4.55 28.04
C SER F 278 35.44 -4.80 29.27
N ILE F 279 35.20 -5.92 29.97
CA ILE F 279 36.01 -6.25 31.14
C ILE F 279 37.48 -6.32 30.79
N ILE F 280 37.80 -6.94 29.65
CA ILE F 280 39.19 -7.01 29.21
C ILE F 280 39.68 -5.65 28.76
N LEU F 281 38.84 -4.91 28.04
CA LEU F 281 39.26 -3.62 27.49
C LEU F 281 39.59 -2.63 28.60
N ALA F 282 38.77 -2.63 29.66
CA ALA F 282 38.99 -1.68 30.75
C ALA F 282 40.34 -1.91 31.43
N ALA F 283 40.73 -3.18 31.59
CA ALA F 283 42.02 -3.48 32.22
C ALA F 283 43.19 -3.16 31.29
N TYR F 284 43.04 -3.44 30.00
CA TYR F 284 44.11 -3.23 29.04
C TYR F 284 44.49 -1.75 28.96
N PRO F 285 45.79 -1.43 28.84
CA PRO F 285 46.92 -2.35 28.85
C PRO F 285 47.81 -2.26 30.10
N TYR F 286 47.45 -1.39 31.06
CA TYR F 286 48.31 -1.11 32.19
C TYR F 286 47.91 -1.84 33.46
N ASN F 287 46.88 -2.67 33.43
CA ASN F 287 46.42 -3.36 34.62
C ASN F 287 45.86 -4.72 34.25
N ALA F 288 45.80 -5.59 35.26
CA ALA F 288 45.03 -6.82 35.17
C ALA F 288 43.55 -6.53 35.44
N VAL F 289 42.71 -7.48 35.02
CA VAL F 289 41.29 -7.40 35.38
C VAL F 289 41.16 -7.59 36.89
N SER F 290 40.24 -6.86 37.48
CA SER F 290 40.02 -6.94 38.92
C SER F 290 38.54 -7.12 39.19
N VAL F 291 38.24 -7.83 40.29
CA VAL F 291 36.85 -8.06 40.67
C VAL F 291 36.10 -6.74 40.78
N HIS F 292 36.77 -5.72 41.34
CA HIS F 292 36.17 -4.40 41.42
C HIS F 292 35.94 -3.80 40.04
N SER F 293 36.90 -3.98 39.12
CA SER F 293 36.75 -3.42 37.78
C SER F 293 35.65 -4.12 37.00
N ALA F 294 35.59 -5.45 37.10
CA ALA F 294 34.52 -6.20 36.44
C ALA F 294 33.16 -5.78 36.98
N LEU F 295 33.05 -5.59 38.30
CA LEU F 295 31.78 -5.18 38.88
C LEU F 295 31.33 -3.82 38.36
N GLN F 296 32.28 -2.89 38.18
CA GLN F 296 31.91 -1.57 37.66
C GLN F 296 31.45 -1.64 36.22
N VAL F 297 32.00 -2.57 35.43
CA VAL F 297 31.58 -2.70 34.04
C VAL F 297 30.13 -3.14 33.95
N VAL F 298 29.75 -4.15 34.74
CA VAL F 298 28.42 -4.75 34.62
C VAL F 298 27.35 -3.78 35.12
N ASN F 299 27.62 -3.10 36.23
CA ASN F 299 26.64 -2.17 36.77
C ASN F 299 26.34 -1.04 35.79
N LYS F 300 27.38 -0.55 35.09
CA LYS F 300 27.16 0.52 34.12
C LYS F 300 26.47 -0.01 32.87
N THR F 302 23.94 -1.82 30.36
CA THR F 302 22.50 -1.97 30.35
C THR F 302 22.09 -2.98 29.29
N PRO F 303 21.27 -3.98 29.64
CA PRO F 303 20.91 -5.02 28.67
C PRO F 303 20.02 -4.48 27.57
N THR F 304 20.10 -5.11 26.40
CA THR F 304 19.34 -4.65 25.24
C THR F 304 17.86 -4.90 25.46
N PRO F 305 17.00 -3.99 25.01
CA PRO F 305 15.55 -4.14 25.25
C PRO F 305 14.95 -5.26 24.41
N ALA F 306 13.82 -5.76 24.88
CA ALA F 306 13.08 -6.77 24.13
C ALA F 306 12.26 -6.14 23.02
N PHE F 307 11.82 -6.97 22.08
CA PHE F 307 11.05 -6.50 20.93
C PHE F 307 9.76 -5.77 21.32
N SER G 2 13.71 -19.89 -20.92
CA SER G 2 14.20 -20.89 -21.86
C SER G 2 14.15 -22.28 -21.22
N THR G 3 14.59 -23.29 -21.97
CA THR G 3 14.52 -24.66 -21.49
C THR G 3 15.48 -24.93 -20.34
N GLU G 4 16.49 -24.09 -20.15
CA GLU G 4 17.32 -24.20 -18.95
C GLU G 4 16.54 -23.83 -17.70
N HIS G 5 15.60 -22.87 -17.82
CA HIS G 5 14.86 -22.41 -16.67
C HIS G 5 13.78 -23.42 -16.26
N VAL G 6 13.07 -24.00 -17.23
CA VAL G 6 12.03 -24.99 -16.97
C VAL G 6 12.16 -26.09 -18.02
N ASP G 7 12.32 -27.34 -17.56
CA ASP G 7 12.55 -28.47 -18.44
C ASP G 7 11.50 -29.55 -18.19
N HIS G 8 11.74 -30.74 -18.74
CA HIS G 8 10.86 -31.87 -18.50
C HIS G 8 10.80 -32.23 -17.02
N LYS G 9 11.96 -32.27 -16.36
CA LYS G 9 11.98 -32.54 -14.93
C LYS G 9 11.08 -31.57 -14.17
N THR G 10 11.22 -30.28 -14.47
CA THR G 10 10.43 -29.26 -13.79
C THR G 10 8.94 -29.55 -13.89
N ILE G 11 8.50 -30.10 -15.03
CA ILE G 11 7.09 -30.46 -15.18
C ILE G 11 6.78 -31.73 -14.40
N ALA G 12 7.69 -32.70 -14.40
CA ALA G 12 7.46 -33.95 -13.69
C ALA G 12 7.35 -33.73 -12.18
N ARG G 13 8.25 -32.93 -11.61
CA ARG G 13 8.19 -32.68 -10.18
C ARG G 13 6.96 -31.86 -9.83
N PHE G 14 6.53 -30.97 -10.72
CA PHE G 14 5.30 -30.22 -10.49
C PHE G 14 4.10 -31.15 -10.42
N ALA G 15 4.11 -32.23 -11.22
CA ALA G 15 2.98 -33.14 -11.26
C ALA G 15 2.84 -33.93 -9.96
N GLU G 16 3.96 -34.33 -9.36
CA GLU G 16 3.90 -35.00 -8.07
C GLU G 16 3.42 -34.07 -6.97
N ASP G 17 3.84 -32.81 -6.99
CA ASP G 17 3.59 -31.91 -5.89
C ASP G 17 2.17 -31.34 -5.90
N LYS G 18 1.61 -31.08 -7.08
CA LYS G 18 0.37 -30.32 -7.18
C LYS G 18 -0.71 -30.96 -8.04
N VAL G 19 -0.37 -31.87 -8.95
CA VAL G 19 -1.34 -32.47 -9.87
C VAL G 19 -1.73 -33.88 -9.45
N ASN G 20 -0.72 -34.73 -9.23
CA ASN G 20 -1.00 -36.13 -8.91
C ASN G 20 -1.66 -36.26 -7.56
N LEU G 21 -2.46 -37.33 -7.42
CA LEU G 21 -2.93 -37.79 -6.12
C LEU G 21 -1.89 -38.70 -5.50
N PRO G 22 -1.47 -38.44 -4.26
CA PRO G 22 -0.45 -39.29 -3.63
C PRO G 22 -0.87 -40.75 -3.63
N LYS G 23 0.13 -41.62 -3.83
CA LYS G 23 -0.14 -43.05 -3.92
C LYS G 23 -0.73 -43.59 -2.63
N VAL G 24 -0.25 -43.09 -1.48
CA VAL G 24 -0.77 -43.56 -0.20
C VAL G 24 -2.24 -43.16 -0.05
N LYS G 25 -2.60 -41.96 -0.52
CA LYS G 25 -4.00 -41.57 -0.49
C LYS G 25 -4.81 -42.34 -1.51
N ALA G 26 -4.20 -42.66 -2.66
CA ALA G 26 -4.95 -43.33 -3.73
C ALA G 26 -5.25 -44.77 -3.37
N ASP G 27 -4.28 -45.49 -2.80
CA ASP G 27 -4.52 -46.86 -2.35
C ASP G 27 -5.54 -46.91 -1.21
N ASP G 28 -5.49 -45.93 -0.31
CA ASP G 28 -6.48 -45.87 0.76
C ASP G 28 -7.87 -45.63 0.22
N PHE G 29 -7.98 -44.79 -0.81
CA PHE G 29 -9.29 -44.58 -1.44
C PHE G 29 -9.78 -45.85 -2.11
N ARG G 30 -8.88 -46.59 -2.77
CA ARG G 30 -9.26 -47.86 -3.38
C ARG G 30 -9.68 -48.90 -2.34
N GLU G 31 -9.24 -48.75 -1.10
CA GLU G 31 -9.57 -49.73 -0.07
C GLU G 31 -11.00 -49.52 0.44
N GLN G 32 -11.51 -48.29 0.42
CA GLN G 32 -12.92 -48.09 0.73
C GLN G 32 -13.80 -48.85 -0.24
N ALA G 33 -13.49 -48.74 -1.54
CA ALA G 33 -14.26 -49.45 -2.56
C ALA G 33 -14.11 -50.95 -2.42
N LYS G 34 -12.88 -51.42 -2.22
CA LYS G 34 -12.63 -52.87 -2.16
C LYS G 34 -13.38 -53.52 -1.00
N ARG G 35 -13.56 -52.78 0.09
CA ARG G 35 -14.37 -53.28 1.20
C ARG G 35 -15.83 -53.41 0.80
N LEU G 36 -16.37 -52.42 0.10
CA LEU G 36 -17.75 -52.51 -0.38
C LEU G 36 -17.89 -53.64 -1.39
N GLN G 37 -16.90 -53.82 -2.26
CA GLN G 37 -16.95 -54.92 -3.22
C GLN G 37 -16.98 -56.26 -2.51
N ASN G 38 -16.09 -56.44 -1.52
CA ASN G 38 -16.02 -57.73 -0.84
C ASN G 38 -17.28 -58.01 -0.04
N LYS G 39 -17.91 -56.96 0.51
CA LYS G 39 -19.20 -57.15 1.18
C LYS G 39 -20.27 -57.60 0.19
N LEU G 40 -20.21 -57.10 -1.04
CA LEU G 40 -21.19 -57.50 -2.05
C LEU G 40 -20.98 -58.95 -2.46
N GLU G 41 -19.71 -59.38 -2.58
CA GLU G 41 -19.44 -60.78 -2.92
C GLU G 41 -19.97 -61.72 -1.83
N GLY G 42 -19.72 -61.38 -0.57
CA GLY G 42 -20.17 -62.23 0.52
C GLY G 42 -21.68 -62.31 0.62
N TYR G 43 -22.35 -61.16 0.51
CA TYR G 43 -23.80 -61.16 0.56
C TYR G 43 -24.40 -61.89 -0.63
N LEU G 44 -23.77 -61.75 -1.80
CA LEU G 44 -24.22 -62.50 -2.97
C LEU G 44 -24.07 -64.00 -2.78
N SER G 45 -23.05 -64.42 -2.01
CA SER G 45 -22.87 -65.84 -1.74
C SER G 45 -23.99 -66.37 -0.84
N ASP G 46 -24.43 -65.58 0.13
CA ASP G 46 -25.52 -66.01 1.00
C ASP G 46 -26.87 -66.01 0.28
N HIS G 47 -27.05 -65.11 -0.68
CA HIS G 47 -28.32 -64.97 -1.39
C HIS G 47 -28.04 -64.97 -2.89
N PRO G 48 -28.18 -66.11 -3.57
CA PRO G 48 -27.85 -66.13 -5.01
C PRO G 48 -28.82 -65.32 -5.86
N ASP G 49 -30.02 -65.02 -5.36
CA ASP G 49 -31.04 -64.32 -6.13
C ASP G 49 -30.93 -62.81 -6.01
N PHE G 50 -29.98 -62.30 -5.24
CA PHE G 50 -29.78 -60.86 -5.13
C PHE G 50 -29.40 -60.29 -6.49
N SER G 51 -29.92 -59.10 -6.79
CA SER G 51 -29.75 -58.54 -8.13
C SER G 51 -28.33 -58.04 -8.36
N LEU G 52 -27.67 -57.53 -7.32
CA LEU G 52 -26.42 -56.82 -7.48
C LEU G 52 -25.29 -57.84 -7.57
N LYS G 53 -25.01 -58.30 -8.79
CA LYS G 53 -24.11 -59.41 -8.98
C LYS G 53 -22.64 -59.01 -8.82
N ARG G 54 -22.28 -57.78 -9.17
CA ARG G 54 -20.89 -57.39 -9.02
C ARG G 54 -20.78 -55.87 -8.95
N ILE G 56 -17.74 -52.99 -9.81
CA ILE G 56 -16.43 -52.82 -10.44
C ILE G 56 -16.01 -51.35 -10.38
N PRO G 57 -14.77 -51.04 -9.94
CA PRO G 57 -14.30 -49.65 -9.95
C PRO G 57 -14.11 -49.17 -11.39
N SER G 58 -14.74 -48.05 -11.73
CA SER G 58 -14.77 -47.57 -13.11
C SER G 58 -14.04 -46.27 -13.34
N GLY G 59 -13.56 -45.60 -12.29
CA GLY G 59 -13.11 -44.23 -12.39
C GLY G 59 -11.62 -44.08 -12.60
N SER G 60 -11.15 -42.85 -12.36
CA SER G 60 -9.74 -42.52 -12.58
C SER G 60 -8.85 -43.28 -11.61
N LEU G 61 -9.35 -43.52 -10.39
CA LEU G 61 -8.55 -44.23 -9.39
C LEU G 61 -8.21 -45.64 -9.85
N ALA G 62 -9.15 -46.29 -10.53
CA ALA G 62 -8.88 -47.59 -11.14
C ALA G 62 -8.03 -47.45 -12.39
N LYS G 63 -8.11 -46.32 -13.09
CA LYS G 63 -7.29 -46.09 -14.27
C LYS G 63 -5.87 -45.69 -13.93
N GLY G 64 -5.61 -45.28 -12.69
CA GLY G 64 -4.31 -44.73 -12.37
C GLY G 64 -4.10 -43.34 -12.91
N THR G 65 -5.18 -42.64 -13.27
CA THR G 65 -5.14 -41.28 -13.78
C THR G 65 -5.77 -40.30 -12.81
N ALA G 66 -5.92 -40.67 -11.54
CA ALA G 66 -6.63 -39.86 -10.56
C ALA G 66 -5.91 -38.53 -10.31
N LEU G 67 -6.69 -37.49 -10.03
CA LEU G 67 -6.14 -36.17 -9.74
C LEU G 67 -6.23 -35.86 -8.25
N ARG G 68 -5.35 -34.97 -7.81
CA ARG G 68 -5.39 -34.46 -6.44
C ARG G 68 -6.76 -33.90 -6.09
N SER G 69 -7.51 -33.45 -7.10
CA SER G 69 -8.82 -32.85 -6.92
C SER G 69 -9.96 -33.85 -7.10
N LEU G 70 -9.69 -35.14 -6.91
CA LEU G 70 -10.70 -36.17 -7.11
C LEU G 70 -11.91 -35.92 -6.22
N ASN G 71 -13.09 -35.88 -6.84
CA ASN G 71 -14.31 -35.61 -6.08
C ASN G 71 -14.74 -36.82 -5.26
N ASP G 72 -14.83 -37.99 -5.89
CA ASP G 72 -15.23 -39.20 -5.18
C ASP G 72 -14.90 -40.43 -6.02
N ILE G 73 -14.98 -41.59 -5.37
CA ILE G 73 -14.60 -42.85 -5.98
C ILE G 73 -15.73 -43.34 -6.89
N ASP G 74 -15.38 -43.76 -8.10
CA ASP G 74 -16.35 -44.20 -9.10
C ASP G 74 -16.33 -45.73 -9.18
N VAL G 75 -17.49 -46.34 -8.92
CA VAL G 75 -17.66 -47.78 -9.03
C VAL G 75 -18.97 -48.05 -9.77
N ALA G 76 -19.00 -49.15 -10.52
CA ALA G 76 -20.16 -49.55 -11.28
C ALA G 76 -20.72 -50.84 -10.70
N VAL G 77 -22.04 -50.86 -10.46
CA VAL G 77 -22.74 -52.03 -9.95
C VAL G 77 -23.71 -52.53 -11.01
N TYR G 78 -23.66 -53.83 -11.29
CA TYR G 78 -24.43 -54.45 -12.37
C TYR G 78 -25.72 -55.02 -11.80
N ILE G 79 -26.84 -54.51 -12.29
CA ILE G 79 -28.17 -54.90 -11.81
C ILE G 79 -28.71 -55.99 -12.73
N SER G 80 -29.25 -57.05 -12.13
CA SER G 80 -29.75 -58.20 -12.85
C SER G 80 -31.15 -58.52 -12.36
N GLY G 81 -31.93 -59.15 -13.22
CA GLY G 81 -33.26 -59.59 -12.81
C GLY G 81 -34.34 -58.61 -13.25
N SER G 82 -35.55 -59.14 -13.44
CA SER G 82 -36.64 -58.35 -14.00
C SER G 82 -37.16 -57.29 -13.03
N ASP G 83 -36.74 -57.32 -11.77
CA ASP G 83 -37.29 -56.40 -10.77
C ASP G 83 -36.90 -54.96 -11.03
N ALA G 84 -35.80 -54.72 -11.74
CA ALA G 84 -35.27 -53.36 -11.86
C ALA G 84 -36.18 -52.49 -12.73
N PRO G 85 -36.69 -51.37 -12.22
CA PRO G 85 -37.56 -50.52 -13.04
C PRO G 85 -36.79 -49.86 -14.17
N GLN G 86 -37.53 -49.45 -15.21
CA GLN G 86 -36.88 -48.94 -16.41
C GLN G 86 -36.53 -47.47 -16.31
N ASP G 87 -37.36 -46.68 -15.62
CA ASP G 87 -37.11 -45.25 -15.54
C ASP G 87 -35.82 -44.97 -14.76
N LEU G 88 -35.22 -43.81 -15.05
CA LEU G 88 -33.99 -43.42 -14.38
C LEU G 88 -34.22 -43.15 -12.89
N ARG G 89 -35.30 -42.42 -12.56
CA ARG G 89 -35.57 -42.10 -11.17
C ARG G 89 -35.73 -43.37 -10.32
N GLY G 90 -36.50 -44.33 -10.82
CA GLY G 90 -36.80 -45.51 -10.03
C GLY G 90 -35.71 -46.56 -10.02
N LEU G 91 -34.94 -46.64 -11.11
CA LEU G 91 -33.81 -47.56 -11.12
C LEU G 91 -32.80 -47.19 -10.04
N LEU G 92 -32.54 -45.90 -9.86
CA LEU G 92 -31.63 -45.46 -8.82
C LEU G 92 -32.17 -45.79 -7.43
N ASP G 93 -33.44 -45.46 -7.19
CA ASP G 93 -34.07 -45.82 -5.91
C ASP G 93 -33.98 -47.31 -5.66
N TYR G 94 -34.32 -48.12 -6.67
CA TYR G 94 -34.17 -49.57 -6.56
C TYR G 94 -32.76 -49.95 -6.13
N LEU G 95 -31.76 -49.35 -6.78
CA LEU G 95 -30.38 -49.66 -6.45
C LEU G 95 -30.06 -49.30 -5.01
N ALA G 96 -30.47 -48.10 -4.58
CA ALA G 96 -30.21 -47.67 -3.21
C ALA G 96 -30.83 -48.63 -2.20
N ASP G 97 -32.06 -49.05 -2.46
CA ASP G 97 -32.72 -50.01 -1.57
C ASP G 97 -31.96 -51.33 -1.53
N ARG G 98 -31.51 -51.81 -2.69
CA ARG G 98 -30.72 -53.03 -2.72
C ARG G 98 -29.38 -52.83 -2.00
N LEU G 99 -28.80 -51.64 -2.13
CA LEU G 99 -27.52 -51.36 -1.48
C LEU G 99 -27.64 -51.36 0.04
N ARG G 100 -28.68 -50.70 0.57
CA ARG G 100 -28.91 -50.71 2.01
C ARG G 100 -29.06 -52.14 2.51
N LYS G 101 -29.89 -52.94 1.83
CA LYS G 101 -30.00 -54.35 2.18
C LYS G 101 -28.67 -55.07 2.04
N ALA G 102 -27.79 -54.58 1.17
CA ALA G 102 -26.51 -55.25 0.97
C ALA G 102 -25.55 -54.94 2.11
N PHE G 103 -25.63 -53.73 2.67
CA PHE G 103 -24.73 -53.28 3.73
C PHE G 103 -25.59 -53.00 4.96
N PRO G 104 -25.75 -54.00 5.84
CA PRO G 104 -26.58 -53.78 7.04
C PRO G 104 -26.03 -52.73 8.00
N ASN G 105 -24.71 -52.54 8.05
CA ASN G 105 -24.14 -51.67 9.08
C ASN G 105 -24.33 -50.19 8.75
N PHE G 106 -24.29 -49.82 7.48
CA PHE G 106 -24.52 -48.43 7.09
C PHE G 106 -25.95 -48.02 7.44
N SER G 107 -26.11 -46.75 7.82
CA SER G 107 -27.44 -46.22 8.05
C SER G 107 -28.18 -46.06 6.73
N PRO G 108 -29.51 -46.14 6.75
CA PRO G 108 -30.26 -45.96 5.50
C PRO G 108 -29.99 -44.61 4.84
N ASP G 109 -29.82 -43.55 5.64
CA ASP G 109 -29.62 -42.21 5.11
C ASP G 109 -28.22 -41.99 4.55
N GLN G 110 -27.26 -42.86 4.88
CA GLN G 110 -25.92 -42.72 4.33
C GLN G 110 -25.88 -43.09 2.85
N VAL G 111 -26.80 -43.95 2.41
CA VAL G 111 -26.97 -44.27 1.00
C VAL G 111 -27.99 -43.30 0.42
N LYS G 112 -27.56 -42.48 -0.54
CA LYS G 112 -28.36 -41.38 -1.05
C LYS G 112 -28.45 -41.46 -2.56
N PRO G 113 -29.65 -41.63 -3.14
CA PRO G 113 -29.79 -41.51 -4.58
C PRO G 113 -29.58 -40.08 -5.03
N GLN G 114 -28.98 -39.91 -6.20
CA GLN G 114 -28.79 -38.59 -6.79
C GLN G 114 -29.30 -38.65 -8.22
N THR G 115 -28.88 -37.70 -9.05
CA THR G 115 -29.51 -37.52 -10.36
C THR G 115 -29.23 -38.70 -11.28
N TYR G 116 -27.97 -39.12 -11.38
CA TYR G 116 -27.59 -40.19 -12.30
C TYR G 116 -26.82 -41.31 -11.61
N SER G 117 -26.81 -41.36 -10.28
CA SER G 117 -26.09 -42.39 -9.55
C SER G 117 -26.61 -42.44 -8.12
N VAL G 118 -26.06 -43.37 -7.35
CA VAL G 118 -26.38 -43.54 -5.94
C VAL G 118 -25.09 -43.52 -5.15
N THR G 119 -25.04 -42.70 -4.10
CA THR G 119 -23.82 -42.44 -3.35
C THR G 119 -23.87 -43.10 -1.98
N VAL G 120 -22.76 -43.71 -1.60
CA VAL G 120 -22.56 -44.25 -0.25
C VAL G 120 -21.50 -43.40 0.43
N SER G 121 -21.88 -42.73 1.51
CA SER G 121 -21.02 -41.79 2.21
C SER G 121 -20.63 -42.36 3.57
N PHE G 122 -19.34 -42.26 3.90
CA PHE G 122 -18.78 -42.82 5.12
C PHE G 122 -18.93 -41.81 6.26
N ARG G 123 -18.81 -42.32 7.48
CA ARG G 123 -19.27 -41.56 8.64
C ARG G 123 -18.26 -40.48 9.00
N GLY G 124 -16.99 -40.85 9.02
CA GLY G 124 -15.91 -40.04 9.55
C GLY G 124 -15.16 -39.30 8.45
N SER G 125 -13.99 -39.80 8.05
CA SER G 125 -13.11 -39.07 7.11
C SER G 125 -12.80 -39.99 5.93
N GLY G 126 -13.81 -40.22 5.09
CA GLY G 126 -13.61 -40.99 3.87
C GLY G 126 -14.42 -40.37 2.75
N LEU G 127 -14.00 -40.66 1.52
CA LEU G 127 -14.68 -40.14 0.35
C LEU G 127 -15.93 -40.95 0.05
N ASP G 128 -16.98 -40.25 -0.38
CA ASP G 128 -18.17 -40.92 -0.85
C ASP G 128 -17.84 -41.80 -2.04
N VAL G 129 -18.58 -42.90 -2.18
CA VAL G 129 -18.42 -43.82 -3.31
C VAL G 129 -19.62 -43.64 -4.24
N ASP G 130 -19.35 -43.29 -5.49
CA ASP G 130 -20.38 -42.96 -6.46
C ASP G 130 -20.64 -44.17 -7.35
N ILE G 131 -21.87 -44.68 -7.31
CA ILE G 131 -22.22 -45.96 -7.90
C ILE G 131 -23.09 -45.71 -9.13
N VAL G 132 -22.61 -46.11 -10.29
CA VAL G 132 -23.36 -45.98 -11.54
C VAL G 132 -24.05 -47.31 -11.81
N PRO G 133 -25.38 -47.33 -11.95
CA PRO G 133 -26.07 -48.60 -12.22
C PRO G 133 -25.86 -49.08 -13.65
N VAL G 134 -25.54 -50.36 -13.79
CA VAL G 134 -25.39 -51.01 -15.09
C VAL G 134 -26.40 -52.14 -15.18
N LEU G 135 -27.19 -52.15 -16.24
CA LEU G 135 -28.14 -53.25 -16.48
C LEU G 135 -27.41 -54.39 -17.19
N TYR G 136 -27.41 -55.56 -16.57
CA TYR G 136 -26.61 -56.68 -17.03
C TYR G 136 -27.53 -57.86 -17.36
N SER G 137 -27.34 -58.45 -18.53
CA SER G 137 -28.08 -59.61 -18.98
C SER G 137 -27.17 -60.80 -19.28
N GLY G 138 -25.96 -60.82 -18.72
CA GLY G 138 -25.07 -61.95 -18.86
C GLY G 138 -24.08 -61.88 -20.02
N LEU G 139 -24.01 -60.75 -20.71
CA LEU G 139 -23.15 -60.64 -21.89
C LEU G 139 -21.68 -60.78 -21.49
N PRO G 140 -20.82 -61.23 -22.42
CA PRO G 140 -19.42 -61.45 -22.06
C PRO G 140 -18.69 -60.15 -21.77
N ASP G 141 -17.63 -60.28 -20.96
CA ASP G 141 -16.78 -59.14 -20.56
C ASP G 141 -17.59 -58.04 -19.87
N TRP G 142 -18.68 -58.42 -19.20
CA TRP G 142 -19.48 -57.52 -18.38
C TRP G 142 -20.05 -56.35 -19.18
N ARG G 143 -20.32 -56.58 -20.46
CA ARG G 143 -20.99 -55.56 -21.25
C ARG G 143 -22.41 -55.37 -20.75
N GLY G 144 -22.84 -54.12 -20.67
CA GLY G 144 -24.18 -53.84 -20.20
C GLY G 144 -24.59 -52.43 -20.58
N HIS G 145 -25.71 -52.01 -20.01
CA HIS G 145 -26.23 -50.66 -20.24
C HIS G 145 -25.84 -49.77 -19.07
N LEU G 146 -24.76 -49.00 -19.26
CA LEU G 146 -24.32 -48.00 -18.30
C LEU G 146 -25.27 -46.81 -18.30
N ILE G 147 -25.29 -46.07 -17.19
CA ILE G 147 -26.03 -44.82 -17.09
C ILE G 147 -25.07 -43.67 -17.34
N SER G 148 -25.38 -42.84 -18.34
CA SER G 148 -24.54 -41.69 -18.65
C SER G 148 -24.65 -40.65 -17.54
N GLN G 149 -23.49 -40.20 -17.03
CA GLN G 149 -23.50 -39.21 -15.97
C GLN G 149 -23.81 -37.82 -16.49
N GLU G 150 -23.74 -37.60 -17.80
CA GLU G 150 -24.01 -36.28 -18.35
C GLU G 150 -25.51 -36.05 -18.54
N ASP G 151 -26.23 -37.04 -19.09
CA ASP G 151 -27.64 -36.88 -19.37
C ASP G 151 -28.52 -38.03 -18.89
N GLY G 152 -27.95 -39.14 -18.43
CA GLY G 152 -28.78 -40.23 -17.95
C GLY G 152 -29.17 -41.26 -18.99
N SER G 153 -28.77 -41.08 -20.25
CA SER G 153 -29.10 -42.05 -21.28
C SER G 153 -28.32 -43.34 -21.08
N PHE G 154 -28.89 -44.45 -21.53
CA PHE G 154 -28.26 -45.75 -21.40
C PHE G 154 -27.21 -45.92 -22.49
N LEU G 155 -26.01 -46.32 -22.09
CA LEU G 155 -24.90 -46.56 -23.01
C LEU G 155 -24.48 -48.02 -22.89
N GLU G 156 -24.44 -48.72 -24.02
CA GLU G 156 -24.07 -50.14 -24.04
C GLU G 156 -22.57 -50.23 -24.26
N THR G 157 -21.83 -50.58 -23.20
CA THR G 157 -20.38 -50.68 -23.26
C THR G 157 -19.90 -51.67 -22.20
N SER G 158 -18.61 -51.94 -22.23
CA SER G 158 -17.95 -52.83 -21.27
C SER G 158 -16.89 -52.02 -20.55
N ILE G 159 -17.10 -51.81 -19.25
CA ILE G 159 -16.15 -51.09 -18.40
C ILE G 159 -14.87 -51.91 -18.21
N PRO G 160 -14.93 -53.22 -17.95
CA PRO G 160 -13.66 -53.98 -17.85
C PRO G 160 -12.83 -53.93 -19.11
N LEU G 161 -13.45 -53.85 -20.28
CA LEU G 161 -12.68 -53.73 -21.52
C LEU G 161 -12.05 -52.33 -21.64
N HIS G 162 -12.80 -51.29 -21.26
CA HIS G 162 -12.23 -49.95 -21.19
C HIS G 162 -10.95 -49.95 -20.36
N LEU G 163 -10.98 -50.64 -19.21
CA LEU G 163 -9.80 -50.66 -18.34
C LEU G 163 -8.64 -51.35 -19.03
N ASP G 164 -8.90 -52.43 -19.78
CA ASP G 164 -7.84 -53.11 -20.51
C ASP G 164 -7.22 -52.19 -21.55
N PHE G 165 -8.06 -51.46 -22.28
CA PHE G 165 -7.60 -50.47 -23.25
C PHE G 165 -6.59 -49.52 -22.63
N ILE G 166 -6.96 -48.88 -21.52
CA ILE G 166 -6.07 -47.95 -20.83
C ILE G 166 -4.78 -48.63 -20.43
N LYS G 167 -4.88 -49.81 -19.81
CA LYS G 167 -3.69 -50.49 -19.31
C LYS G 167 -2.77 -50.90 -20.44
N ALA G 168 -3.32 -51.16 -21.63
CA ALA G 168 -2.47 -51.45 -22.79
C ALA G 168 -1.60 -50.25 -23.15
N ARG G 169 -2.15 -49.04 -23.01
CA ARG G 169 -1.37 -47.84 -23.32
C ARG G 169 -0.36 -47.55 -22.21
N LYS G 170 -0.75 -47.79 -20.95
CA LYS G 170 0.21 -47.66 -19.85
C LYS G 170 1.35 -48.66 -19.99
N ARG G 171 1.08 -49.83 -20.58
CA ARG G 171 2.15 -50.76 -20.88
C ARG G 171 2.98 -50.30 -22.08
N ALA G 172 2.40 -49.47 -22.94
CA ALA G 172 3.15 -48.92 -24.08
C ALA G 172 4.08 -47.79 -23.64
N ALA G 173 3.68 -47.02 -22.64
CA ALA G 173 4.50 -45.96 -22.06
C ALA G 173 4.46 -46.09 -20.55
N PRO G 174 5.45 -46.78 -19.95
CA PRO G 174 5.34 -47.25 -18.56
C PRO G 174 4.73 -46.27 -17.57
N LYS G 175 5.31 -45.09 -17.41
CA LYS G 175 4.81 -44.08 -16.50
C LYS G 175 4.33 -42.80 -17.19
N HIS G 176 4.71 -42.58 -18.45
CA HIS G 176 4.53 -41.27 -19.04
C HIS G 176 3.10 -41.05 -19.53
N PHE G 177 2.49 -42.06 -20.17
CA PHE G 177 1.14 -41.89 -20.68
C PHE G 177 0.17 -41.51 -19.57
N ALA G 178 0.26 -42.18 -18.42
CA ALA G 178 -0.61 -41.82 -17.30
C ALA G 178 -0.32 -40.42 -16.80
N GLN G 179 0.95 -40.00 -16.84
CA GLN G 179 1.31 -38.68 -16.34
C GLN G 179 0.80 -37.59 -17.28
N VAL G 180 0.87 -37.81 -18.58
CA VAL G 180 0.38 -36.82 -19.54
C VAL G 180 -1.15 -36.72 -19.45
N VAL G 181 -1.82 -37.82 -19.12
CA VAL G 181 -3.27 -37.78 -18.96
C VAL G 181 -3.65 -36.91 -17.78
N ARG G 182 -2.94 -37.05 -16.66
CA ARG G 182 -3.19 -36.19 -15.51
C ARG G 182 -2.90 -34.73 -15.83
N LEU G 183 -1.75 -34.46 -16.47
CA LEU G 183 -1.41 -33.09 -16.82
C LEU G 183 -2.48 -32.46 -17.72
N ALA G 184 -3.00 -33.23 -18.67
CA ALA G 184 -4.05 -32.71 -19.54
C ALA G 184 -5.36 -32.52 -18.79
N LYS G 185 -5.68 -33.45 -17.88
CA LYS G 185 -6.91 -33.32 -17.10
C LYS G 185 -6.81 -32.17 -16.11
N TYR G 186 -5.62 -31.93 -15.55
CA TYR G 186 -5.43 -30.79 -14.66
C TYR G 186 -5.60 -29.47 -15.41
N TRP G 187 -4.98 -29.36 -16.59
CA TRP G 187 -5.17 -28.19 -17.44
C TRP G 187 -6.64 -27.98 -17.78
N ALA G 188 -7.33 -29.06 -18.14
CA ALA G 188 -8.74 -28.96 -18.53
C ALA G 188 -9.61 -28.46 -17.38
N ARG G 189 -9.29 -28.88 -16.15
CA ARG G 189 -10.08 -28.48 -14.99
C ARG G 189 -9.91 -26.99 -14.70
N LEU G 190 -8.68 -26.49 -14.83
CA LEU G 190 -8.46 -25.05 -14.73
C LEU G 190 -9.20 -24.33 -15.85
N LYS G 192 -11.85 -25.15 -17.42
CA LYS G 192 -13.29 -25.19 -17.26
C LYS G 192 -13.80 -23.98 -16.49
N GLN G 193 -13.02 -23.49 -15.53
CA GLN G 193 -13.44 -22.34 -14.74
C GLN G 193 -13.11 -21.01 -15.42
N GLU G 194 -12.07 -20.98 -16.24
CA GLU G 194 -11.69 -19.73 -16.90
C GLU G 194 -12.45 -19.48 -18.20
N ARG G 195 -12.77 -20.52 -18.96
CA ARG G 195 -13.36 -20.36 -20.27
C ARG G 195 -14.82 -20.81 -20.25
N PRO G 196 -15.78 -19.91 -20.47
CA PRO G 196 -17.15 -20.36 -20.67
C PRO G 196 -17.28 -21.08 -22.01
N ASN G 197 -18.18 -22.05 -22.04
CA ASN G 197 -18.40 -23.02 -23.11
C ASN G 197 -17.23 -23.99 -23.28
N PHE G 198 -16.33 -24.07 -22.31
CA PHE G 198 -15.27 -25.08 -22.32
C PHE G 198 -15.77 -26.32 -21.60
N ARG G 199 -15.82 -27.44 -22.32
CA ARG G 199 -16.19 -28.74 -21.77
C ARG G 199 -15.21 -29.77 -22.31
N PHE G 200 -14.72 -30.64 -21.44
CA PHE G 200 -13.78 -31.67 -21.88
C PHE G 200 -13.87 -32.84 -20.92
N LYS G 201 -14.29 -33.99 -21.45
CA LYS G 201 -14.49 -35.19 -20.63
C LYS G 201 -13.15 -35.87 -20.36
N SER G 202 -13.02 -36.44 -19.16
CA SER G 202 -11.77 -37.08 -18.78
C SER G 202 -11.52 -38.35 -19.59
N PHE G 203 -12.51 -39.24 -19.65
CA PHE G 203 -12.39 -40.43 -20.49
C PHE G 203 -12.02 -40.07 -21.91
N ILE G 205 -10.37 -37.25 -22.99
CA ILE G 205 -8.97 -36.87 -23.01
C ILE G 205 -8.08 -38.11 -23.08
N GLU G 206 -8.45 -39.16 -22.36
CA GLU G 206 -7.65 -40.38 -22.39
C GLU G 206 -7.74 -41.05 -23.75
N LEU G 207 -8.89 -40.95 -24.42
CA LEU G 207 -9.03 -41.53 -25.74
C LEU G 207 -8.22 -40.76 -26.78
N ILE G 208 -8.18 -39.43 -26.65
CA ILE G 208 -7.42 -38.61 -27.59
C ILE G 208 -5.93 -38.81 -27.39
N LEU G 209 -5.47 -38.84 -26.14
CA LEU G 209 -4.04 -39.06 -25.88
C LEU G 209 -3.61 -40.46 -26.29
N ALA G 210 -4.51 -41.45 -26.13
CA ALA G 210 -4.17 -42.81 -26.53
C ALA G 210 -3.94 -42.91 -28.02
N LYS G 211 -4.72 -42.16 -28.81
CA LYS G 211 -4.53 -42.15 -30.26
C LYS G 211 -3.16 -41.58 -30.62
N LEU G 212 -2.74 -40.51 -29.95
CA LEU G 212 -1.43 -39.93 -30.22
C LEU G 212 -0.31 -40.88 -29.81
N LEU G 213 -0.50 -41.64 -28.72
CA LEU G 213 0.49 -42.64 -28.34
C LEU G 213 0.55 -43.75 -29.38
N ASP G 214 -0.60 -44.15 -29.92
CA ASP G 214 -0.62 -45.14 -30.99
C ASP G 214 0.03 -44.60 -32.25
N ASN G 215 -0.01 -43.28 -32.45
CA ASN G 215 0.56 -42.67 -33.65
C ASN G 215 2.06 -42.44 -33.56
N GLY G 216 2.71 -42.84 -32.46
CA GLY G 216 4.15 -42.69 -32.36
C GLY G 216 4.62 -41.44 -31.67
N VAL G 217 3.72 -40.59 -31.18
CA VAL G 217 4.13 -39.42 -30.41
C VAL G 217 4.90 -39.87 -29.19
N ASP G 218 6.02 -39.20 -28.92
CA ASP G 218 6.88 -39.55 -27.80
C ASP G 218 6.37 -38.88 -26.53
N PHE G 219 6.14 -39.68 -25.49
CA PHE G 219 5.65 -39.19 -24.22
C PHE G 219 6.76 -39.06 -23.18
N SER G 220 8.02 -39.30 -23.56
CA SER G 220 9.13 -39.20 -22.62
C SER G 220 9.41 -37.76 -22.22
N ASN G 221 9.03 -36.78 -23.02
CA ASN G 221 9.18 -35.36 -22.70
C ASN G 221 7.80 -34.75 -22.53
N TYR G 222 7.52 -34.25 -21.33
CA TYR G 222 6.19 -33.72 -21.05
C TYR G 222 5.89 -32.44 -21.82
N PRO G 223 6.79 -31.44 -21.88
CA PRO G 223 6.47 -30.27 -22.73
C PRO G 223 6.19 -30.64 -24.18
N GLU G 224 7.00 -31.52 -24.76
CA GLU G 224 6.83 -31.91 -26.15
C GLU G 224 5.53 -32.66 -26.36
N ALA G 225 5.22 -33.61 -25.49
CA ALA G 225 3.99 -34.38 -25.64
C ALA G 225 2.76 -33.51 -25.41
N LEU G 226 2.80 -32.63 -24.42
CA LEU G 226 1.70 -31.70 -24.20
C LEU G 226 1.46 -30.85 -25.44
N GLN G 227 2.54 -30.33 -26.04
CA GLN G 227 2.41 -29.51 -27.23
C GLN G 227 1.83 -30.30 -28.41
N ALA G 228 2.13 -31.61 -28.48
CA ALA G 228 1.54 -32.44 -29.52
C ALA G 228 0.04 -32.62 -29.29
N PHE G 229 -0.36 -32.85 -28.05
CA PHE G 229 -1.78 -32.93 -27.72
C PHE G 229 -2.49 -31.63 -28.04
N PHE G 230 -1.85 -30.50 -27.76
CA PHE G 230 -2.45 -29.21 -28.08
C PHE G 230 -2.43 -28.97 -29.58
N SER G 231 -1.33 -29.30 -30.26
CA SER G 231 -1.24 -29.05 -31.69
C SER G 231 -2.19 -29.94 -32.48
N TYR G 232 -2.49 -31.14 -31.98
CA TYR G 232 -3.51 -31.98 -32.59
C TYR G 232 -4.88 -31.30 -32.53
N LEU G 233 -5.26 -30.81 -31.35
CA LEU G 233 -6.58 -30.21 -31.20
C LEU G 233 -6.77 -29.01 -32.11
N VAL G 234 -5.73 -28.17 -32.24
CA VAL G 234 -5.86 -26.97 -33.05
C VAL G 234 -5.82 -27.30 -34.53
N SER G 235 -4.91 -28.20 -34.93
CA SER G 235 -4.80 -28.57 -36.34
C SER G 235 -6.05 -29.31 -36.82
N THR G 236 -6.48 -30.31 -36.05
CA THR G 236 -7.64 -31.11 -36.43
C THR G 236 -8.93 -30.33 -36.27
N GLU G 237 -9.04 -29.49 -35.25
CA GLU G 237 -10.27 -28.76 -34.95
C GLU G 237 -11.40 -29.73 -34.55
N LEU G 238 -11.02 -30.93 -34.12
CA LEU G 238 -11.95 -31.94 -33.62
C LEU G 238 -13.00 -32.33 -34.66
N ARG G 239 -12.66 -32.17 -35.94
CA ARG G 239 -13.52 -32.62 -37.03
C ARG G 239 -13.08 -33.93 -37.65
N GLU G 240 -11.96 -34.49 -37.18
CA GLU G 240 -11.47 -35.78 -37.65
C GLU G 240 -11.90 -36.87 -36.66
N ARG G 241 -12.54 -37.91 -37.19
CA ARG G 241 -13.05 -38.99 -36.36
C ARG G 241 -11.91 -39.85 -35.81
N ILE G 242 -12.01 -40.20 -34.53
CA ILE G 242 -11.04 -41.05 -33.84
C ILE G 242 -11.68 -42.40 -33.61
N VAL G 243 -11.03 -43.45 -34.11
CA VAL G 243 -11.56 -44.82 -34.02
C VAL G 243 -10.39 -45.75 -33.75
N PHE G 244 -10.64 -46.77 -32.93
CA PHE G 244 -9.64 -47.76 -32.54
C PHE G 244 -10.10 -49.15 -32.97
N GLU G 245 -9.15 -49.95 -33.45
CA GLU G 245 -9.42 -51.30 -33.92
C GLU G 245 -9.02 -52.36 -32.89
N ASP G 246 -9.04 -52.00 -31.60
CA ASP G 246 -8.73 -52.96 -30.56
C ASP G 246 -9.75 -54.09 -30.49
N ASN G 247 -11.02 -53.81 -30.79
CA ASN G 247 -12.07 -54.80 -30.62
C ASN G 247 -13.01 -54.91 -31.81
N TYR G 248 -12.81 -54.17 -32.89
CA TYR G 248 -13.69 -54.22 -34.04
C TYR G 248 -13.01 -53.53 -35.21
N PRO G 249 -13.35 -53.89 -36.45
CA PRO G 249 -12.75 -53.22 -37.60
C PRO G 249 -13.23 -51.78 -37.74
N ALA G 250 -12.41 -50.98 -38.42
CA ALA G 250 -12.75 -49.58 -38.60
C ALA G 250 -13.99 -49.40 -39.47
N SER G 251 -14.23 -50.33 -40.41
CA SER G 251 -15.36 -50.19 -41.32
C SER G 251 -16.69 -50.20 -40.57
N LYS G 252 -16.74 -50.82 -39.40
CA LYS G 252 -18.02 -51.14 -38.78
C LYS G 252 -18.77 -49.92 -38.34
N ILE G 253 -18.11 -48.77 -38.22
CA ILE G 253 -18.81 -47.60 -37.73
C ILE G 253 -19.71 -47.02 -38.82
N GLY G 254 -19.23 -46.98 -40.07
CA GLY G 254 -20.02 -46.40 -41.14
C GLY G 254 -20.04 -44.89 -41.09
N THR G 255 -21.25 -44.31 -41.07
CA THR G 255 -21.41 -42.87 -41.10
C THR G 255 -22.23 -42.40 -39.91
N LEU G 256 -21.83 -41.25 -39.35
CA LEU G 256 -22.53 -40.62 -38.25
C LEU G 256 -22.58 -39.12 -38.54
N SER G 257 -23.68 -38.48 -38.14
CA SER G 257 -23.84 -37.06 -38.36
C SER G 257 -23.31 -36.21 -37.21
N ASP G 258 -22.64 -36.82 -36.23
CA ASP G 258 -22.17 -36.07 -35.08
C ASP G 258 -21.04 -35.13 -35.47
N LEU G 259 -20.96 -33.99 -34.78
CA LEU G 259 -19.96 -32.99 -35.10
C LEU G 259 -18.58 -33.43 -34.66
N VAL G 260 -18.48 -33.99 -33.45
CA VAL G 260 -17.24 -34.53 -32.92
C VAL G 260 -17.44 -36.04 -32.77
N GLN G 261 -16.45 -36.81 -33.25
CA GLN G 261 -16.58 -38.26 -33.36
C GLN G 261 -15.36 -38.93 -32.73
N ILE G 262 -15.53 -39.37 -31.49
CA ILE G 262 -14.51 -40.10 -30.74
C ILE G 262 -15.20 -41.35 -30.22
N ILE G 263 -14.91 -42.48 -30.85
CA ILE G 263 -15.76 -43.67 -30.72
C ILE G 263 -15.26 -44.55 -29.59
N ASP G 264 -16.20 -45.03 -28.79
CA ASP G 264 -15.94 -46.04 -27.78
C ASP G 264 -15.23 -47.22 -28.40
N PRO G 265 -14.03 -47.59 -27.93
CA PRO G 265 -13.36 -48.79 -28.47
C PRO G 265 -14.07 -50.09 -28.14
N VAL G 266 -15.12 -50.06 -27.31
CA VAL G 266 -15.91 -51.24 -27.03
C VAL G 266 -17.11 -51.35 -27.95
N ASN G 267 -17.82 -50.24 -28.18
CA ASN G 267 -19.07 -50.26 -28.93
C ASN G 267 -18.98 -49.24 -30.05
N PRO G 268 -19.09 -49.67 -31.32
CA PRO G 268 -18.99 -48.69 -32.43
C PRO G 268 -20.18 -47.75 -32.54
N VAL G 269 -21.31 -48.07 -31.90
CA VAL G 269 -22.46 -47.19 -31.97
C VAL G 269 -22.32 -46.03 -30.98
N ASN G 270 -21.61 -46.24 -29.86
CA ASN G 270 -21.53 -45.25 -28.80
C ASN G 270 -20.43 -44.24 -29.10
N ASN G 271 -20.80 -42.96 -29.19
CA ASN G 271 -19.89 -41.87 -29.50
C ASN G 271 -19.71 -41.02 -28.25
N VAL G 272 -18.50 -40.97 -27.72
CA VAL G 272 -18.24 -40.27 -26.46
C VAL G 272 -18.49 -38.78 -26.62
N ALA G 273 -18.28 -38.25 -27.82
CA ALA G 273 -18.37 -36.82 -28.07
C ALA G 273 -19.74 -36.39 -28.56
N ARG G 274 -20.75 -37.27 -28.47
CA ARG G 274 -22.07 -36.98 -29.03
C ARG G 274 -22.69 -35.72 -28.44
N LEU G 275 -22.38 -35.41 -27.19
CA LEU G 275 -22.96 -34.24 -26.53
C LEU G 275 -22.17 -32.97 -26.77
N TYR G 276 -21.10 -33.04 -27.57
CA TYR G 276 -20.26 -31.87 -27.80
C TYR G 276 -20.79 -31.06 -28.97
N THR G 277 -20.81 -29.74 -28.77
CA THR G 277 -21.37 -28.80 -29.73
C THR G 277 -20.26 -27.94 -30.32
N GLN G 278 -20.62 -27.15 -31.33
CA GLN G 278 -19.64 -26.28 -31.95
C GLN G 278 -19.14 -25.22 -30.99
N SER G 279 -20.04 -24.69 -30.14
CA SER G 279 -19.64 -23.71 -29.14
C SER G 279 -18.65 -24.32 -28.15
N ASN G 280 -18.82 -25.61 -27.83
CA ASN G 280 -17.81 -26.28 -27.01
C ASN G 280 -16.50 -26.41 -27.76
N VAL G 281 -16.56 -26.73 -29.05
CA VAL G 281 -15.35 -27.03 -29.81
C VAL G 281 -14.48 -25.80 -29.98
N ASP G 282 -15.10 -24.64 -30.21
CA ASP G 282 -14.33 -23.40 -30.33
C ASP G 282 -13.59 -23.10 -29.04
N ALA G 283 -14.25 -23.32 -27.89
CA ALA G 283 -13.64 -22.99 -26.61
C ALA G 283 -12.45 -23.91 -26.32
N ILE G 284 -12.54 -25.18 -26.73
CA ILE G 284 -11.41 -26.08 -26.57
C ILE G 284 -10.24 -25.62 -27.42
N ILE G 285 -10.52 -25.20 -28.65
CA ILE G 285 -9.45 -24.86 -29.59
C ILE G 285 -8.74 -23.59 -29.16
N ASP G 286 -9.49 -22.58 -28.72
CA ASP G 286 -8.89 -21.35 -28.23
C ASP G 286 -7.97 -21.62 -27.04
N ALA G 287 -8.43 -22.43 -26.10
CA ALA G 287 -7.59 -22.78 -24.96
C ALA G 287 -6.39 -23.61 -25.39
N ALA G 288 -6.58 -24.50 -26.37
CA ALA G 288 -5.46 -25.28 -26.88
C ALA G 288 -4.48 -24.40 -27.66
N ASP G 290 -4.01 -21.01 -26.97
CA ASP G 290 -3.33 -20.23 -25.93
C ASP G 290 -2.33 -21.09 -25.16
N ALA G 291 -2.70 -22.34 -24.86
CA ALA G 291 -1.78 -23.21 -24.13
C ALA G 291 -0.50 -23.48 -24.92
N GLY G 292 -0.64 -23.67 -26.24
CA GLY G 292 0.52 -23.93 -27.07
C GLY G 292 1.40 -22.71 -27.27
N ASP G 293 0.77 -21.54 -27.39
CA ASP G 293 1.51 -20.28 -27.46
C ASP G 293 2.38 -20.10 -26.22
N ALA G 294 1.84 -20.42 -25.05
CA ALA G 294 2.57 -20.24 -23.80
C ALA G 294 3.77 -21.18 -23.73
N ILE G 295 3.56 -22.47 -23.98
CA ILE G 295 4.64 -23.43 -23.83
C ILE G 295 5.77 -23.13 -24.80
N ASP G 296 5.43 -22.64 -26.00
CA ASP G 296 6.47 -22.26 -26.96
C ASP G 296 7.14 -20.96 -26.54
N ALA G 297 6.38 -20.01 -26.00
CA ALA G 297 6.97 -18.77 -25.51
C ALA G 297 7.94 -19.05 -24.36
N ALA G 298 7.63 -20.05 -23.54
CA ALA G 298 8.54 -20.42 -22.46
C ALA G 298 9.84 -21.01 -23.00
N PHE G 299 9.81 -21.59 -24.19
CA PHE G 299 11.02 -22.20 -24.74
C PHE G 299 12.04 -21.14 -25.15
N TYR G 300 11.59 -19.95 -25.54
CA TYR G 300 12.49 -18.87 -25.91
C TYR G 300 12.59 -17.78 -24.86
N ALA G 301 11.98 -17.97 -23.70
CA ALA G 301 11.92 -16.91 -22.70
C ALA G 301 13.32 -16.62 -22.17
N PRO G 302 13.70 -15.34 -22.01
CA PRO G 302 15.10 -15.07 -21.63
C PRO G 302 15.37 -15.30 -20.15
N THR G 303 14.36 -15.14 -19.29
CA THR G 303 14.57 -15.24 -17.85
C THR G 303 13.60 -16.26 -17.25
N LYS G 304 13.96 -16.75 -16.06
CA LYS G 304 13.13 -17.73 -15.38
C LYS G 304 11.83 -17.11 -14.87
N GLN G 305 11.88 -15.84 -14.46
CA GLN G 305 10.68 -15.16 -14.00
C GLN G 305 9.61 -15.14 -15.09
N LEU G 306 10.02 -14.85 -16.32
CA LEU G 306 9.10 -14.85 -17.44
C LEU G 306 8.71 -16.28 -17.83
N THR G 307 9.67 -17.20 -17.78
CA THR G 307 9.40 -18.58 -18.18
C THR G 307 8.37 -19.24 -17.27
N VAL G 308 8.39 -18.92 -15.98
CA VAL G 308 7.39 -19.46 -15.06
C VAL G 308 6.03 -18.87 -15.37
N THR G 309 5.99 -17.57 -15.70
CA THR G 309 4.70 -16.90 -15.94
C THR G 309 3.98 -17.50 -17.15
N TYR G 310 4.74 -17.89 -18.18
CA TYR G 310 4.13 -18.53 -19.35
C TYR G 310 3.52 -19.88 -18.96
N TRP G 311 4.23 -20.65 -18.14
CA TRP G 311 3.71 -21.93 -17.71
C TRP G 311 2.52 -21.77 -16.79
N GLN G 312 2.42 -20.63 -16.09
CA GLN G 312 1.25 -20.38 -15.25
C GLN G 312 -0.01 -20.15 -16.07
N LYS G 313 0.13 -19.80 -17.35
CA LYS G 313 -1.03 -19.74 -18.22
C LYS G 313 -1.60 -21.13 -18.50
N VAL G 314 -0.77 -22.16 -18.41
CA VAL G 314 -1.22 -23.52 -18.69
C VAL G 314 -1.70 -24.22 -17.42
N PHE G 315 -0.98 -24.06 -16.31
CA PHE G 315 -1.22 -24.83 -15.10
C PHE G 315 -1.73 -23.99 -13.92
N GLY G 316 -1.89 -22.68 -14.10
CA GLY G 316 -2.43 -21.87 -13.04
C GLY G 316 -1.39 -21.44 -12.02
N SER G 317 -1.89 -20.87 -10.92
CA SER G 317 -1.02 -20.21 -9.96
C SER G 317 -0.17 -21.17 -9.14
N SER G 318 -0.59 -22.44 -9.03
CA SER G 318 0.17 -23.39 -8.22
C SER G 318 1.51 -23.75 -8.83
N PHE G 319 1.74 -23.44 -10.11
CA PHE G 319 3.03 -23.70 -10.73
C PHE G 319 3.99 -22.55 -10.38
N GLN G 320 5.10 -22.87 -9.72
CA GLN G 320 6.08 -21.86 -9.34
C GLN G 320 7.46 -22.12 -9.90
N GLY G 321 7.72 -23.29 -10.49
CA GLY G 321 8.97 -23.56 -11.18
C GLY G 321 10.20 -23.71 -10.31
N ASN H 2 -3.52 6.28 12.97
CA ASN H 2 -3.90 7.35 12.04
C ASN H 2 -3.78 6.92 10.57
N ALA H 3 -3.04 7.71 9.80
CA ALA H 3 -2.86 7.46 8.38
C ALA H 3 -1.77 8.38 7.87
N SER H 4 -1.31 8.11 6.64
CA SER H 4 -0.20 8.87 6.08
C SER H 4 -0.26 8.82 4.56
N SER H 5 0.51 9.70 3.94
CA SER H 5 0.75 9.71 2.51
C SER H 5 2.25 9.51 2.28
N TYR H 6 2.62 9.24 1.03
CA TYR H 6 4.03 8.98 0.74
C TYR H 6 4.39 9.51 -0.64
N SER H 7 5.68 9.81 -0.79
CA SER H 7 6.27 10.22 -2.06
C SER H 7 7.24 9.15 -2.52
N TYR H 8 7.57 9.19 -3.82
CA TYR H 8 8.45 8.18 -4.41
C TYR H 8 9.48 8.85 -5.31
N THR H 9 10.56 8.12 -5.54
CA THR H 9 11.64 8.50 -6.44
C THR H 9 11.73 7.49 -7.57
N VAL H 10 12.24 7.94 -8.71
CA VAL H 10 12.38 7.10 -9.90
C VAL H 10 13.84 7.10 -10.32
N ALA H 11 14.30 5.95 -10.79
CA ALA H 11 15.68 5.85 -11.26
C ALA H 11 15.82 6.51 -12.64
N GLU H 12 17.07 6.69 -13.05
CA GLU H 12 17.34 7.28 -14.36
C GLU H 12 16.87 6.34 -15.47
N THR H 13 16.28 6.92 -16.51
CA THR H 13 15.73 6.12 -17.61
C THR H 13 16.86 5.44 -18.37
N GLN H 14 16.72 4.14 -18.58
CA GLN H 14 17.82 3.31 -19.06
C GLN H 14 17.95 3.41 -20.57
N THR H 15 19.19 3.37 -21.04
CA THR H 15 19.44 3.32 -22.48
C THR H 15 19.10 1.93 -23.00
N PHE H 16 18.52 1.89 -24.20
CA PHE H 16 18.20 0.62 -24.84
C PHE H 16 19.43 -0.27 -24.92
N SER H 17 19.30 -1.51 -24.45
CA SER H 17 20.43 -2.41 -24.25
C SER H 17 20.19 -3.74 -24.94
N VAL H 18 21.18 -4.63 -24.83
CA VAL H 18 21.10 -5.94 -25.47
C VAL H 18 20.00 -6.78 -24.83
N THR H 19 19.82 -6.65 -23.52
CA THR H 19 18.75 -7.39 -22.85
C THR H 19 17.39 -7.00 -23.40
N HIS H 20 17.15 -5.69 -23.55
CA HIS H 20 15.92 -5.21 -24.17
C HIS H 20 15.75 -5.81 -25.56
N ALA H 21 16.82 -5.82 -26.35
CA ALA H 21 16.76 -6.40 -27.69
C ALA H 21 16.44 -7.89 -27.63
N ARG H 22 17.04 -8.61 -26.69
CA ARG H 22 16.77 -10.04 -26.57
C ARG H 22 15.37 -10.31 -26.02
N HIS H 23 14.79 -9.36 -25.29
CA HIS H 23 13.43 -9.54 -24.80
C HIS H 23 12.42 -9.52 -25.95
N ALA H 25 13.24 -9.88 -29.37
CA ALA H 25 13.58 -10.95 -30.30
C ALA H 25 13.12 -12.31 -29.80
N ALA H 26 13.10 -12.51 -28.49
CA ALA H 26 12.65 -13.79 -27.94
C ALA H 26 11.19 -14.04 -28.28
N LYS H 27 10.36 -12.99 -28.22
CA LYS H 27 8.94 -13.15 -28.56
C LYS H 27 8.76 -13.38 -30.05
N VAL H 28 9.65 -12.81 -30.88
CA VAL H 28 9.58 -13.04 -32.32
C VAL H 28 9.84 -14.51 -32.65
N ALA H 29 10.94 -15.06 -32.10
CA ALA H 29 11.25 -16.47 -32.32
C ALA H 29 10.11 -17.37 -31.89
N THR H 30 9.36 -16.97 -30.87
CA THR H 30 8.17 -17.73 -30.47
C THR H 30 7.15 -17.79 -31.60
N ASP H 31 6.87 -16.64 -32.22
CA ASP H 31 5.92 -16.60 -33.32
C ASP H 31 6.41 -17.40 -34.53
N LEU H 32 7.73 -17.43 -34.77
CA LEU H 32 8.21 -18.23 -35.88
C LEU H 32 8.07 -19.73 -35.59
N ARG H 33 8.29 -20.13 -34.34
CA ARG H 33 8.11 -21.54 -33.98
C ARG H 33 6.64 -21.94 -34.03
N ARG H 34 5.76 -21.09 -33.51
CA ARG H 34 4.32 -21.35 -33.65
C ARG H 34 3.93 -21.53 -35.10
N GLN H 36 5.98 -22.51 -37.56
CA GLN H 36 6.54 -23.78 -38.00
C GLN H 36 5.65 -24.95 -37.59
N ARG H 37 5.06 -24.89 -36.40
CA ARG H 37 4.26 -26.02 -35.94
C ARG H 37 3.07 -26.27 -36.86
N PHE H 38 2.55 -25.22 -37.49
CA PHE H 38 1.38 -25.35 -38.33
C PHE H 38 1.70 -25.37 -39.83
N TYR H 39 2.86 -24.85 -40.21
CA TYR H 39 3.23 -24.78 -41.63
C TYR H 39 4.64 -25.30 -41.91
N GLY H 40 5.29 -25.93 -40.95
CA GLY H 40 6.53 -26.64 -41.22
C GLY H 40 7.73 -25.76 -41.46
N TYR H 41 7.55 -24.44 -41.37
CA TYR H 41 8.63 -23.49 -41.62
C TYR H 41 8.42 -22.28 -40.73
N PRO H 42 9.50 -21.64 -40.27
CA PRO H 42 10.89 -21.93 -40.58
C PRO H 42 11.54 -22.92 -39.62
N SER H 43 12.77 -23.32 -39.91
CA SER H 43 13.43 -24.37 -39.13
C SER H 43 13.81 -23.87 -37.74
N ASP H 44 13.97 -24.82 -36.82
CA ASP H 44 14.46 -24.50 -35.48
C ASP H 44 15.83 -23.84 -35.54
N ALA H 45 16.76 -24.45 -36.28
CA ALA H 45 18.08 -23.85 -36.44
C ALA H 45 18.00 -22.50 -37.11
N ASP H 46 17.07 -22.34 -38.05
CA ASP H 46 16.92 -21.05 -38.72
C ASP H 46 16.34 -20.00 -37.76
N ILE H 47 15.39 -20.41 -36.92
CA ILE H 47 14.77 -19.48 -35.97
C ILE H 47 15.81 -18.80 -35.11
N GLU H 48 16.80 -19.57 -34.64
CA GLU H 48 17.86 -18.99 -33.81
C GLU H 48 18.66 -17.95 -34.58
N ALA H 49 19.05 -18.28 -35.82
CA ALA H 49 19.79 -17.34 -36.64
C ALA H 49 18.99 -16.05 -36.86
N TYR H 50 17.68 -16.17 -37.09
CA TYR H 50 16.84 -14.98 -37.21
C TYR H 50 16.78 -14.21 -35.90
N GLU H 51 16.63 -14.91 -34.77
CA GLU H 51 16.59 -14.25 -33.48
C GLU H 51 17.89 -13.53 -33.17
N GLU H 52 19.02 -14.18 -33.47
CA GLU H 52 20.32 -13.60 -33.21
C GLU H 52 20.57 -12.40 -34.12
N GLU H 53 20.15 -12.48 -35.38
CA GLU H 53 20.24 -11.33 -36.26
C GLU H 53 19.39 -10.17 -35.75
N LEU H 54 18.18 -10.46 -35.28
CA LEU H 54 17.28 -9.41 -34.81
C LEU H 54 17.85 -8.71 -33.57
N VAL H 55 18.57 -9.43 -32.73
CA VAL H 55 19.19 -8.81 -31.56
C VAL H 55 20.25 -7.81 -32.01
N VAL H 56 21.13 -8.23 -32.93
CA VAL H 56 22.18 -7.34 -33.42
C VAL H 56 21.58 -6.07 -34.01
N PHE H 57 20.52 -6.24 -34.81
CA PHE H 57 19.95 -5.11 -35.52
C PHE H 57 19.13 -4.21 -34.60
N LEU H 58 18.38 -4.80 -33.67
CA LEU H 58 17.64 -3.99 -32.71
C LEU H 58 18.58 -3.23 -31.79
N LYS H 59 19.66 -3.89 -31.34
CA LYS H 59 20.63 -3.24 -30.48
C LYS H 59 21.31 -2.07 -31.20
N ALA H 60 21.61 -2.23 -32.49
CA ALA H 60 22.28 -1.19 -33.27
C ALA H 60 21.34 -0.09 -33.72
N GLY H 61 20.02 -0.30 -33.68
CA GLY H 61 19.11 0.70 -34.17
C GLY H 61 19.01 0.78 -35.67
N TYR H 62 19.63 -0.17 -36.38
CA TYR H 62 19.66 -0.13 -37.84
C TYR H 62 18.32 -0.54 -38.45
N LEU H 63 17.54 -1.33 -37.71
CA LEU H 63 16.35 -1.96 -38.26
C LEU H 63 15.19 -0.98 -38.36
N GLY H 64 14.34 -1.20 -39.36
CA GLY H 64 13.09 -0.48 -39.48
C GLY H 64 11.89 -1.40 -39.51
N GLU H 65 11.87 -2.32 -40.48
CA GLU H 65 10.80 -3.30 -40.65
C GLU H 65 11.39 -4.62 -41.10
N VAL H 66 10.87 -5.72 -40.54
CA VAL H 66 11.22 -7.07 -40.94
C VAL H 66 9.95 -7.88 -41.13
N SER H 67 9.95 -8.76 -42.12
CA SER H 67 8.80 -9.62 -42.40
C SER H 67 9.27 -11.06 -42.55
N TYR H 68 8.51 -11.98 -41.96
CA TYR H 68 8.73 -13.42 -42.11
C TYR H 68 7.42 -14.07 -42.52
N GLY H 69 7.50 -15.06 -43.40
CA GLY H 69 6.33 -15.84 -43.75
C GLY H 69 6.44 -16.40 -45.16
N PHE H 70 5.28 -16.79 -45.69
CA PHE H 70 5.18 -17.45 -46.98
C PHE H 70 4.75 -16.46 -48.06
N GLN H 71 5.27 -16.65 -49.27
CA GLN H 71 4.96 -15.77 -50.38
C GLN H 71 4.74 -16.55 -51.67
N LYS H 72 3.76 -16.11 -52.46
CA LYS H 72 3.60 -16.52 -53.85
C LYS H 72 4.02 -15.36 -54.76
N ASN H 73 4.96 -15.64 -55.65
CA ASN H 73 5.56 -14.64 -56.54
C ASN H 73 6.17 -13.53 -55.69
N ASN H 74 5.72 -12.28 -55.86
CA ASN H 74 6.21 -11.13 -55.10
C ASN H 74 5.18 -10.63 -54.10
N ASN H 75 4.34 -11.53 -53.57
CA ASN H 75 3.24 -11.14 -52.69
C ASN H 75 3.22 -12.06 -51.49
N TRP H 76 3.31 -11.48 -50.30
CA TRP H 76 3.16 -12.26 -49.07
C TRP H 76 1.77 -12.87 -49.01
N ILE H 77 1.69 -14.10 -48.50
CA ILE H 77 0.43 -14.75 -48.23
C ILE H 77 0.40 -15.17 -46.76
N GLU H 78 -0.80 -15.26 -46.22
CA GLU H 78 -0.98 -15.75 -44.86
C GLU H 78 -0.46 -17.18 -44.77
N PRO H 79 0.36 -17.52 -43.75
CA PRO H 79 0.76 -16.64 -42.65
C PRO H 79 2.01 -15.80 -42.94
N THR H 80 1.98 -14.53 -42.54
CA THR H 80 3.11 -13.63 -42.73
C THR H 80 3.06 -12.56 -41.65
N LEU H 81 4.16 -12.41 -40.92
CA LEU H 81 4.23 -11.52 -39.76
C LEU H 81 5.28 -10.45 -40.02
N ARG H 82 4.87 -9.20 -39.96
CA ARG H 82 5.76 -8.06 -40.16
C ARG H 82 5.84 -7.26 -38.86
N TYR H 83 7.06 -6.94 -38.44
CA TYR H 83 7.30 -6.19 -37.22
C TYR H 83 7.94 -4.85 -37.56
N THR H 84 7.39 -3.76 -36.99
CA THR H 84 7.83 -2.41 -37.29
C THR H 84 8.40 -1.77 -36.03
N ALA H 85 9.62 -1.25 -36.13
CA ALA H 85 10.23 -0.54 -35.03
C ALA H 85 9.53 0.79 -34.79
N GLY H 86 9.35 1.14 -33.51
CA GLY H 86 8.73 2.38 -33.13
C GLY H 86 9.39 2.94 -31.90
N ASP H 87 9.13 4.23 -31.65
CA ASP H 87 9.76 4.89 -30.51
C ASP H 87 9.08 4.53 -29.18
N LEU H 88 7.76 4.39 -29.18
CA LEU H 88 7.02 4.13 -27.95
C LEU H 88 7.19 2.69 -27.48
N GLY H 92 3.77 2.42 -22.38
CA GLY H 92 4.31 1.26 -23.04
C GLY H 92 3.46 0.02 -22.88
N THR H 93 3.24 -0.70 -23.98
CA THR H 93 2.41 -1.90 -24.00
C THR H 93 3.24 -3.06 -24.54
N ASP H 94 3.33 -4.13 -23.75
CA ASP H 94 4.07 -5.33 -24.13
C ASP H 94 3.13 -6.52 -24.04
N ASP H 95 3.12 -7.34 -25.09
CA ASP H 95 2.17 -8.45 -25.20
C ASP H 95 2.89 -9.78 -25.34
N ASP H 96 2.15 -10.84 -25.08
CA ASP H 96 2.67 -12.20 -25.19
C ASP H 96 2.58 -12.68 -26.63
N PRO H 97 3.59 -13.40 -27.11
CA PRO H 97 3.58 -13.83 -28.51
C PRO H 97 2.51 -14.88 -28.79
N GLY H 98 2.17 -15.01 -30.07
CA GLY H 98 1.21 -16.00 -30.53
C GLY H 98 0.16 -15.46 -31.48
N LYS H 99 -1.05 -16.00 -31.40
CA LYS H 99 -2.19 -15.61 -32.26
C LYS H 99 -1.85 -15.78 -33.73
N ILE H 100 -1.46 -17.00 -34.11
CA ILE H 100 -1.13 -17.35 -35.47
C ILE H 100 -2.24 -18.23 -36.02
N ARG H 101 -2.83 -17.80 -37.13
CA ARG H 101 -3.94 -18.54 -37.71
C ARG H 101 -3.42 -19.81 -38.39
N PRO H 102 -3.99 -20.98 -38.11
CA PRO H 102 -3.56 -22.20 -38.79
C PRO H 102 -4.46 -22.57 -39.94
N GLY H 103 -4.16 -23.67 -40.61
CA GLY H 103 -5.04 -24.22 -41.63
C GLY H 103 -5.12 -23.43 -42.92
N LYS H 104 -4.31 -22.38 -43.05
CA LYS H 104 -4.33 -21.59 -44.27
C LYS H 104 -3.63 -22.33 -45.41
N ASP H 105 -4.05 -22.04 -46.63
CA ASP H 105 -3.56 -22.71 -47.83
C ASP H 105 -2.13 -22.26 -48.08
N VAL H 106 -1.17 -23.14 -47.77
CA VAL H 106 0.23 -22.81 -48.06
C VAL H 106 0.49 -22.88 -49.55
N SER H 107 -0.13 -23.85 -50.22
CA SER H 107 -0.09 -24.01 -51.69
C SER H 107 1.37 -24.13 -52.13
N GLY H 108 1.76 -23.51 -53.25
CA GLY H 108 3.14 -23.60 -53.71
C GLY H 108 4.01 -22.45 -53.22
N ALA H 109 3.58 -21.79 -52.15
CA ALA H 109 4.36 -20.70 -51.58
C ALA H 109 5.55 -21.24 -50.80
N SER H 110 6.52 -20.37 -50.59
CA SER H 110 7.74 -20.69 -49.86
C SER H 110 7.98 -19.63 -48.78
N PHE H 111 8.84 -19.97 -47.83
CA PHE H 111 9.17 -19.06 -46.74
C PHE H 111 10.26 -18.09 -47.16
N TYR H 112 10.12 -16.83 -46.74
CA TYR H 112 11.04 -15.77 -47.14
C TYR H 112 11.03 -14.70 -46.07
N SER H 113 12.15 -14.01 -45.92
CA SER H 113 12.30 -12.93 -44.96
C SER H 113 12.77 -11.68 -45.70
N PHE H 114 12.15 -10.54 -45.39
CA PHE H 114 12.56 -9.26 -45.95
C PHE H 114 12.71 -8.24 -44.83
N THR H 116 13.76 -4.06 -43.80
CA THR H 116 13.90 -2.66 -44.17
C THR H 116 14.71 -1.94 -43.11
N TYR H 117 15.75 -1.22 -43.53
CA TYR H 117 16.68 -0.57 -42.61
C TYR H 117 16.19 0.82 -42.23
N SER H 118 16.57 1.24 -41.03
CA SER H 118 16.11 2.50 -40.48
C SER H 118 16.92 3.66 -41.07
N SER H 119 16.44 4.88 -40.79
CA SER H 119 17.17 6.08 -41.19
C SER H 119 18.58 6.08 -40.63
N LYS H 120 18.74 5.63 -39.39
CA LYS H 120 20.06 5.61 -38.75
C LYS H 120 21.03 4.71 -39.51
N TYR H 121 20.55 3.56 -39.99
CA TYR H 121 21.42 2.68 -40.77
C TYR H 121 21.93 3.38 -42.02
N LEU H 122 21.07 4.19 -42.66
CA LEU H 122 21.44 4.80 -43.93
C LEU H 122 22.48 5.90 -43.75
N ASN H 123 22.46 6.59 -42.61
CA ASN H 123 23.40 7.69 -42.37
C ASN H 123 24.76 7.18 -41.89
N ALA H 124 24.79 6.04 -41.21
CA ALA H 124 26.01 5.60 -40.55
C ALA H 124 27.08 5.21 -41.56
N THR H 125 28.32 5.58 -41.25
CA THR H 125 29.44 5.18 -42.11
C THR H 125 29.58 3.67 -42.12
N GLN H 126 30.12 3.15 -43.22
CA GLN H 126 30.14 1.70 -43.37
C GLN H 126 31.16 1.05 -42.44
N SER H 127 32.25 1.76 -42.11
CA SER H 127 33.14 1.26 -41.07
C SER H 127 32.40 1.14 -39.75
N GLU H 128 31.48 2.06 -39.48
CA GLU H 128 30.70 2.03 -38.25
C GLU H 128 29.71 0.86 -38.25
N LYS H 129 29.07 0.59 -39.38
CA LYS H 129 28.18 -0.56 -39.46
C LYS H 129 28.91 -1.85 -39.10
N ASP H 130 30.14 -2.03 -39.59
CA ASP H 130 30.85 -3.29 -39.37
C ASP H 130 31.13 -3.52 -37.89
N THR H 131 31.46 -2.45 -37.15
CA THR H 131 31.67 -2.60 -35.72
C THR H 131 30.39 -2.96 -35.00
N ALA H 132 29.26 -2.36 -35.41
CA ALA H 132 27.97 -2.71 -34.83
C ALA H 132 27.46 -4.05 -35.34
N LEU H 133 27.66 -4.35 -36.62
CA LEU H 133 27.29 -5.63 -37.19
C LEU H 133 28.41 -6.66 -37.10
N LYS H 134 29.31 -6.50 -36.13
CA LYS H 134 30.44 -7.40 -36.01
C LYS H 134 29.98 -8.84 -35.73
N ASP H 135 28.94 -8.98 -34.92
CA ASP H 135 28.52 -10.28 -34.40
C ASP H 135 27.37 -10.90 -35.19
N LEU H 136 27.13 -10.46 -36.43
CA LEU H 136 25.99 -10.96 -37.17
C LEU H 136 26.20 -12.43 -37.55
N PRO H 137 25.11 -13.22 -37.57
CA PRO H 137 25.25 -14.64 -37.89
C PRO H 137 25.46 -14.92 -39.37
N PHE H 138 24.78 -14.18 -40.24
CA PHE H 138 24.87 -14.42 -41.67
C PHE H 138 24.71 -13.11 -42.43
N LYS H 139 25.29 -13.06 -43.62
CA LYS H 139 25.12 -11.93 -44.52
C LYS H 139 23.82 -12.09 -45.31
N ARG H 140 23.22 -10.96 -45.67
CA ARG H 140 21.88 -10.94 -46.25
C ARG H 140 21.88 -10.23 -47.60
N VAL H 141 21.30 -10.90 -48.60
CA VAL H 141 21.10 -10.33 -49.94
C VAL H 141 19.97 -9.31 -49.84
N GLY H 142 19.81 -8.47 -50.87
CA GLY H 142 18.99 -7.28 -50.73
C GLY H 142 18.14 -6.98 -51.95
N ALA H 143 17.14 -6.11 -51.71
CA ALA H 143 16.40 -5.35 -52.72
C ALA H 143 15.40 -6.18 -53.53
N GLN H 144 14.71 -7.13 -52.90
CA GLN H 144 13.63 -7.89 -53.54
C GLN H 144 12.40 -7.82 -52.64
N SER H 145 11.68 -6.69 -52.70
CA SER H 145 10.62 -6.44 -51.72
C SER H 145 9.30 -7.04 -52.20
N PRO H 146 8.66 -7.90 -51.41
CA PRO H 146 7.38 -8.48 -51.83
C PRO H 146 6.20 -7.58 -51.49
N GLY H 147 5.06 -7.90 -52.10
CA GLY H 147 3.79 -7.26 -51.81
C GLY H 147 2.93 -8.09 -50.88
N ILE H 148 1.68 -7.66 -50.72
CA ILE H 148 0.74 -8.29 -49.82
C ILE H 148 -0.57 -8.54 -50.58
N ASN H 149 -0.94 -9.82 -50.73
CA ASN H 149 -2.18 -10.14 -51.43
C ASN H 149 -3.39 -9.70 -50.62
N GLY H 150 -3.42 -10.02 -49.33
CA GLY H 150 -4.54 -9.71 -48.48
C GLY H 150 -4.35 -8.41 -47.70
N TYR H 151 -5.29 -8.16 -46.80
CA TYR H 151 -5.20 -6.99 -45.95
C TYR H 151 -4.26 -7.25 -44.77
N LEU H 152 -4.00 -6.21 -44.00
CA LEU H 152 -3.05 -6.25 -42.90
C LEU H 152 -3.76 -5.98 -41.58
N GLU H 153 -3.51 -6.84 -40.60
CA GLU H 153 -4.09 -6.76 -39.27
C GLU H 153 -2.98 -6.52 -38.27
N ASN H 154 -3.07 -5.42 -37.53
CA ASN H 154 -2.18 -5.16 -36.41
C ASN H 154 -2.75 -5.87 -35.19
N ASP H 155 -2.09 -6.95 -34.77
CA ASP H 155 -2.59 -7.74 -33.64
C ASP H 155 -1.74 -7.62 -32.39
N LYS H 156 -0.43 -7.44 -32.50
CA LYS H 156 0.40 -7.45 -31.31
C LYS H 156 1.52 -6.41 -31.39
N THR H 157 1.92 -5.93 -30.21
CA THR H 157 3.05 -5.02 -30.06
C THR H 157 3.91 -5.51 -28.91
N TYR H 158 5.21 -5.68 -29.16
CA TYR H 158 6.18 -6.02 -28.12
C TYR H 158 7.02 -4.79 -27.81
N SER H 159 7.18 -4.48 -26.51
CA SER H 159 7.84 -3.26 -26.08
C SER H 159 8.97 -3.58 -25.11
N ALA H 160 10.16 -3.08 -25.41
CA ALA H 160 11.27 -3.13 -24.46
C ALA H 160 11.31 -1.82 -23.68
N GLY H 161 12.45 -1.55 -23.05
CA GLY H 161 12.62 -0.35 -22.24
C GLY H 161 12.38 0.91 -23.03
N GLY H 162 13.14 1.11 -24.10
CA GLY H 162 12.98 2.31 -24.88
C GLY H 162 12.13 2.14 -26.13
N ARG H 163 12.16 0.96 -26.74
CA ARG H 163 11.64 0.78 -28.08
C ARG H 163 10.63 -0.36 -28.14
N SER H 164 9.87 -0.38 -29.23
CA SER H 164 8.77 -1.32 -29.41
C SER H 164 8.78 -1.88 -30.82
N LEU H 165 8.25 -3.09 -30.97
CA LEU H 165 7.95 -3.68 -32.28
C LEU H 165 6.44 -3.78 -32.42
N THR H 166 5.91 -3.11 -33.44
CA THR H 166 4.49 -3.25 -33.79
C THR H 166 4.37 -4.27 -34.91
N ARG H 167 3.64 -5.36 -34.66
CA ARG H 167 3.50 -6.43 -35.62
C ARG H 167 2.14 -6.35 -36.32
N THR H 168 2.16 -6.63 -37.62
CA THR H 168 0.96 -6.79 -38.45
C THR H 168 0.97 -8.17 -39.08
N SER H 169 -0.20 -8.81 -39.11
CA SER H 169 -0.37 -10.13 -39.69
C SER H 169 -1.13 -10.01 -41.00
N VAL H 170 -0.64 -10.71 -42.01
CA VAL H 170 -1.32 -10.74 -43.31
C VAL H 170 -2.52 -11.67 -43.20
N ARG H 171 -3.67 -11.19 -43.66
CA ARG H 171 -4.93 -11.92 -43.60
C ARG H 171 -5.43 -12.15 -45.01
N ASN H 172 -5.49 -13.43 -45.40
CA ASN H 172 -6.04 -13.78 -46.70
C ASN H 172 -7.51 -13.36 -46.79
N PHE H 173 -7.91 -12.93 -47.98
CA PHE H 173 -9.29 -12.50 -48.20
C PHE H 173 -10.21 -13.71 -48.38
N VAL H 174 -11.39 -13.61 -47.81
CA VAL H 174 -12.41 -14.66 -47.94
C VAL H 174 -13.66 -14.10 -48.61
#